data_1KHD
#
_entry.id   1KHD
#
_cell.length_a   76.870
_cell.length_b   82.342
_cell.length_c   200.220
_cell.angle_alpha   90.00
_cell.angle_beta   90.00
_cell.angle_gamma   90.00
#
_symmetry.space_group_name_H-M   'P 21 21 21'
#
loop_
_entity.id
_entity.type
_entity.pdbx_description
1 polymer 'Anthranilate phosphoribosyltransferase'
2 water water
#
_entity_poly.entity_id   1
_entity_poly.type   'polypeptide(L)'
_entity_poly.pdbx_seq_one_letter_code
;MQATLIKPTIFTHQPILEKLFKSQSMTQEESHQLFAAIVRGELEDSQLAAALISMKMRGERPEEIAGAASALLADAQPFP
RPDYDFADIVGTGGDGTNSINISTASAFVAASCGAKVAKHGNRSVCQPLAGSCDLLQAFGIRLDMSAEDSRQALDDLNVC
FLFAPQYHTGFRHAMPVRQQLKTRTIFNVLGPLINPARPPKALIGVYSPELVLPIAQALKVLGYKNAAVVHGGGMDEVAI
HTPTQVAELNNGEIESYQLSPQDFGLQSYSLNALQGGTPEENRDILARLLQGKGDAAHARQVAANVALLLKLFGQDNLRH
NAQLALETIRSGTAFERVTALAARG
;
_entity_poly.pdbx_strand_id   A,B,C,D
#
# COMPACT_ATOMS: atom_id res chain seq x y z
N THR A 12 9.44 20.26 35.34
CA THR A 12 8.97 19.05 34.61
C THR A 12 7.71 19.34 33.81
N HIS A 13 7.72 18.94 32.54
CA HIS A 13 6.59 19.15 31.65
C HIS A 13 5.96 17.82 31.25
N GLN A 14 6.10 16.81 32.11
CA GLN A 14 5.54 15.50 31.84
C GLN A 14 4.05 15.60 31.53
N PRO A 15 3.31 16.37 32.33
CA PRO A 15 1.86 16.51 32.06
C PRO A 15 1.61 16.99 30.64
N ILE A 16 2.48 17.87 30.14
CA ILE A 16 2.34 18.39 28.78
C ILE A 16 2.70 17.30 27.78
N LEU A 17 3.75 16.54 28.07
CA LEU A 17 4.15 15.45 27.19
C LEU A 17 3.08 14.36 27.14
N GLU A 18 2.58 13.96 28.30
CA GLU A 18 1.54 12.92 28.35
C GLU A 18 0.32 13.37 27.54
N LYS A 19 0.03 14.66 27.59
CA LYS A 19 -1.09 15.23 26.85
C LYS A 19 -0.85 15.09 25.34
N LEU A 20 0.39 15.36 24.92
CA LEU A 20 0.76 15.25 23.51
C LEU A 20 0.65 13.80 23.06
N PHE A 21 1.08 12.89 23.93
CA PHE A 21 1.03 11.46 23.62
C PHE A 21 -0.40 10.97 23.42
N LYS A 22 -1.37 11.67 24.01
CA LYS A 22 -2.77 11.30 23.88
C LYS A 22 -3.38 11.94 22.63
N SER A 23 -2.52 12.60 21.84
CA SER A 23 -2.94 13.27 20.61
C SER A 23 -3.87 14.44 20.92
N GLN A 24 -3.51 15.21 21.93
CA GLN A 24 -4.29 16.39 22.32
C GLN A 24 -3.41 17.62 22.09
N SER A 25 -4.02 18.71 21.63
CA SER A 25 -3.29 19.94 21.35
C SER A 25 -3.01 20.77 22.59
N MET A 26 -1.86 21.43 22.61
CA MET A 26 -1.46 22.28 23.73
C MET A 26 -2.05 23.68 23.55
N THR A 27 -2.21 24.39 24.66
CA THR A 27 -2.70 25.77 24.59
C THR A 27 -1.47 26.57 24.16
N GLN A 28 -1.65 27.82 23.80
CA GLN A 28 -0.49 28.63 23.39
C GLN A 28 0.49 28.70 24.56
N GLU A 29 -0.06 28.89 25.76
CA GLU A 29 0.73 28.98 26.98
C GLU A 29 1.54 27.71 27.23
N GLU A 30 0.91 26.55 27.06
CA GLU A 30 1.58 25.28 27.26
C GLU A 30 2.68 25.09 26.21
N SER A 31 2.40 25.47 24.97
CA SER A 31 3.39 25.34 23.92
C SER A 31 4.59 26.23 24.23
N HIS A 32 4.33 27.45 24.68
CA HIS A 32 5.39 28.39 25.02
C HIS A 32 6.27 27.78 26.12
N GLN A 33 5.63 27.24 27.14
CA GLN A 33 6.34 26.62 28.25
C GLN A 33 7.25 25.49 27.77
N LEU A 34 6.69 24.58 26.97
CA LEU A 34 7.46 23.45 26.46
C LEU A 34 8.63 23.86 25.57
N PHE A 35 8.40 24.77 24.63
CA PHE A 35 9.49 25.16 23.75
C PHE A 35 10.54 26.04 24.41
N ALA A 36 10.16 26.73 25.48
CA ALA A 36 11.11 27.56 26.21
C ALA A 36 12.15 26.61 26.79
N ALA A 37 11.68 25.49 27.33
CA ALA A 37 12.57 24.48 27.90
C ALA A 37 13.45 23.85 26.82
N ILE A 38 12.86 23.60 25.65
CA ILE A 38 13.60 23.02 24.54
C ILE A 38 14.75 23.89 24.07
N VAL A 39 14.48 25.16 23.76
CA VAL A 39 15.51 26.05 23.27
C VAL A 39 16.49 26.50 24.35
N ARG A 40 16.39 25.89 25.52
CA ARG A 40 17.30 26.19 26.62
C ARG A 40 18.10 24.92 26.90
N GLY A 41 17.84 23.90 26.09
CA GLY A 41 18.53 22.62 26.21
C GLY A 41 18.21 21.79 27.45
N GLU A 42 17.00 21.91 27.96
CA GLU A 42 16.59 21.18 29.16
C GLU A 42 15.94 19.81 28.94
N LEU A 43 15.61 19.49 27.69
CA LEU A 43 14.99 18.19 27.43
C LEU A 43 15.98 17.14 26.95
N GLU A 44 15.72 15.90 27.32
CA GLU A 44 16.55 14.78 26.89
C GLU A 44 16.21 14.57 25.41
N ASP A 45 17.13 13.97 24.67
CA ASP A 45 16.90 13.71 23.25
C ASP A 45 15.58 12.95 23.07
N SER A 46 15.36 11.95 23.92
CA SER A 46 14.15 11.14 23.85
C SER A 46 12.89 11.99 24.01
N GLN A 47 12.89 12.88 24.99
CA GLN A 47 11.75 13.74 25.26
C GLN A 47 11.49 14.72 24.11
N LEU A 48 12.56 15.25 23.54
CA LEU A 48 12.44 16.19 22.43
C LEU A 48 11.89 15.48 21.21
N ALA A 49 12.45 14.32 20.89
CA ALA A 49 12.00 13.56 19.73
C ALA A 49 10.53 13.18 19.90
N ALA A 50 10.18 12.75 21.10
CA ALA A 50 8.81 12.35 21.41
C ALA A 50 7.86 13.52 21.22
N ALA A 51 8.28 14.71 21.64
CA ALA A 51 7.42 15.89 21.50
C ALA A 51 7.21 16.29 20.04
N LEU A 52 8.29 16.35 19.27
CA LEU A 52 8.21 16.73 17.86
C LEU A 52 7.40 15.73 17.03
N ILE A 53 7.61 14.44 17.27
CA ILE A 53 6.89 13.43 16.51
C ILE A 53 5.41 13.35 16.88
N SER A 54 5.09 13.50 18.16
CA SER A 54 3.69 13.44 18.58
C SER A 54 2.93 14.62 17.96
N MET A 55 3.60 15.78 17.89
CA MET A 55 2.98 16.96 17.30
C MET A 55 2.86 16.79 15.79
N LYS A 56 3.87 16.18 15.17
CA LYS A 56 3.88 15.96 13.73
C LYS A 56 2.74 15.06 13.27
N MET A 57 2.58 13.92 13.92
CA MET A 57 1.53 12.97 13.55
C MET A 57 0.12 13.49 13.75
N ARG A 58 -0.07 14.35 14.76
CA ARG A 58 -1.40 14.90 15.00
C ARG A 58 -1.68 16.06 14.07
N GLY A 59 -0.68 16.90 13.87
CA GLY A 59 -0.84 18.07 13.01
C GLY A 59 -0.89 19.29 13.91
N GLU A 60 0.17 20.08 13.89
CA GLU A 60 0.29 21.28 14.72
C GLU A 60 -0.77 22.35 14.45
N ARG A 61 -1.29 22.94 15.52
CA ARG A 61 -2.31 23.99 15.43
C ARG A 61 -1.68 25.38 15.46
N PRO A 62 -2.39 26.40 14.97
CA PRO A 62 -1.88 27.77 14.97
C PRO A 62 -1.44 28.26 16.34
N GLU A 63 -2.23 27.97 17.37
CA GLU A 63 -1.88 28.40 18.72
C GLU A 63 -0.61 27.73 19.24
N GLU A 64 -0.36 26.49 18.83
CA GLU A 64 0.85 25.79 19.25
C GLU A 64 2.06 26.37 18.52
N ILE A 65 1.86 26.67 17.24
CA ILE A 65 2.94 27.23 16.42
C ILE A 65 3.33 28.61 16.96
N ALA A 66 2.33 29.42 17.29
CA ALA A 66 2.59 30.76 17.83
C ALA A 66 3.24 30.68 19.21
N GLY A 67 2.86 29.65 19.96
CA GLY A 67 3.42 29.48 21.29
C GLY A 67 4.91 29.17 21.22
N ALA A 68 5.26 28.27 20.30
CA ALA A 68 6.65 27.88 20.12
C ALA A 68 7.46 29.06 19.59
N ALA A 69 6.89 29.80 18.64
CA ALA A 69 7.59 30.95 18.09
C ALA A 69 7.81 31.98 19.20
N SER A 70 6.80 32.18 20.04
CA SER A 70 6.88 33.14 21.14
C SER A 70 8.03 32.80 22.09
N ALA A 71 8.22 31.51 22.34
CA ALA A 71 9.30 31.06 23.24
C ALA A 71 10.66 31.41 22.64
N LEU A 72 10.82 31.24 21.33
CA LEU A 72 12.08 31.57 20.70
C LEU A 72 12.30 33.08 20.73
N LEU A 73 11.24 33.84 20.45
CA LEU A 73 11.35 35.29 20.46
C LEU A 73 11.67 35.87 21.84
N ALA A 74 11.21 35.21 22.90
CA ALA A 74 11.47 35.69 24.25
C ALA A 74 12.95 35.59 24.61
N ASP A 75 13.65 34.62 24.00
CA ASP A 75 15.07 34.41 24.23
C ASP A 75 15.96 35.02 23.15
N ALA A 76 15.36 35.70 22.18
CA ALA A 76 16.10 36.31 21.07
C ALA A 76 16.95 37.51 21.46
N GLN A 77 18.07 37.70 20.76
CA GLN A 77 18.93 38.85 21.03
C GLN A 77 18.13 40.07 20.60
N PRO A 78 18.36 41.21 21.25
CA PRO A 78 17.63 42.44 20.90
C PRO A 78 17.94 43.06 19.53
N PHE A 79 16.98 43.83 19.05
CA PHE A 79 17.11 44.54 17.79
C PHE A 79 16.28 45.82 17.96
N PRO A 80 16.88 46.99 17.68
CA PRO A 80 16.16 48.26 17.82
C PRO A 80 15.10 48.37 16.73
N ARG A 81 13.86 48.01 17.07
CA ARG A 81 12.74 48.04 16.12
C ARG A 81 12.28 49.45 15.75
N PRO A 82 12.21 49.76 14.43
CA PRO A 82 11.76 51.09 13.98
C PRO A 82 10.24 51.20 14.06
N ASP A 83 9.73 52.42 13.97
CA ASP A 83 8.28 52.64 14.04
C ASP A 83 7.66 52.72 12.65
N TYR A 84 8.48 52.84 11.61
CA TYR A 84 7.96 52.91 10.26
C TYR A 84 7.61 51.51 9.77
N ASP A 85 6.78 51.42 8.72
CA ASP A 85 6.39 50.13 8.18
C ASP A 85 7.57 49.41 7.55
N PHE A 86 7.68 48.11 7.78
CA PHE A 86 8.72 47.31 7.17
C PHE A 86 8.27 45.86 7.14
N ALA A 87 8.93 45.07 6.29
CA ALA A 87 8.54 43.68 6.15
C ALA A 87 9.69 42.69 6.03
N ASP A 88 9.35 41.41 6.09
CA ASP A 88 10.31 40.31 5.95
C ASP A 88 9.83 39.60 4.68
N ILE A 89 10.73 38.84 4.06
CA ILE A 89 10.39 38.05 2.88
C ILE A 89 11.29 36.84 3.01
N VAL A 90 10.67 35.69 3.29
CA VAL A 90 11.43 34.47 3.54
C VAL A 90 10.60 33.22 3.27
N GLY A 91 11.29 32.08 3.12
CA GLY A 91 10.60 30.83 2.89
C GLY A 91 11.13 29.76 3.84
N THR A 92 10.36 28.71 4.04
CA THR A 92 10.77 27.62 4.92
C THR A 92 11.83 26.73 4.28
N GLY A 93 11.94 26.80 2.95
CA GLY A 93 12.85 25.92 2.24
C GLY A 93 12.07 24.62 2.18
N GLY A 94 12.60 23.57 1.57
CA GLY A 94 11.83 22.33 1.53
C GLY A 94 12.03 21.39 0.35
N ASP A 95 12.15 21.96 -0.85
CA ASP A 95 12.36 21.14 -2.04
C ASP A 95 13.83 20.79 -2.14
N GLY A 96 14.14 19.66 -2.78
CA GLY A 96 15.53 19.26 -2.91
C GLY A 96 16.07 19.29 -4.32
N THR A 97 15.43 20.06 -5.20
CA THR A 97 15.87 20.13 -6.59
C THR A 97 16.86 21.27 -6.83
N ASN A 98 17.19 22.00 -5.78
CA ASN A 98 18.15 23.10 -5.87
C ASN A 98 17.74 24.22 -6.84
N SER A 99 16.51 24.69 -6.70
CA SER A 99 16.00 25.79 -7.52
C SER A 99 16.72 27.04 -7.01
N ILE A 100 16.85 28.08 -7.83
CA ILE A 100 17.54 29.29 -7.37
C ILE A 100 16.78 30.05 -6.29
N ASN A 101 17.53 30.71 -5.42
CA ASN A 101 16.94 31.51 -4.36
C ASN A 101 16.21 32.66 -5.05
N ILE A 102 15.04 33.03 -4.53
CA ILE A 102 14.26 34.11 -5.13
C ILE A 102 14.02 35.27 -4.14
N SER A 103 13.97 34.94 -2.86
CA SER A 103 13.69 35.93 -1.83
C SER A 103 14.74 37.03 -1.66
N THR A 104 16.01 36.66 -1.80
CA THR A 104 17.07 37.65 -1.64
C THR A 104 17.02 38.69 -2.76
N ALA A 105 16.91 38.25 -4.00
CA ALA A 105 16.82 39.19 -5.10
C ALA A 105 15.59 40.07 -4.91
N SER A 106 14.47 39.48 -4.48
CA SER A 106 13.24 40.25 -4.28
C SER A 106 13.42 41.34 -3.22
N ALA A 107 14.13 41.01 -2.15
CA ALA A 107 14.38 41.99 -1.08
C ALA A 107 15.10 43.23 -1.61
N PHE A 108 16.15 43.02 -2.41
CA PHE A 108 16.90 44.14 -2.95
C PHE A 108 16.13 44.93 -3.99
N VAL A 109 15.29 44.25 -4.76
CA VAL A 109 14.48 44.93 -5.77
C VAL A 109 13.41 45.78 -5.08
N ALA A 110 12.76 45.21 -4.05
CA ALA A 110 11.73 45.94 -3.33
C ALA A 110 12.35 47.15 -2.64
N ALA A 111 13.53 46.95 -2.06
CA ALA A 111 14.23 48.03 -1.36
C ALA A 111 14.55 49.20 -2.31
N SER A 112 14.88 48.88 -3.56
CA SER A 112 15.19 49.91 -4.54
C SER A 112 13.95 50.75 -4.82
N CYS A 113 12.78 50.16 -4.60
CA CYS A 113 11.50 50.85 -4.82
C CYS A 113 11.14 51.72 -3.62
N GLY A 114 11.78 51.47 -2.48
CA GLY A 114 11.49 52.25 -1.29
C GLY A 114 10.80 51.45 -0.20
N ALA A 115 10.59 50.15 -0.44
CA ALA A 115 9.95 49.30 0.56
C ALA A 115 11.01 48.83 1.56
N LYS A 116 10.73 48.98 2.85
CA LYS A 116 11.67 48.59 3.91
C LYS A 116 11.62 47.08 4.14
N VAL A 117 12.75 46.39 3.97
CA VAL A 117 12.81 44.95 4.14
C VAL A 117 13.88 44.53 5.14
N ALA A 118 13.45 44.02 6.28
CA ALA A 118 14.36 43.53 7.31
C ALA A 118 14.25 42.01 7.16
N LYS A 119 15.03 41.46 6.23
CA LYS A 119 15.01 40.04 5.94
C LYS A 119 15.72 39.24 7.03
N HIS A 120 15.17 38.08 7.35
CA HIS A 120 15.72 37.22 8.38
C HIS A 120 15.78 35.77 7.88
N GLY A 121 16.84 35.05 8.25
CA GLY A 121 16.94 33.68 7.79
C GLY A 121 18.07 32.90 8.44
N ASN A 122 17.93 31.57 8.44
CA ASN A 122 18.95 30.70 9.02
C ASN A 122 19.73 30.07 7.87
N ARG A 123 20.77 29.31 8.18
CA ARG A 123 21.56 28.68 7.13
C ARG A 123 20.76 27.52 6.52
N CYS A 133 21.49 33.34 3.12
CA CYS A 133 22.69 33.86 3.83
C CYS A 133 23.96 33.44 3.10
N ASP A 134 23.92 32.29 2.43
CA ASP A 134 25.08 31.83 1.67
C ASP A 134 25.34 32.80 0.52
N LEU A 135 24.26 33.19 -0.15
CA LEU A 135 24.35 34.11 -1.28
C LEU A 135 24.88 35.46 -0.85
N LEU A 136 24.34 35.97 0.26
CA LEU A 136 24.78 37.27 0.76
C LEU A 136 26.27 37.23 1.11
N GLN A 137 26.73 36.12 1.69
CA GLN A 137 28.16 35.99 2.01
C GLN A 137 28.97 36.12 0.73
N ALA A 138 28.54 35.38 -0.29
CA ALA A 138 29.23 35.38 -1.58
C ALA A 138 29.40 36.77 -2.14
N PHE A 139 28.61 37.73 -1.65
CA PHE A 139 28.71 39.10 -2.12
C PHE A 139 29.40 40.04 -1.14
N GLY A 140 30.05 39.47 -0.14
CA GLY A 140 30.76 40.29 0.82
C GLY A 140 29.94 40.90 1.94
N ILE A 141 28.69 40.48 2.08
CA ILE A 141 27.86 41.01 3.15
C ILE A 141 28.17 40.26 4.45
N ARG A 142 28.42 41.01 5.52
CA ARG A 142 28.77 40.43 6.82
C ARG A 142 27.55 39.92 7.57
N LEU A 143 27.49 38.60 7.77
CA LEU A 143 26.34 38.01 8.46
C LEU A 143 26.29 38.35 9.95
N ASP A 144 27.45 38.70 10.53
CA ASP A 144 27.48 39.02 11.96
C ASP A 144 27.44 40.52 12.28
N MET A 145 26.85 41.29 11.36
CA MET A 145 26.70 42.73 11.53
C MET A 145 25.91 42.98 12.83
N SER A 146 26.31 43.98 13.61
CA SER A 146 25.62 44.29 14.86
C SER A 146 24.18 44.69 14.56
N ALA A 147 23.31 44.55 15.56
CA ALA A 147 21.90 44.92 15.36
C ALA A 147 21.80 46.41 15.05
N GLU A 148 22.67 47.22 15.67
CA GLU A 148 22.65 48.65 15.43
C GLU A 148 23.04 48.98 13.99
N ASP A 149 24.04 48.27 13.46
CA ASP A 149 24.48 48.52 12.09
C ASP A 149 23.44 48.03 11.09
N SER A 150 22.76 46.94 11.43
CA SER A 150 21.71 46.42 10.55
C SER A 150 20.55 47.41 10.52
N ARG A 151 20.20 47.96 11.68
CA ARG A 151 19.11 48.94 11.75
C ARG A 151 19.49 50.18 10.95
N GLN A 152 20.77 50.56 10.99
CA GLN A 152 21.20 51.74 10.24
C GLN A 152 21.08 51.47 8.74
N ALA A 153 21.35 50.22 8.35
CA ALA A 153 21.26 49.80 6.95
C ALA A 153 19.79 49.84 6.54
N LEU A 154 18.90 49.39 7.43
CA LEU A 154 17.46 49.41 7.14
C LEU A 154 17.02 50.86 6.94
N ASP A 155 17.53 51.75 7.79
CA ASP A 155 17.18 53.17 7.69
C ASP A 155 17.64 53.78 6.37
N ASP A 156 18.93 53.62 6.08
CA ASP A 156 19.57 54.19 4.88
C ASP A 156 19.34 53.50 3.54
N LEU A 157 19.44 52.17 3.53
CA LEU A 157 19.31 51.40 2.30
C LEU A 157 17.98 50.68 2.11
N ASN A 158 17.10 50.77 3.11
CA ASN A 158 15.79 50.12 3.06
C ASN A 158 15.89 48.59 3.14
N VAL A 159 17.06 48.08 3.54
CA VAL A 159 17.24 46.63 3.62
C VAL A 159 18.37 46.23 4.55
N CYS A 160 18.18 45.11 5.23
CA CYS A 160 19.21 44.56 6.13
C CYS A 160 18.94 43.06 6.22
N PHE A 161 19.88 42.31 6.77
CA PHE A 161 19.68 40.87 6.90
C PHE A 161 20.05 40.45 8.31
N LEU A 162 19.12 39.77 8.96
CA LEU A 162 19.32 39.29 10.32
C LEU A 162 19.53 37.78 10.25
N PHE A 163 20.76 37.35 10.52
CA PHE A 163 21.13 35.94 10.46
C PHE A 163 20.69 35.24 11.75
N ALA A 164 19.80 34.25 11.61
CA ALA A 164 19.25 33.55 12.76
C ALA A 164 20.25 33.11 13.84
N PRO A 165 21.37 32.47 13.46
CA PRO A 165 22.34 32.04 14.47
C PRO A 165 22.87 33.19 15.33
N GLN A 166 22.82 34.41 14.78
CA GLN A 166 23.28 35.59 15.51
C GLN A 166 22.28 36.08 16.56
N TYR A 167 21.01 35.77 16.34
CA TYR A 167 19.93 36.22 17.23
C TYR A 167 19.25 35.17 18.10
N HIS A 168 19.27 33.91 17.66
CA HIS A 168 18.63 32.83 18.39
C HIS A 168 19.67 31.80 18.77
N THR A 169 20.44 32.10 19.82
CA THR A 169 21.51 31.22 20.26
C THR A 169 21.04 29.84 20.71
N GLY A 170 19.78 29.75 21.15
CA GLY A 170 19.26 28.48 21.62
C GLY A 170 18.66 27.58 20.54
N PHE A 171 18.56 28.08 19.32
CA PHE A 171 18.00 27.31 18.22
C PHE A 171 18.85 26.06 17.96
N ARG A 172 20.14 26.14 18.30
CA ARG A 172 21.08 25.04 18.10
C ARG A 172 20.73 23.75 18.85
N HIS A 173 20.15 23.91 20.04
CA HIS A 173 19.80 22.78 20.88
C HIS A 173 18.94 21.67 20.26
N ALA A 174 18.21 21.98 19.21
CA ALA A 174 17.35 20.99 18.57
C ALA A 174 17.99 20.33 17.36
N MET A 175 19.05 20.94 16.83
CA MET A 175 19.71 20.43 15.64
C MET A 175 20.11 18.96 15.58
N PRO A 176 20.78 18.43 16.62
CA PRO A 176 21.18 17.02 16.59
C PRO A 176 19.99 16.08 16.42
N VAL A 177 18.94 16.30 17.21
CA VAL A 177 17.75 15.46 17.14
C VAL A 177 17.06 15.63 15.79
N ARG A 178 16.97 16.86 15.29
CA ARG A 178 16.34 17.10 13.99
C ARG A 178 17.08 16.37 12.88
N GLN A 179 18.41 16.37 12.93
CA GLN A 179 19.22 15.71 11.93
C GLN A 179 19.09 14.20 12.01
N GLN A 180 19.01 13.67 13.23
CA GLN A 180 18.88 12.23 13.42
C GLN A 180 17.53 11.69 12.95
N LEU A 181 16.46 12.47 13.14
CA LEU A 181 15.13 12.03 12.72
C LEU A 181 14.90 12.12 11.22
N LYS A 182 15.64 13.02 10.56
CA LYS A 182 15.54 13.20 9.12
C LYS A 182 14.11 13.20 8.60
N THR A 183 13.24 13.96 9.27
CA THR A 183 11.84 14.09 8.86
C THR A 183 11.42 15.50 9.25
N ARG A 184 10.44 16.05 8.56
CA ARG A 184 9.96 17.40 8.85
C ARG A 184 9.24 17.47 10.18
N THR A 185 9.51 18.52 10.95
CA THR A 185 8.86 18.74 12.23
C THR A 185 8.47 20.21 12.29
N ILE A 186 7.88 20.62 13.41
CA ILE A 186 7.46 22.00 13.57
C ILE A 186 8.64 22.97 13.42
N PHE A 187 9.86 22.52 13.70
CA PHE A 187 11.02 23.41 13.57
C PHE A 187 11.24 23.90 12.14
N ASN A 188 10.76 23.14 11.16
CA ASN A 188 10.90 23.50 9.76
C ASN A 188 10.07 24.71 9.35
N VAL A 189 9.12 25.11 10.19
CA VAL A 189 8.27 26.26 9.88
C VAL A 189 8.47 27.42 10.86
N LEU A 190 9.22 27.20 11.94
CA LEU A 190 9.44 28.26 12.91
C LEU A 190 10.42 29.36 12.51
N GLY A 191 11.41 29.02 11.68
CA GLY A 191 12.39 30.02 11.25
C GLY A 191 11.80 31.32 10.73
N PRO A 192 10.87 31.25 9.77
CA PRO A 192 10.25 32.46 9.21
C PRO A 192 9.39 33.26 10.19
N LEU A 193 8.99 32.62 11.29
CA LEU A 193 8.14 33.27 12.28
C LEU A 193 8.86 33.92 13.45
N ILE A 194 10.18 33.87 13.47
CA ILE A 194 10.90 34.44 14.60
C ILE A 194 11.86 35.59 14.30
N ASN A 195 11.52 36.42 13.32
CA ASN A 195 12.33 37.58 12.96
C ASN A 195 12.44 38.45 14.22
N PRO A 196 13.67 38.67 14.73
CA PRO A 196 13.84 39.47 15.94
C PRO A 196 13.46 40.94 15.86
N ALA A 197 13.20 41.44 14.66
CA ALA A 197 12.78 42.82 14.49
C ALA A 197 11.26 42.91 14.66
N ARG A 198 10.61 41.76 14.76
CA ARG A 198 9.16 41.71 14.91
C ARG A 198 8.47 42.63 13.89
N PRO A 199 8.69 42.37 12.59
CA PRO A 199 8.08 43.17 11.53
C PRO A 199 6.56 43.12 11.51
N PRO A 200 5.92 44.23 11.13
CA PRO A 200 4.46 44.22 11.08
C PRO A 200 3.95 43.55 9.81
N LYS A 201 4.83 43.39 8.82
CA LYS A 201 4.46 42.77 7.54
C LYS A 201 5.41 41.65 7.14
N ALA A 202 4.92 40.70 6.34
CA ALA A 202 5.76 39.61 5.87
C ALA A 202 5.15 38.78 4.76
N LEU A 203 5.99 38.40 3.79
CA LEU A 203 5.59 37.52 2.68
C LEU A 203 6.38 36.27 3.04
N ILE A 204 5.67 35.21 3.40
CA ILE A 204 6.31 33.97 3.82
C ILE A 204 5.90 32.76 2.99
N GLY A 205 6.89 32.07 2.43
CA GLY A 205 6.60 30.87 1.65
C GLY A 205 6.74 29.63 2.51
N VAL A 206 5.90 28.62 2.26
CA VAL A 206 5.96 27.36 3.01
C VAL A 206 6.05 26.20 2.03
N TYR A 207 6.58 25.07 2.50
CA TYR A 207 6.79 23.92 1.62
C TYR A 207 5.60 23.06 1.22
N SER A 208 4.42 23.30 1.77
CA SER A 208 3.25 22.51 1.37
C SER A 208 2.03 23.41 1.31
N PRO A 209 1.06 23.08 0.45
CA PRO A 209 -0.14 23.90 0.36
C PRO A 209 -0.98 23.92 1.64
N GLU A 210 -1.00 22.82 2.37
CA GLU A 210 -1.77 22.70 3.62
C GLU A 210 -1.26 23.56 4.78
N LEU A 211 -0.02 24.04 4.68
CA LEU A 211 0.56 24.86 5.75
C LEU A 211 0.24 26.34 5.56
N VAL A 212 -0.23 26.72 4.37
CA VAL A 212 -0.51 28.13 4.11
C VAL A 212 -1.50 28.78 5.09
N LEU A 213 -2.68 28.19 5.26
CA LEU A 213 -3.65 28.80 6.16
C LEU A 213 -3.25 28.75 7.64
N PRO A 214 -2.82 27.59 8.16
CA PRO A 214 -2.45 27.58 9.58
C PRO A 214 -1.29 28.53 9.92
N ILE A 215 -0.36 28.70 8.99
CA ILE A 215 0.75 29.61 9.27
C ILE A 215 0.23 31.05 9.28
N ALA A 216 -0.67 31.37 8.37
CA ALA A 216 -1.24 32.72 8.32
C ALA A 216 -1.98 32.95 9.63
N GLN A 217 -2.67 31.91 10.11
CA GLN A 217 -3.41 32.01 11.37
C GLN A 217 -2.44 32.22 12.54
N ALA A 218 -1.28 31.58 12.48
CA ALA A 218 -0.28 31.75 13.54
C ALA A 218 0.28 33.17 13.52
N LEU A 219 0.49 33.72 12.34
CA LEU A 219 1.02 35.08 12.21
C LEU A 219 0.05 36.08 12.85
N LYS A 220 -1.24 35.81 12.71
CA LYS A 220 -2.23 36.71 13.30
C LYS A 220 -2.06 36.68 14.83
N VAL A 221 -1.96 35.47 15.38
CA VAL A 221 -1.77 35.31 16.82
C VAL A 221 -0.50 36.02 17.27
N LEU A 222 0.53 35.99 16.43
CA LEU A 222 1.80 36.62 16.77
C LEU A 222 1.82 38.15 16.69
N GLY A 223 0.72 38.73 16.19
CA GLY A 223 0.65 40.18 16.11
C GLY A 223 0.98 40.84 14.78
N TYR A 224 1.14 40.05 13.72
CA TYR A 224 1.43 40.63 12.42
C TYR A 224 0.21 41.42 11.95
N LYS A 225 0.44 42.47 11.16
CA LYS A 225 -0.67 43.30 10.68
C LYS A 225 -1.09 43.00 9.24
N ASN A 226 -0.11 42.90 8.34
CA ASN A 226 -0.39 42.59 6.94
C ASN A 226 0.62 41.55 6.50
N ALA A 227 0.13 40.38 6.10
CA ALA A 227 1.04 39.33 5.67
C ALA A 227 0.38 38.44 4.63
N ALA A 228 1.21 37.71 3.88
CA ALA A 228 0.73 36.78 2.88
C ALA A 228 1.61 35.54 3.00
N VAL A 229 0.97 34.39 3.12
CA VAL A 229 1.68 33.11 3.21
C VAL A 229 1.41 32.44 1.89
N VAL A 230 2.43 31.88 1.26
CA VAL A 230 2.26 31.27 -0.06
C VAL A 230 2.98 29.96 -0.32
N HIS A 231 2.44 29.21 -1.28
CA HIS A 231 3.02 27.95 -1.75
C HIS A 231 2.54 27.78 -3.18
N GLY A 232 3.45 27.47 -4.10
CA GLY A 232 3.03 27.28 -5.48
C GLY A 232 3.78 26.18 -6.22
N GLY A 233 3.04 25.21 -6.74
CA GLY A 233 3.65 24.12 -7.49
C GLY A 233 4.87 23.47 -6.84
N GLY A 234 4.78 23.20 -5.54
CA GLY A 234 5.88 22.57 -4.83
C GLY A 234 6.92 23.52 -4.26
N MET A 235 6.82 24.80 -4.58
CA MET A 235 7.78 25.80 -4.11
C MET A 235 7.30 26.73 -3.02
N ASP A 236 8.22 27.11 -2.13
CA ASP A 236 7.89 28.01 -1.02
C ASP A 236 8.06 29.47 -1.44
N GLU A 237 7.31 29.88 -2.47
CA GLU A 237 7.39 31.25 -3.00
C GLU A 237 6.23 31.45 -3.95
N VAL A 238 6.09 32.67 -4.47
CA VAL A 238 5.04 32.90 -5.47
C VAL A 238 5.62 32.20 -6.69
N ALA A 239 4.85 31.29 -7.29
CA ALA A 239 5.33 30.52 -8.42
C ALA A 239 5.14 31.16 -9.78
N ILE A 240 6.07 30.87 -10.70
CA ILE A 240 5.99 31.40 -12.04
C ILE A 240 5.58 30.25 -12.98
N HIS A 241 5.61 29.03 -12.48
CA HIS A 241 5.28 27.86 -13.30
C HIS A 241 3.94 27.21 -13.00
N THR A 242 3.25 27.70 -11.98
CA THR A 242 1.96 27.13 -11.58
C THR A 242 1.18 28.11 -10.73
N PRO A 243 -0.08 27.77 -10.39
CA PRO A 243 -0.86 28.68 -9.55
C PRO A 243 -0.25 28.75 -8.16
N THR A 244 -0.49 29.85 -7.45
CA THR A 244 0.04 30.01 -6.09
C THR A 244 -1.09 30.08 -5.06
N GLN A 245 -1.01 29.23 -4.04
CA GLN A 245 -2.00 29.21 -2.97
C GLN A 245 -1.59 30.33 -2.03
N VAL A 246 -2.52 31.23 -1.73
CA VAL A 246 -2.24 32.37 -0.85
C VAL A 246 -3.23 32.44 0.32
N ALA A 247 -2.76 32.96 1.45
CA ALA A 247 -3.59 33.21 2.62
C ALA A 247 -3.11 34.60 3.00
N GLU A 248 -3.98 35.60 2.89
CA GLU A 248 -3.57 36.97 3.20
C GLU A 248 -4.23 37.57 4.43
N LEU A 249 -3.40 37.99 5.38
CA LEU A 249 -3.89 38.61 6.61
C LEU A 249 -3.94 40.11 6.38
N ASN A 250 -5.09 40.71 6.67
CA ASN A 250 -5.27 42.15 6.50
C ASN A 250 -6.47 42.61 7.29
N ASN A 251 -6.33 43.75 7.97
CA ASN A 251 -7.41 44.31 8.76
C ASN A 251 -8.01 43.29 9.74
N GLY A 252 -7.15 42.44 10.27
CA GLY A 252 -7.58 41.44 11.23
C GLY A 252 -8.29 40.22 10.66
N GLU A 253 -8.36 40.11 9.34
CA GLU A 253 -9.01 38.95 8.73
C GLU A 253 -8.10 38.26 7.73
N ILE A 254 -8.31 36.97 7.55
CA ILE A 254 -7.49 36.18 6.63
C ILE A 254 -8.33 35.72 5.44
N GLU A 255 -7.83 36.00 4.24
CA GLU A 255 -8.52 35.60 3.02
C GLU A 255 -7.71 34.56 2.24
N SER A 256 -8.38 33.48 1.83
CA SER A 256 -7.71 32.44 1.03
C SER A 256 -8.04 32.67 -0.44
N TYR A 257 -7.05 32.47 -1.30
CA TYR A 257 -7.23 32.60 -2.74
C TYR A 257 -5.99 32.13 -3.47
N GLN A 258 -6.11 31.93 -4.78
CA GLN A 258 -4.95 31.52 -5.56
C GLN A 258 -4.66 32.58 -6.62
N LEU A 259 -3.43 32.61 -7.10
CA LEU A 259 -3.01 33.54 -8.14
C LEU A 259 -2.37 32.72 -9.24
N SER A 260 -2.36 33.27 -10.45
CA SER A 260 -1.73 32.62 -11.60
C SER A 260 -0.74 33.63 -12.17
N PRO A 261 0.30 33.14 -12.87
CA PRO A 261 1.27 34.09 -13.44
C PRO A 261 0.60 35.17 -14.28
N GLN A 262 -0.49 34.81 -14.95
CA GLN A 262 -1.22 35.76 -15.79
C GLN A 262 -1.79 36.93 -15.00
N ASP A 263 -2.08 36.72 -13.73
CA ASP A 263 -2.62 37.78 -12.89
C ASP A 263 -1.61 38.89 -12.67
N PHE A 264 -0.33 38.58 -12.89
CA PHE A 264 0.73 39.57 -12.75
C PHE A 264 1.10 40.11 -14.13
N GLY A 265 0.43 39.61 -15.16
CA GLY A 265 0.72 40.02 -16.52
C GLY A 265 2.05 39.42 -16.97
N LEU A 266 2.38 38.26 -16.39
CA LEU A 266 3.65 37.58 -16.68
C LEU A 266 3.48 36.23 -17.39
N GLN A 267 4.43 35.91 -18.24
CA GLN A 267 4.43 34.63 -18.94
C GLN A 267 4.72 33.55 -17.89
N SER A 268 4.21 32.34 -18.13
CA SER A 268 4.43 31.22 -17.20
C SER A 268 5.60 30.35 -17.71
N TYR A 269 6.70 30.36 -16.96
CA TYR A 269 7.89 29.58 -17.32
C TYR A 269 7.99 28.29 -16.53
N SER A 270 8.73 27.33 -17.08
CA SER A 270 8.90 26.04 -16.45
C SER A 270 9.75 26.11 -15.19
N LEU A 271 9.49 25.20 -14.26
CA LEU A 271 10.27 25.16 -13.03
C LEU A 271 11.73 24.93 -13.41
N ASN A 272 11.95 24.19 -14.48
CA ASN A 272 13.32 23.90 -14.92
C ASN A 272 14.09 25.15 -15.34
N ALA A 273 13.37 26.22 -15.69
CA ALA A 273 14.03 27.46 -16.08
C ALA A 273 14.60 28.18 -14.86
N LEU A 274 14.27 27.70 -13.67
CA LEU A 274 14.76 28.30 -12.42
C LEU A 274 15.81 27.43 -11.72
N GLN A 275 16.33 26.42 -12.43
CA GLN A 275 17.31 25.51 -11.85
C GLN A 275 18.62 26.18 -11.44
N GLY A 276 19.06 25.91 -10.22
CA GLY A 276 20.31 26.48 -9.74
C GLY A 276 21.47 25.51 -9.89
N GLY A 277 22.63 25.87 -9.34
CA GLY A 277 23.80 25.01 -9.43
C GLY A 277 24.68 25.12 -8.20
N THR A 278 25.98 25.18 -8.42
CA THR A 278 26.94 25.30 -7.31
C THR A 278 26.85 26.69 -6.69
N PRO A 279 27.39 26.86 -5.47
CA PRO A 279 27.34 28.16 -4.80
C PRO A 279 27.87 29.31 -5.68
N GLU A 280 28.98 29.06 -6.38
CA GLU A 280 29.57 30.09 -7.24
C GLU A 280 28.65 30.41 -8.42
N GLU A 281 28.05 29.38 -9.00
CA GLU A 281 27.13 29.56 -10.13
C GLU A 281 25.87 30.31 -9.69
N ASN A 282 25.39 30.05 -8.48
CA ASN A 282 24.20 30.73 -7.98
C ASN A 282 24.51 32.20 -7.74
N ARG A 283 25.71 32.46 -7.24
CA ARG A 283 26.17 33.82 -6.99
C ARG A 283 26.12 34.59 -8.31
N ASP A 284 26.70 34.02 -9.36
CA ASP A 284 26.71 34.68 -10.66
C ASP A 284 25.31 34.85 -11.25
N ILE A 285 24.45 33.86 -11.03
CA ILE A 285 23.08 33.93 -11.52
C ILE A 285 22.37 35.14 -10.91
N LEU A 286 22.50 35.29 -9.60
CA LEU A 286 21.87 36.38 -8.85
C LEU A 286 22.45 37.74 -9.24
N ALA A 287 23.77 37.80 -9.40
CA ALA A 287 24.42 39.04 -9.78
C ALA A 287 23.89 39.50 -11.14
N ARG A 288 23.90 38.60 -12.12
CA ARG A 288 23.40 38.93 -13.45
C ARG A 288 21.96 39.39 -13.37
N LEU A 289 21.15 38.70 -12.57
CA LEU A 289 19.74 39.07 -12.41
C LEU A 289 19.58 40.50 -11.91
N LEU A 290 20.23 40.83 -10.79
CA LEU A 290 20.11 42.16 -10.21
C LEU A 290 20.77 43.26 -11.04
N GLN A 291 21.68 42.87 -11.93
CA GLN A 291 22.35 43.81 -12.81
C GLN A 291 21.55 44.05 -14.08
N GLY A 292 20.43 43.33 -14.21
CA GLY A 292 19.59 43.48 -15.38
C GLY A 292 20.03 42.67 -16.58
N LYS A 293 20.84 41.63 -16.34
CA LYS A 293 21.33 40.76 -17.40
C LYS A 293 21.01 39.29 -17.16
N GLY A 294 19.98 39.02 -16.36
CA GLY A 294 19.63 37.63 -16.05
C GLY A 294 18.65 36.95 -17.00
N ASP A 295 18.35 35.70 -16.71
CA ASP A 295 17.43 34.90 -17.52
C ASP A 295 16.01 35.48 -17.40
N ALA A 296 15.24 35.43 -18.48
CA ALA A 296 13.89 35.98 -18.47
C ALA A 296 13.01 35.33 -17.39
N ALA A 297 13.15 34.02 -17.21
CA ALA A 297 12.35 33.32 -16.21
C ALA A 297 12.68 33.74 -14.78
N HIS A 298 13.97 34.05 -14.55
CA HIS A 298 14.40 34.47 -13.22
C HIS A 298 13.81 35.84 -12.90
N ALA A 299 13.88 36.75 -13.87
CA ALA A 299 13.34 38.09 -13.68
C ALA A 299 11.82 38.05 -13.44
N ARG A 300 11.12 37.16 -14.15
CA ARG A 300 9.66 37.06 -13.96
C ARG A 300 9.32 36.52 -12.57
N GLN A 301 10.04 35.50 -12.11
CA GLN A 301 9.76 34.94 -10.80
C GLN A 301 9.97 35.99 -9.71
N VAL A 302 11.05 36.76 -9.82
CA VAL A 302 11.32 37.81 -8.84
C VAL A 302 10.22 38.86 -8.92
N ALA A 303 9.86 39.25 -10.14
CA ALA A 303 8.80 40.25 -10.34
C ALA A 303 7.50 39.85 -9.65
N ALA A 304 7.15 38.57 -9.74
CA ALA A 304 5.92 38.09 -9.13
C ALA A 304 5.99 38.17 -7.61
N ASN A 305 7.14 37.82 -7.04
CA ASN A 305 7.27 37.87 -5.60
C ASN A 305 7.30 39.28 -5.05
N VAL A 306 8.02 40.17 -5.72
CA VAL A 306 8.08 41.56 -5.28
C VAL A 306 6.66 42.15 -5.37
N ALA A 307 5.94 41.76 -6.42
CA ALA A 307 4.58 42.26 -6.62
C ALA A 307 3.64 41.99 -5.46
N LEU A 308 3.67 40.77 -4.93
CA LEU A 308 2.80 40.42 -3.80
C LEU A 308 3.28 41.10 -2.52
N LEU A 309 4.60 41.21 -2.38
CA LEU A 309 5.15 41.88 -1.20
C LEU A 309 4.64 43.32 -1.15
N LEU A 310 4.67 43.99 -2.30
CA LEU A 310 4.23 45.38 -2.36
C LEU A 310 2.74 45.53 -2.06
N LYS A 311 1.98 44.46 -2.23
CA LYS A 311 0.55 44.52 -1.93
C LYS A 311 0.37 44.70 -0.42
N LEU A 312 1.33 44.19 0.34
CA LEU A 312 1.27 44.30 1.81
C LEU A 312 1.52 45.74 2.24
N PHE A 313 2.10 46.52 1.34
CA PHE A 313 2.38 47.92 1.61
C PHE A 313 1.28 48.82 1.03
N GLY A 314 0.15 48.24 0.64
CA GLY A 314 -0.94 49.04 0.10
C GLY A 314 -1.04 49.17 -1.42
N GLN A 315 -0.09 48.60 -2.15
CA GLN A 315 -0.11 48.65 -3.62
C GLN A 315 -0.90 47.43 -4.10
N ASP A 316 -2.20 47.62 -4.31
CA ASP A 316 -3.10 46.54 -4.70
C ASP A 316 -3.09 46.01 -6.13
N ASN A 317 -2.56 46.77 -7.08
CA ASN A 317 -2.56 46.33 -8.48
C ASN A 317 -1.33 45.46 -8.75
N LEU A 318 -1.49 44.15 -8.62
CA LEU A 318 -0.39 43.21 -8.83
C LEU A 318 0.27 43.30 -10.19
N ARG A 319 -0.53 43.47 -11.23
CA ARG A 319 0.02 43.59 -12.59
C ARG A 319 0.93 44.81 -12.66
N HIS A 320 0.46 45.91 -12.09
CA HIS A 320 1.23 47.16 -12.07
C HIS A 320 2.53 46.94 -11.28
N ASN A 321 2.40 46.34 -10.10
CA ASN A 321 3.58 46.08 -9.26
C ASN A 321 4.63 45.24 -10.00
N ALA A 322 4.18 44.20 -10.70
CA ALA A 322 5.10 43.31 -11.43
C ALA A 322 5.81 44.04 -12.57
N GLN A 323 5.06 44.83 -13.32
CA GLN A 323 5.65 45.58 -14.42
C GLN A 323 6.78 46.50 -13.94
N LEU A 324 6.52 47.22 -12.86
CA LEU A 324 7.54 48.12 -12.33
C LEU A 324 8.70 47.36 -11.69
N ALA A 325 8.44 46.17 -11.18
CA ALA A 325 9.51 45.37 -10.59
C ALA A 325 10.46 44.97 -11.72
N LEU A 326 9.89 44.66 -12.88
CA LEU A 326 10.69 44.26 -14.04
C LEU A 326 11.54 45.44 -14.50
N GLU A 327 11.02 46.65 -14.37
CA GLU A 327 11.77 47.83 -14.77
C GLU A 327 12.91 48.07 -13.78
N THR A 328 12.63 47.87 -12.50
CA THR A 328 13.64 48.05 -11.46
C THR A 328 14.79 47.06 -11.69
N ILE A 329 14.45 45.82 -12.03
CA ILE A 329 15.44 44.79 -12.29
C ILE A 329 16.29 45.17 -13.51
N ARG A 330 15.64 45.64 -14.56
CA ARG A 330 16.35 46.04 -15.77
C ARG A 330 17.31 47.20 -15.52
N SER A 331 16.94 48.10 -14.61
CA SER A 331 17.77 49.25 -14.28
C SER A 331 19.11 48.86 -13.67
N GLY A 332 19.17 47.67 -13.08
CA GLY A 332 20.40 47.20 -12.47
C GLY A 332 20.65 47.89 -11.14
N THR A 333 19.74 48.79 -10.77
CA THR A 333 19.87 49.54 -9.53
C THR A 333 19.92 48.68 -8.26
N ALA A 334 19.27 47.52 -8.30
CA ALA A 334 19.25 46.65 -7.12
C ALA A 334 20.61 46.05 -6.80
N PHE A 335 21.46 45.86 -7.81
CA PHE A 335 22.76 45.27 -7.53
C PHE A 335 23.68 46.22 -6.77
N GLU A 336 23.59 47.50 -7.04
CA GLU A 336 24.45 48.43 -6.33
C GLU A 336 24.00 48.56 -4.88
N ARG A 337 22.75 48.18 -4.60
CA ARG A 337 22.24 48.23 -3.25
C ARG A 337 22.87 47.06 -2.50
N VAL A 338 23.19 45.98 -3.22
CA VAL A 338 23.85 44.83 -2.63
C VAL A 338 25.26 45.29 -2.27
N THR A 339 25.89 46.01 -3.19
CA THR A 339 27.25 46.51 -2.97
C THR A 339 27.25 47.47 -1.78
N ALA A 340 26.23 48.29 -1.69
CA ALA A 340 26.11 49.26 -0.61
C ALA A 340 26.02 48.57 0.75
N LEU A 341 25.22 47.51 0.84
CA LEU A 341 25.07 46.79 2.11
C LEU A 341 26.39 46.11 2.48
N ALA A 342 27.07 45.58 1.47
CA ALA A 342 28.35 44.90 1.68
C ALA A 342 29.39 45.84 2.28
N ALA A 343 29.23 47.14 2.01
CA ALA A 343 30.16 48.14 2.52
C ALA A 343 29.89 48.50 3.99
N ARG A 344 28.77 48.06 4.52
CA ARG A 344 28.41 48.34 5.91
C ARG A 344 29.04 47.33 6.86
N THR B 12 -8.84 -21.73 -34.21
CA THR B 12 -8.71 -21.54 -32.74
C THR B 12 -7.25 -21.27 -32.36
N HIS B 13 -7.03 -20.15 -31.69
CA HIS B 13 -5.69 -19.77 -31.26
C HIS B 13 -5.52 -19.94 -29.77
N GLN B 14 -6.27 -20.88 -29.20
CA GLN B 14 -6.20 -21.16 -27.77
C GLN B 14 -4.75 -21.39 -27.35
N PRO B 15 -3.98 -22.17 -28.15
CA PRO B 15 -2.58 -22.43 -27.82
C PRO B 15 -1.76 -21.16 -27.56
N ILE B 16 -1.98 -20.13 -28.37
CA ILE B 16 -1.25 -18.88 -28.18
C ILE B 16 -1.71 -18.23 -26.88
N LEU B 17 -3.01 -18.28 -26.60
CA LEU B 17 -3.52 -17.71 -25.36
C LEU B 17 -2.90 -18.40 -24.15
N GLU B 18 -2.86 -19.73 -24.18
CA GLU B 18 -2.29 -20.49 -23.06
C GLU B 18 -0.82 -20.15 -22.84
N LYS B 19 -0.11 -19.88 -23.93
CA LYS B 19 1.30 -19.52 -23.83
C LYS B 19 1.42 -18.16 -23.14
N LEU B 20 0.52 -17.25 -23.49
CA LEU B 20 0.52 -15.93 -22.86
C LEU B 20 0.25 -16.07 -21.36
N PHE B 21 -0.69 -16.94 -21.02
CA PHE B 21 -1.04 -17.15 -19.61
C PHE B 21 0.10 -17.72 -18.79
N LYS B 22 1.11 -18.26 -19.45
CA LYS B 22 2.27 -18.81 -18.75
C LYS B 22 3.38 -17.77 -18.71
N SER B 23 3.02 -16.52 -19.00
CA SER B 23 3.98 -15.41 -19.01
C SER B 23 5.11 -15.66 -20.01
N GLN B 24 4.75 -16.22 -21.17
CA GLN B 24 5.70 -16.48 -22.22
C GLN B 24 5.38 -15.49 -23.34
N SER B 25 6.43 -14.93 -23.95
CA SER B 25 6.24 -13.98 -25.04
C SER B 25 6.00 -14.69 -26.36
N MET B 26 5.25 -14.06 -27.25
CA MET B 26 4.95 -14.62 -28.55
C MET B 26 6.01 -14.18 -29.56
N THR B 27 6.22 -15.00 -30.59
CA THR B 27 7.15 -14.65 -31.65
C THR B 27 6.38 -13.62 -32.47
N GLN B 28 7.04 -12.96 -33.42
CA GLN B 28 6.33 -11.97 -34.23
C GLN B 28 5.19 -12.63 -34.98
N GLU B 29 5.43 -13.84 -35.51
CA GLU B 29 4.40 -14.54 -36.27
C GLU B 29 3.19 -14.91 -35.41
N GLU B 30 3.43 -15.39 -34.19
CA GLU B 30 2.33 -15.76 -33.30
C GLU B 30 1.51 -14.53 -32.96
N SER B 31 2.18 -13.42 -32.68
CA SER B 31 1.49 -12.19 -32.35
C SER B 31 0.66 -11.73 -33.54
N HIS B 32 1.22 -11.87 -34.74
CA HIS B 32 0.50 -11.49 -35.95
C HIS B 32 -0.75 -12.34 -36.07
N GLN B 33 -0.61 -13.65 -35.86
CA GLN B 33 -1.76 -14.57 -35.97
C GLN B 33 -2.84 -14.21 -34.97
N LEU B 34 -2.44 -13.92 -33.73
CA LEU B 34 -3.40 -13.58 -32.70
C LEU B 34 -4.14 -12.26 -32.98
N PHE B 35 -3.40 -11.22 -33.33
CA PHE B 35 -4.07 -9.94 -33.59
C PHE B 35 -4.89 -9.89 -34.87
N ALA B 36 -4.57 -10.77 -35.81
CA ALA B 36 -5.34 -10.84 -37.05
C ALA B 36 -6.74 -11.30 -36.64
N ALA B 37 -6.80 -12.25 -35.71
CA ALA B 37 -8.09 -12.75 -35.24
C ALA B 37 -8.82 -11.69 -34.45
N ILE B 38 -8.08 -10.95 -33.63
CA ILE B 38 -8.65 -9.88 -32.82
C ILE B 38 -9.29 -8.80 -33.69
N VAL B 39 -8.57 -8.33 -34.70
CA VAL B 39 -9.07 -7.26 -35.56
C VAL B 39 -10.15 -7.73 -36.52
N ARG B 40 -10.39 -9.03 -36.57
CA ARG B 40 -11.43 -9.59 -37.42
C ARG B 40 -12.65 -9.87 -36.55
N GLY B 41 -12.51 -9.54 -35.27
CA GLY B 41 -13.60 -9.73 -34.32
C GLY B 41 -13.92 -11.16 -33.92
N GLU B 42 -12.94 -12.06 -34.07
CA GLU B 42 -13.16 -13.46 -33.74
C GLU B 42 -13.14 -13.78 -32.25
N LEU B 43 -12.59 -12.89 -31.43
CA LEU B 43 -12.52 -13.11 -30.00
C LEU B 43 -13.68 -12.46 -29.24
N GLU B 44 -14.19 -13.16 -28.23
CA GLU B 44 -15.27 -12.63 -27.41
C GLU B 44 -14.61 -11.65 -26.45
N ASP B 45 -15.39 -10.77 -25.81
CA ASP B 45 -14.82 -9.79 -24.89
C ASP B 45 -13.92 -10.42 -23.83
N SER B 46 -14.35 -11.56 -23.31
CA SER B 46 -13.59 -12.27 -22.27
C SER B 46 -12.19 -12.64 -22.77
N GLN B 47 -12.13 -13.20 -23.97
CA GLN B 47 -10.87 -13.61 -24.56
C GLN B 47 -9.95 -12.45 -24.91
N LEU B 48 -10.52 -11.35 -25.41
CA LEU B 48 -9.71 -10.19 -25.77
C LEU B 48 -9.08 -9.59 -24.51
N ALA B 49 -9.90 -9.43 -23.47
CA ALA B 49 -9.40 -8.86 -22.21
C ALA B 49 -8.28 -9.74 -21.65
N ALA B 50 -8.47 -11.06 -21.75
CA ALA B 50 -7.48 -12.02 -21.26
C ALA B 50 -6.14 -11.88 -21.97
N ALA B 51 -6.18 -11.69 -23.28
CA ALA B 51 -4.94 -11.55 -24.06
C ALA B 51 -4.24 -10.22 -23.73
N LEU B 52 -5.01 -9.15 -23.66
CA LEU B 52 -4.47 -7.82 -23.37
C LEU B 52 -3.84 -7.70 -21.98
N ILE B 53 -4.51 -8.25 -20.97
CA ILE B 53 -4.01 -8.18 -19.61
C ILE B 53 -2.78 -9.07 -19.38
N SER B 54 -2.77 -10.24 -20.00
CA SER B 54 -1.64 -11.15 -19.86
C SER B 54 -0.40 -10.52 -20.50
N MET B 55 -0.60 -9.81 -21.60
CA MET B 55 0.51 -9.15 -22.28
C MET B 55 0.96 -7.94 -21.45
N LYS B 56 -0.01 -7.20 -20.92
CA LYS B 56 0.28 -6.02 -20.10
C LYS B 56 1.10 -6.35 -18.86
N MET B 57 0.68 -7.39 -18.14
CA MET B 57 1.37 -7.78 -16.91
C MET B 57 2.81 -8.23 -17.11
N ARG B 58 3.09 -8.91 -18.21
CA ARG B 58 4.44 -9.39 -18.48
C ARG B 58 5.32 -8.28 -19.04
N GLY B 59 4.75 -7.49 -19.94
CA GLY B 59 5.49 -6.42 -20.57
C GLY B 59 5.69 -6.85 -22.01
N GLU B 60 5.07 -6.12 -22.93
CA GLU B 60 5.13 -6.44 -24.35
C GLU B 60 6.51 -6.22 -24.96
N ARG B 61 6.95 -7.16 -25.79
CA ARG B 61 8.24 -7.06 -26.44
C ARG B 61 8.09 -6.38 -27.80
N PRO B 62 9.17 -5.79 -28.33
CA PRO B 62 9.09 -5.12 -29.63
C PRO B 62 8.57 -6.01 -30.76
N GLU B 63 8.99 -7.27 -30.79
CA GLU B 63 8.54 -8.19 -31.83
C GLU B 63 7.04 -8.46 -31.76
N GLU B 64 6.48 -8.41 -30.55
CA GLU B 64 5.04 -8.64 -30.35
C GLU B 64 4.27 -7.41 -30.82
N ILE B 65 4.83 -6.23 -30.54
CA ILE B 65 4.19 -4.99 -30.94
C ILE B 65 4.18 -4.90 -32.48
N ALA B 66 5.31 -5.24 -33.10
CA ALA B 66 5.41 -5.18 -34.56
C ALA B 66 4.49 -6.22 -35.20
N GLY B 67 4.35 -7.37 -34.56
CA GLY B 67 3.48 -8.40 -35.09
C GLY B 67 2.02 -7.97 -35.07
N ALA B 68 1.64 -7.30 -33.99
CA ALA B 68 0.26 -6.82 -33.84
C ALA B 68 -0.01 -5.74 -34.88
N ALA B 69 0.93 -4.79 -35.01
CA ALA B 69 0.78 -3.73 -35.99
C ALA B 69 0.68 -4.32 -37.39
N SER B 70 1.52 -5.32 -37.68
CA SER B 70 1.52 -5.96 -39.00
C SER B 70 0.17 -6.59 -39.34
N ALA B 71 -0.45 -7.17 -38.33
CA ALA B 71 -1.76 -7.81 -38.49
C ALA B 71 -2.78 -6.76 -38.89
N LEU B 72 -2.77 -5.62 -38.21
CA LEU B 72 -3.70 -4.53 -38.53
C LEU B 72 -3.41 -3.96 -39.91
N LEU B 73 -2.14 -3.76 -40.22
CA LEU B 73 -1.76 -3.24 -41.54
C LEU B 73 -2.14 -4.19 -42.68
N ALA B 74 -2.14 -5.50 -42.39
CA ALA B 74 -2.50 -6.49 -43.41
C ALA B 74 -3.97 -6.38 -43.83
N ASP B 75 -4.81 -5.89 -42.95
CA ASP B 75 -6.25 -5.72 -43.24
C ASP B 75 -6.66 -4.28 -43.51
N ALA B 76 -5.69 -3.37 -43.58
CA ALA B 76 -5.98 -1.96 -43.83
C ALA B 76 -6.45 -1.69 -45.26
N GLN B 77 -7.28 -0.66 -45.42
CA GLN B 77 -7.76 -0.29 -46.75
C GLN B 77 -6.55 0.24 -47.50
N PRO B 78 -6.54 0.09 -48.83
CA PRO B 78 -5.41 0.58 -49.59
C PRO B 78 -5.24 2.10 -49.66
N PHE B 79 -3.99 2.50 -49.91
CA PHE B 79 -3.63 3.90 -50.06
C PHE B 79 -2.51 3.88 -51.08
N PRO B 80 -2.60 4.72 -52.12
CA PRO B 80 -1.56 4.79 -53.16
C PRO B 80 -0.30 5.46 -52.63
N ARG B 81 0.62 4.64 -52.15
CA ARG B 81 1.88 5.12 -51.57
C ARG B 81 2.83 5.75 -52.59
N PRO B 82 3.28 7.00 -52.34
CA PRO B 82 4.19 7.66 -53.28
C PRO B 82 5.62 7.17 -53.08
N ASP B 83 6.48 7.45 -54.07
CA ASP B 83 7.88 7.05 -54.02
C ASP B 83 8.79 8.07 -53.34
N TYR B 84 8.30 9.29 -53.15
CA TYR B 84 9.10 10.33 -52.52
C TYR B 84 9.09 10.21 -50.99
N ASP B 85 10.04 10.87 -50.33
CA ASP B 85 10.12 10.82 -48.88
C ASP B 85 8.93 11.55 -48.26
N PHE B 86 8.39 11.00 -47.18
CA PHE B 86 7.30 11.63 -46.46
C PHE B 86 7.21 11.04 -45.06
N ALA B 87 6.55 11.74 -44.15
CA ALA B 87 6.47 11.26 -42.78
C ALA B 87 5.12 11.44 -42.09
N ASP B 88 5.03 10.87 -40.90
CA ASP B 88 3.84 10.98 -40.07
C ASP B 88 4.32 11.69 -38.80
N ILE B 89 3.40 12.34 -38.10
CA ILE B 89 3.71 12.99 -36.84
C ILE B 89 2.44 12.76 -36.02
N VAL B 90 2.58 11.95 -34.98
CA VAL B 90 1.42 11.56 -34.19
C VAL B 90 1.84 11.07 -32.79
N GLY B 91 0.89 11.05 -31.87
CA GLY B 91 1.17 10.58 -30.52
C GLY B 91 0.12 9.61 -30.04
N THR B 92 0.45 8.86 -28.99
CA THR B 92 -0.48 7.88 -28.42
C THR B 92 -1.57 8.54 -27.59
N GLY B 93 -1.31 9.75 -27.13
CA GLY B 93 -2.28 10.42 -26.26
C GLY B 93 -2.06 9.76 -24.91
N GLY B 94 -2.89 10.07 -23.91
CA GLY B 94 -2.69 9.44 -22.62
C GLY B 94 -2.86 10.34 -21.40
N ASP B 95 -2.16 11.47 -21.38
CA ASP B 95 -2.28 12.40 -20.27
C ASP B 95 -3.63 13.11 -20.35
N GLY B 96 -4.43 12.98 -19.30
CA GLY B 96 -5.74 13.59 -19.30
C GLY B 96 -5.86 14.96 -18.68
N THR B 97 -4.89 15.84 -18.94
CA THR B 97 -4.94 17.20 -18.39
C THR B 97 -5.51 18.16 -19.42
N ASN B 98 -5.79 17.65 -20.61
CA ASN B 98 -6.37 18.44 -21.70
C ASN B 98 -5.45 19.54 -22.21
N SER B 99 -4.20 19.19 -22.48
CA SER B 99 -3.23 20.14 -23.02
C SER B 99 -3.58 20.28 -24.50
N ILE B 100 -3.22 21.40 -25.12
CA ILE B 100 -3.56 21.60 -26.53
C ILE B 100 -2.86 20.64 -27.48
N ASN B 101 -3.53 20.33 -28.59
CA ASN B 101 -2.97 19.45 -29.61
C ASN B 101 -1.77 20.19 -30.22
N ILE B 102 -0.69 19.46 -30.51
CA ILE B 102 0.51 20.07 -31.06
C ILE B 102 0.88 19.49 -32.43
N SER B 103 0.62 18.20 -32.61
CA SER B 103 0.95 17.50 -33.84
C SER B 103 0.30 18.05 -35.11
N THR B 104 -0.97 18.44 -35.01
CA THR B 104 -1.67 18.96 -36.18
C THR B 104 -1.07 20.26 -36.68
N ALA B 105 -0.82 21.20 -35.77
CA ALA B 105 -0.22 22.47 -36.17
C ALA B 105 1.18 22.20 -36.74
N SER B 106 1.91 21.27 -36.11
CA SER B 106 3.24 20.94 -36.58
C SER B 106 3.19 20.42 -38.01
N ALA B 107 2.19 19.59 -38.30
CA ALA B 107 2.06 19.03 -39.64
C ALA B 107 1.94 20.13 -40.71
N PHE B 108 1.08 21.12 -40.45
CA PHE B 108 0.87 22.20 -41.41
C PHE B 108 2.09 23.12 -41.53
N VAL B 109 2.80 23.33 -40.43
CA VAL B 109 3.98 24.19 -40.49
C VAL B 109 5.07 23.46 -41.30
N ALA B 110 5.24 22.17 -41.03
CA ALA B 110 6.25 21.39 -41.75
C ALA B 110 5.93 21.36 -43.24
N ALA B 111 4.66 21.14 -43.56
CA ALA B 111 4.21 21.08 -44.94
C ALA B 111 4.51 22.41 -45.63
N SER B 112 4.32 23.52 -44.93
CA SER B 112 4.59 24.84 -45.49
C SER B 112 6.08 25.00 -45.78
N CYS B 113 6.92 24.29 -45.02
CA CYS B 113 8.36 24.34 -45.20
C CYS B 113 8.79 23.51 -46.41
N GLY B 114 7.96 22.55 -46.80
CA GLY B 114 8.28 21.71 -47.93
C GLY B 114 8.35 20.23 -47.57
N ALA B 115 8.17 19.92 -46.29
CA ALA B 115 8.22 18.54 -45.84
C ALA B 115 6.88 17.83 -46.09
N LYS B 116 6.94 16.63 -46.64
CA LYS B 116 5.73 15.84 -46.93
C LYS B 116 5.22 15.15 -45.67
N VAL B 117 3.99 15.45 -45.27
CA VAL B 117 3.42 14.85 -44.07
C VAL B 117 2.08 14.16 -44.33
N ALA B 118 2.06 12.84 -44.17
CA ALA B 118 0.85 12.06 -44.34
C ALA B 118 0.49 11.65 -42.90
N LYS B 119 -0.24 12.53 -42.22
CA LYS B 119 -0.63 12.30 -40.83
C LYS B 119 -1.77 11.29 -40.75
N HIS B 120 -1.71 10.47 -39.71
CA HIS B 120 -2.70 9.41 -39.47
C HIS B 120 -3.10 9.44 -38.00
N GLY B 121 -4.38 9.21 -37.72
CA GLY B 121 -4.83 9.22 -36.35
C GLY B 121 -6.27 8.76 -36.18
N ASN B 122 -6.58 8.28 -34.97
CA ASN B 122 -7.93 7.82 -34.68
C ASN B 122 -8.62 8.88 -33.83
N ARG B 123 -9.88 8.65 -33.47
CA ARG B 123 -10.63 9.60 -32.66
C ARG B 123 -9.74 10.15 -31.56
N LEU B 129 -10.41 14.68 -25.96
CA LEU B 129 -9.90 16.04 -25.64
C LEU B 129 -9.42 16.74 -26.91
N ALA B 130 -10.35 16.95 -27.84
CA ALA B 130 -10.06 17.61 -29.11
C ALA B 130 -8.79 17.09 -29.77
N GLY B 131 -8.82 15.83 -30.20
CA GLY B 131 -7.67 15.23 -30.85
C GLY B 131 -7.46 15.85 -32.22
N SER B 132 -6.51 15.33 -32.99
CA SER B 132 -6.22 15.85 -34.31
C SER B 132 -7.42 15.84 -35.25
N CYS B 133 -8.11 14.70 -35.34
CA CYS B 133 -9.26 14.63 -36.23
C CYS B 133 -10.35 15.61 -35.84
N ASP B 134 -10.55 15.82 -34.53
CA ASP B 134 -11.59 16.76 -34.09
C ASP B 134 -11.27 18.17 -34.56
N LEU B 135 -10.01 18.57 -34.42
CA LEU B 135 -9.55 19.89 -34.84
C LEU B 135 -9.65 20.08 -36.34
N LEU B 136 -9.27 19.04 -37.09
CA LEU B 136 -9.34 19.13 -38.54
C LEU B 136 -10.79 19.28 -38.97
N GLN B 137 -11.69 18.54 -38.33
CA GLN B 137 -13.11 18.65 -38.65
C GLN B 137 -13.54 20.10 -38.48
N ALA B 138 -13.15 20.69 -37.36
CA ALA B 138 -13.49 22.07 -37.04
C ALA B 138 -12.91 23.07 -38.04
N PHE B 139 -11.82 22.70 -38.71
CA PHE B 139 -11.22 23.59 -39.70
C PHE B 139 -11.83 23.37 -41.07
N GLY B 140 -12.80 22.46 -41.14
CA GLY B 140 -13.47 22.18 -42.39
C GLY B 140 -12.85 21.06 -43.24
N ILE B 141 -11.89 20.32 -42.68
CA ILE B 141 -11.28 19.23 -43.44
C ILE B 141 -12.15 17.97 -43.34
N ARG B 142 -12.40 17.35 -44.49
CA ARG B 142 -13.22 16.14 -44.60
C ARG B 142 -12.45 14.90 -44.13
N LEU B 143 -12.92 14.26 -43.05
CA LEU B 143 -12.23 13.07 -42.53
C LEU B 143 -12.43 11.83 -43.40
N ASP B 144 -13.51 11.80 -44.18
CA ASP B 144 -13.77 10.65 -45.03
C ASP B 144 -13.31 10.82 -46.47
N MET B 145 -12.39 11.76 -46.68
CA MET B 145 -11.81 12.03 -47.99
C MET B 145 -11.32 10.70 -48.56
N SER B 146 -11.43 10.51 -49.86
CA SER B 146 -10.99 9.26 -50.48
C SER B 146 -9.47 9.17 -50.45
N ALA B 147 -8.94 7.95 -50.50
CA ALA B 147 -7.49 7.77 -50.47
C ALA B 147 -6.89 8.49 -51.67
N GLU B 148 -7.61 8.50 -52.78
CA GLU B 148 -7.11 9.18 -53.98
C GLU B 148 -6.99 10.70 -53.78
N ASP B 149 -7.99 11.31 -53.15
CA ASP B 149 -7.94 12.76 -52.92
C ASP B 149 -6.90 13.13 -51.87
N SER B 150 -6.71 12.26 -50.88
CA SER B 150 -5.70 12.52 -49.85
C SER B 150 -4.31 12.47 -50.50
N ARG B 151 -4.09 11.47 -51.35
CA ARG B 151 -2.79 11.35 -52.03
C ARG B 151 -2.55 12.58 -52.91
N GLN B 152 -3.60 13.10 -53.53
CA GLN B 152 -3.43 14.27 -54.39
C GLN B 152 -3.08 15.48 -53.53
N ALA B 153 -3.64 15.54 -52.32
CA ALA B 153 -3.34 16.64 -51.39
C ALA B 153 -1.90 16.52 -50.92
N LEU B 154 -1.45 15.29 -50.67
CA LEU B 154 -0.08 15.06 -50.24
C LEU B 154 0.87 15.54 -51.35
N ASP B 155 0.49 15.29 -52.60
CA ASP B 155 1.29 15.70 -53.75
C ASP B 155 1.33 17.23 -53.86
N ASP B 156 0.15 17.84 -53.96
CA ASP B 156 0.03 19.28 -54.11
C ASP B 156 0.37 20.16 -52.90
N LEU B 157 -0.21 19.81 -51.76
CA LEU B 157 -0.04 20.60 -50.54
C LEU B 157 0.97 20.11 -49.50
N ASN B 158 1.61 18.97 -49.76
CA ASN B 158 2.58 18.36 -48.85
C ASN B 158 1.95 17.85 -47.56
N VAL B 159 0.63 17.70 -47.56
CA VAL B 159 -0.06 17.21 -46.36
C VAL B 159 -1.44 16.63 -46.64
N CYS B 160 -1.79 15.61 -45.87
CA CYS B 160 -3.10 14.96 -45.95
C CYS B 160 -3.32 14.31 -44.58
N PHE B 161 -4.54 13.88 -44.32
CA PHE B 161 -4.85 13.23 -43.06
C PHE B 161 -5.61 11.95 -43.33
N LEU B 162 -5.13 10.87 -42.75
CA LEU B 162 -5.73 9.55 -42.90
C LEU B 162 -6.39 9.18 -41.56
N PHE B 163 -7.72 9.19 -41.55
CA PHE B 163 -8.51 8.89 -40.37
C PHE B 163 -8.60 7.37 -40.17
N ALA B 164 -8.05 6.91 -39.05
CA ALA B 164 -8.00 5.49 -38.72
C ALA B 164 -9.27 4.68 -38.96
N PRO B 165 -10.44 5.17 -38.49
CA PRO B 165 -11.68 4.42 -38.69
C PRO B 165 -12.02 4.19 -40.17
N GLN B 166 -11.44 5.01 -41.04
CA GLN B 166 -11.68 4.92 -42.49
C GLN B 166 -10.79 3.85 -43.14
N TYR B 167 -9.63 3.61 -42.55
CA TYR B 167 -8.69 2.65 -43.10
C TYR B 167 -8.59 1.32 -42.36
N HIS B 168 -8.94 1.30 -41.08
CA HIS B 168 -8.86 0.08 -40.29
C HIS B 168 -10.25 -0.25 -39.75
N THR B 169 -11.04 -0.96 -40.54
CA THR B 169 -12.41 -1.29 -40.14
C THR B 169 -12.50 -2.16 -38.90
N GLY B 170 -11.47 -2.96 -38.64
CA GLY B 170 -11.47 -3.83 -37.48
C GLY B 170 -10.90 -3.28 -36.19
N PHE B 171 -10.35 -2.07 -36.22
CA PHE B 171 -9.77 -1.50 -35.00
C PHE B 171 -10.83 -1.29 -33.92
N ARG B 172 -12.05 -1.00 -34.35
CA ARG B 172 -13.16 -0.77 -33.43
C ARG B 172 -13.61 -1.98 -32.62
N HIS B 173 -13.13 -3.17 -32.97
CA HIS B 173 -13.52 -4.37 -32.24
C HIS B 173 -13.05 -4.37 -30.78
N ALA B 174 -11.97 -3.65 -30.50
CA ALA B 174 -11.41 -3.61 -29.16
C ALA B 174 -11.91 -2.48 -28.28
N MET B 175 -12.65 -1.53 -28.85
CA MET B 175 -13.13 -0.39 -28.08
C MET B 175 -13.94 -0.68 -26.82
N PRO B 176 -14.96 -1.54 -26.91
CA PRO B 176 -15.73 -1.82 -25.69
C PRO B 176 -14.85 -2.33 -24.56
N VAL B 177 -14.06 -3.38 -24.83
CA VAL B 177 -13.17 -3.93 -23.82
C VAL B 177 -12.20 -2.88 -23.27
N ARG B 178 -11.61 -2.09 -24.15
CA ARG B 178 -10.67 -1.07 -23.73
C ARG B 178 -11.30 -0.05 -22.78
N GLN B 179 -12.52 0.38 -23.11
CA GLN B 179 -13.22 1.36 -22.28
C GLN B 179 -13.55 0.78 -20.91
N GLN B 180 -14.04 -0.45 -20.91
CA GLN B 180 -14.42 -1.12 -19.67
C GLN B 180 -13.24 -1.46 -18.76
N LEU B 181 -12.09 -1.79 -19.36
CA LEU B 181 -10.90 -2.14 -18.57
C LEU B 181 -10.28 -0.95 -17.87
N LYS B 182 -10.43 0.24 -18.47
CA LYS B 182 -9.89 1.47 -17.90
C LYS B 182 -8.45 1.38 -17.43
N THR B 183 -7.60 0.76 -18.26
CA THR B 183 -6.18 0.63 -17.95
C THR B 183 -5.44 0.54 -19.28
N ARG B 184 -4.17 0.94 -19.28
CA ARG B 184 -3.36 0.90 -20.50
C ARG B 184 -3.12 -0.51 -21.03
N THR B 185 -3.27 -0.70 -22.34
CA THR B 185 -3.00 -2.00 -22.96
C THR B 185 -2.19 -1.73 -24.22
N ILE B 186 -1.80 -2.79 -24.93
CA ILE B 186 -1.00 -2.62 -26.14
C ILE B 186 -1.74 -1.79 -27.19
N PHE B 187 -3.06 -1.78 -27.16
CA PHE B 187 -3.80 -0.99 -28.13
C PHE B 187 -3.53 0.50 -28.00
N ASN B 188 -3.06 0.92 -26.83
CA ASN B 188 -2.75 2.33 -26.61
C ASN B 188 -1.54 2.79 -27.42
N VAL B 189 -0.75 1.84 -27.92
CA VAL B 189 0.44 2.18 -28.71
C VAL B 189 0.37 1.74 -30.17
N LEU B 190 -0.65 0.97 -30.52
CA LEU B 190 -0.81 0.48 -31.89
C LEU B 190 -1.21 1.53 -32.93
N GLY B 191 -2.09 2.46 -32.54
CA GLY B 191 -2.54 3.49 -33.48
C GLY B 191 -1.46 4.21 -34.26
N PRO B 192 -0.44 4.77 -33.58
CA PRO B 192 0.64 5.49 -34.27
C PRO B 192 1.47 4.61 -35.21
N LEU B 193 1.42 3.29 -34.98
CA LEU B 193 2.20 2.35 -35.79
C LEU B 193 1.53 1.78 -37.04
N ILE B 194 0.27 2.10 -37.27
CA ILE B 194 -0.42 1.54 -38.43
C ILE B 194 -0.87 2.50 -39.52
N ASN B 195 -0.04 3.49 -39.82
CA ASN B 195 -0.35 4.46 -40.88
C ASN B 195 -0.46 3.62 -42.17
N PRO B 196 -1.62 3.64 -42.83
CA PRO B 196 -1.80 2.86 -44.06
C PRO B 196 -0.97 3.26 -45.28
N ALA B 197 -0.29 4.41 -45.20
CA ALA B 197 0.56 4.87 -46.30
C ALA B 197 1.96 4.29 -46.11
N ARG B 198 2.17 3.66 -44.95
CA ARG B 198 3.45 3.05 -44.60
C ARG B 198 4.62 3.99 -44.91
N PRO B 199 4.63 5.16 -44.24
CA PRO B 199 5.68 6.16 -44.42
C PRO B 199 7.03 5.65 -43.97
N PRO B 200 8.11 6.12 -44.63
CA PRO B 200 9.46 5.70 -44.27
C PRO B 200 9.98 6.45 -43.05
N LYS B 201 9.32 7.56 -42.72
CA LYS B 201 9.73 8.41 -41.60
C LYS B 201 8.57 8.72 -40.65
N ALA B 202 8.89 8.91 -39.37
CA ALA B 202 7.84 9.24 -38.41
C ALA B 202 8.33 9.78 -37.08
N LEU B 203 7.63 10.80 -36.57
CA LEU B 203 7.92 11.38 -35.27
C LEU B 203 6.72 10.88 -34.46
N ILE B 204 6.99 9.98 -33.52
CA ILE B 204 5.94 9.37 -32.70
C ILE B 204 6.09 9.64 -31.22
N GLY B 205 5.04 10.14 -30.59
CA GLY B 205 5.08 10.43 -29.17
C GLY B 205 4.40 9.33 -28.38
N VAL B 206 4.95 8.98 -27.21
CA VAL B 206 4.35 7.95 -26.38
C VAL B 206 4.09 8.50 -24.98
N TYR B 207 3.13 7.88 -24.28
CA TYR B 207 2.72 8.35 -22.96
C TYR B 207 3.62 8.07 -21.77
N SER B 208 4.68 7.29 -21.95
CA SER B 208 5.59 7.00 -20.85
C SER B 208 7.02 6.94 -21.36
N PRO B 209 8.00 7.26 -20.51
CA PRO B 209 9.40 7.21 -20.92
C PRO B 209 9.89 5.80 -21.26
N GLU B 210 9.41 4.81 -20.53
CA GLU B 210 9.84 3.43 -20.77
C GLU B 210 9.35 2.83 -22.09
N LEU B 211 8.42 3.50 -22.75
CA LEU B 211 7.90 3.01 -24.04
C LEU B 211 8.73 3.51 -25.24
N VAL B 212 9.53 4.55 -25.00
CA VAL B 212 10.32 5.13 -26.07
C VAL B 212 11.22 4.14 -26.84
N LEU B 213 12.08 3.42 -26.12
CA LEU B 213 12.99 2.49 -26.78
C LEU B 213 12.29 1.29 -27.45
N PRO B 214 11.43 0.58 -26.73
CA PRO B 214 10.77 -0.57 -27.39
C PRO B 214 9.92 -0.18 -28.60
N ILE B 215 9.32 1.00 -28.59
CA ILE B 215 8.53 1.40 -29.75
C ILE B 215 9.47 1.70 -30.92
N ALA B 216 10.61 2.30 -30.64
CA ALA B 216 11.56 2.59 -31.72
C ALA B 216 12.05 1.26 -32.28
N GLN B 217 12.21 0.28 -31.39
CA GLN B 217 12.66 -1.05 -31.80
C GLN B 217 11.62 -1.74 -32.68
N ALA B 218 10.34 -1.48 -32.40
CA ALA B 218 9.25 -2.05 -33.19
C ALA B 218 9.21 -1.41 -34.57
N LEU B 219 9.39 -0.09 -34.60
CA LEU B 219 9.40 0.64 -35.85
C LEU B 219 10.47 0.10 -36.79
N LYS B 220 11.60 -0.33 -36.24
CA LYS B 220 12.66 -0.88 -37.08
C LYS B 220 12.17 -2.18 -37.71
N VAL B 221 11.53 -3.02 -36.89
CA VAL B 221 11.01 -4.29 -37.38
C VAL B 221 9.96 -4.06 -38.46
N LEU B 222 9.19 -2.99 -38.33
CA LEU B 222 8.14 -2.68 -39.30
C LEU B 222 8.64 -2.12 -40.63
N GLY B 223 9.95 -1.83 -40.71
CA GLY B 223 10.51 -1.30 -41.94
C GLY B 223 10.74 0.19 -42.03
N TYR B 224 10.55 0.92 -40.93
CA TYR B 224 10.77 2.35 -40.95
C TYR B 224 12.26 2.65 -41.21
N LYS B 225 12.52 3.72 -41.96
CA LYS B 225 13.89 4.10 -42.30
C LYS B 225 14.49 5.09 -41.31
N ASN B 226 13.77 6.18 -41.04
CA ASN B 226 14.23 7.20 -40.10
C ASN B 226 13.07 7.59 -39.21
N ALA B 227 13.23 7.42 -37.91
CA ALA B 227 12.16 7.76 -37.00
C ALA B 227 12.69 8.19 -35.64
N ALA B 228 11.84 8.92 -34.92
CA ALA B 228 12.18 9.38 -33.58
C ALA B 228 10.95 9.17 -32.71
N VAL B 229 11.14 8.52 -31.57
CA VAL B 229 10.05 8.25 -30.64
C VAL B 229 10.36 9.14 -29.45
N VAL B 230 9.37 9.84 -28.93
CA VAL B 230 9.60 10.78 -27.82
C VAL B 230 8.57 10.80 -26.68
N HIS B 231 9.05 11.27 -25.53
CA HIS B 231 8.20 11.46 -24.35
C HIS B 231 8.90 12.52 -23.50
N GLY B 232 8.17 13.55 -23.12
CA GLY B 232 8.78 14.60 -22.30
C GLY B 232 7.87 15.14 -21.21
N GLY B 233 8.35 15.08 -19.98
CA GLY B 233 7.57 15.58 -18.84
C GLY B 233 6.11 15.18 -18.80
N GLY B 234 5.83 13.91 -19.06
CA GLY B 234 4.45 13.44 -19.03
C GLY B 234 3.68 13.59 -20.33
N MET B 235 4.26 14.25 -21.33
CA MET B 235 3.58 14.44 -22.60
C MET B 235 4.13 13.58 -23.74
N ASP B 236 3.23 13.17 -24.64
CA ASP B 236 3.58 12.35 -25.80
C ASP B 236 4.00 13.24 -26.97
N GLU B 237 5.02 14.07 -26.75
CA GLU B 237 5.51 14.99 -27.78
C GLU B 237 6.84 15.57 -27.31
N VAL B 238 7.48 16.36 -28.16
CA VAL B 238 8.72 17.01 -27.75
C VAL B 238 8.22 18.05 -26.75
N ALA B 239 8.74 18.02 -25.53
CA ALA B 239 8.28 18.95 -24.50
C ALA B 239 8.96 20.31 -24.50
N ILE B 240 8.21 21.32 -24.07
CA ILE B 240 8.73 22.66 -24.00
C ILE B 240 8.96 23.04 -22.53
N HIS B 241 8.43 22.23 -21.63
CA HIS B 241 8.53 22.50 -20.19
C HIS B 241 9.52 21.59 -19.46
N THR B 242 10.11 20.64 -20.17
CA THR B 242 11.03 19.69 -19.54
C THR B 242 11.88 18.97 -20.58
N PRO B 243 12.85 18.18 -20.11
CA PRO B 243 13.68 17.46 -21.08
C PRO B 243 12.82 16.40 -21.77
N THR B 244 13.21 16.01 -22.99
CA THR B 244 12.49 15.01 -23.76
C THR B 244 13.33 13.75 -23.96
N GLN B 245 12.77 12.60 -23.64
CA GLN B 245 13.48 11.33 -23.83
C GLN B 245 13.27 10.94 -25.29
N VAL B 246 14.36 10.63 -25.98
CA VAL B 246 14.25 10.26 -27.40
C VAL B 246 14.90 8.91 -27.70
N ALA B 247 14.41 8.26 -28.75
CA ALA B 247 14.98 7.02 -29.27
C ALA B 247 14.90 7.28 -30.77
N GLU B 248 16.04 7.46 -31.41
CA GLU B 248 16.05 7.74 -32.84
C GLU B 248 16.59 6.61 -33.69
N LEU B 249 15.82 6.21 -34.70
CA LEU B 249 16.21 5.16 -35.64
C LEU B 249 16.80 5.83 -36.88
N ASN B 250 18.02 5.44 -37.24
CA ASN B 250 18.69 6.00 -38.40
C ASN B 250 19.73 5.02 -38.92
N ASN B 251 19.73 4.78 -40.22
CA ASN B 251 20.70 3.86 -40.82
C ASN B 251 20.68 2.50 -40.14
N GLY B 252 19.49 2.02 -39.80
CA GLY B 252 19.35 0.72 -39.16
C GLY B 252 19.84 0.64 -37.73
N GLU B 253 20.14 1.79 -37.12
CA GLU B 253 20.60 1.80 -35.75
C GLU B 253 19.73 2.72 -34.90
N ILE B 254 19.55 2.36 -33.63
CA ILE B 254 18.73 3.14 -32.71
C ILE B 254 19.56 3.78 -31.62
N GLU B 255 19.45 5.11 -31.50
CA GLU B 255 20.19 5.88 -30.50
C GLU B 255 19.27 6.46 -29.45
N SER B 256 19.64 6.31 -28.17
CA SER B 256 18.86 6.88 -27.07
C SER B 256 19.55 8.15 -26.59
N TYR B 257 18.77 9.21 -26.38
CA TYR B 257 19.32 10.46 -25.86
C TYR B 257 18.20 11.37 -25.40
N GLN B 258 18.56 12.45 -24.71
CA GLN B 258 17.55 13.39 -24.27
C GLN B 258 17.84 14.76 -24.87
N LEU B 259 16.80 15.58 -24.95
CA LEU B 259 16.91 16.93 -25.47
C LEU B 259 16.25 17.87 -24.45
N SER B 260 16.67 19.14 -24.48
CA SER B 260 16.11 20.17 -23.59
C SER B 260 15.61 21.31 -24.48
N PRO B 261 14.68 22.13 -23.99
CA PRO B 261 14.19 23.24 -24.82
C PRO B 261 15.32 24.14 -25.34
N GLN B 262 16.33 24.37 -24.51
CA GLN B 262 17.43 25.24 -24.95
C GLN B 262 18.21 24.67 -26.13
N ASP B 263 18.11 23.37 -26.35
CA ASP B 263 18.80 22.73 -27.46
C ASP B 263 18.20 23.21 -28.78
N PHE B 264 16.95 23.68 -28.71
CA PHE B 264 16.25 24.20 -29.88
C PHE B 264 16.37 25.72 -29.90
N GLY B 265 17.04 26.27 -28.88
CA GLY B 265 17.18 27.71 -28.79
C GLY B 265 15.86 28.32 -28.35
N LEU B 266 15.06 27.55 -27.62
CA LEU B 266 13.76 28.02 -27.17
C LEU B 266 13.67 28.19 -25.66
N GLN B 267 12.85 29.14 -25.22
CA GLN B 267 12.66 29.39 -23.79
C GLN B 267 11.81 28.22 -23.27
N SER B 268 11.95 27.88 -21.99
CA SER B 268 11.19 26.77 -21.41
C SER B 268 9.93 27.29 -20.71
N TYR B 269 8.77 27.02 -21.32
CA TYR B 269 7.50 27.45 -20.74
C TYR B 269 6.86 26.35 -19.93
N SER B 270 5.98 26.74 -19.01
CA SER B 270 5.29 25.79 -18.15
C SER B 270 4.27 24.98 -18.94
N LEU B 271 3.94 23.79 -18.44
CA LEU B 271 2.94 22.96 -19.10
C LEU B 271 1.60 23.67 -19.02
N ASN B 272 1.41 24.47 -17.98
CA ASN B 272 0.17 25.22 -17.81
C ASN B 272 -0.03 26.22 -18.95
N ALA B 273 1.06 26.64 -19.59
CA ALA B 273 0.99 27.59 -20.70
C ALA B 273 0.45 26.92 -21.97
N LEU B 274 0.25 25.61 -21.92
CA LEU B 274 -0.26 24.87 -23.08
C LEU B 274 -1.65 24.29 -22.81
N GLN B 275 -2.29 24.76 -21.75
CA GLN B 275 -3.62 24.25 -21.38
C GLN B 275 -4.68 24.52 -22.45
N GLY B 276 -5.45 23.49 -22.78
CA GLY B 276 -6.50 23.66 -23.77
C GLY B 276 -7.85 23.81 -23.11
N GLY B 277 -8.91 23.81 -23.92
CA GLY B 277 -10.24 23.96 -23.36
C GLY B 277 -11.29 23.19 -24.13
N THR B 278 -12.43 23.82 -24.36
CA THR B 278 -13.52 23.20 -25.10
C THR B 278 -13.07 23.07 -26.55
N PRO B 279 -13.75 22.21 -27.33
CA PRO B 279 -13.39 22.01 -28.74
C PRO B 279 -13.37 23.30 -29.55
N GLU B 280 -14.32 24.20 -29.30
CA GLU B 280 -14.34 25.46 -30.04
C GLU B 280 -13.16 26.33 -29.64
N GLU B 281 -12.82 26.31 -28.35
CA GLU B 281 -11.70 27.10 -27.86
C GLU B 281 -10.38 26.61 -28.45
N ASN B 282 -10.21 25.29 -28.52
CA ASN B 282 -8.98 24.73 -29.09
C ASN B 282 -8.87 25.11 -30.56
N ARG B 283 -10.00 25.10 -31.27
CA ARG B 283 -10.00 25.46 -32.68
C ARG B 283 -9.44 26.87 -32.85
N ASP B 284 -9.98 27.81 -32.06
CA ASP B 284 -9.54 29.20 -32.14
C ASP B 284 -8.09 29.39 -31.70
N ILE B 285 -7.64 28.61 -30.72
CA ILE B 285 -6.25 28.72 -30.26
C ILE B 285 -5.33 28.32 -31.40
N LEU B 286 -5.62 27.19 -32.03
CA LEU B 286 -4.80 26.67 -33.13
C LEU B 286 -4.89 27.56 -34.37
N ALA B 287 -6.06 28.10 -34.65
CA ALA B 287 -6.22 28.99 -35.79
C ALA B 287 -5.36 30.23 -35.60
N ARG B 288 -5.42 30.81 -34.40
CA ARG B 288 -4.60 32.01 -34.13
C ARG B 288 -3.12 31.67 -34.27
N LEU B 289 -2.71 30.52 -33.73
CA LEU B 289 -1.32 30.10 -33.82
C LEU B 289 -0.83 30.04 -35.27
N LEU B 290 -1.52 29.28 -36.10
CA LEU B 290 -1.12 29.12 -37.49
C LEU B 290 -1.24 30.43 -38.31
N GLN B 291 -2.00 31.38 -37.79
CA GLN B 291 -2.18 32.67 -38.46
C GLN B 291 -1.10 33.64 -37.99
N GLY B 292 -0.25 33.18 -37.07
CA GLY B 292 0.82 34.02 -36.57
C GLY B 292 0.36 35.00 -35.50
N LYS B 293 -0.63 34.60 -34.72
CA LYS B 293 -1.17 35.45 -33.66
C LYS B 293 -1.43 34.67 -32.38
N GLY B 294 -0.71 33.57 -32.20
CA GLY B 294 -0.93 32.75 -31.01
C GLY B 294 -0.04 33.07 -29.83
N ASP B 295 -0.21 32.29 -28.76
CA ASP B 295 0.57 32.45 -27.54
C ASP B 295 2.01 32.03 -27.81
N ALA B 296 2.96 32.73 -27.19
CA ALA B 296 4.37 32.42 -27.37
C ALA B 296 4.72 30.97 -27.04
N ALA B 297 4.15 30.44 -25.96
CA ALA B 297 4.41 29.07 -25.56
C ALA B 297 3.93 28.05 -26.58
N HIS B 298 2.79 28.34 -27.20
CA HIS B 298 2.22 27.43 -28.19
C HIS B 298 3.15 27.40 -29.41
N ALA B 299 3.59 28.58 -29.84
CA ALA B 299 4.47 28.67 -30.99
C ALA B 299 5.77 27.92 -30.70
N ARG B 300 6.28 28.05 -29.48
CA ARG B 300 7.51 27.37 -29.10
C ARG B 300 7.38 25.85 -29.11
N GLN B 301 6.26 25.36 -28.58
CA GLN B 301 6.03 23.92 -28.56
C GLN B 301 5.98 23.38 -29.98
N VAL B 302 5.24 24.04 -30.86
CA VAL B 302 5.15 23.57 -32.24
C VAL B 302 6.54 23.61 -32.91
N ALA B 303 7.27 24.70 -32.70
CA ALA B 303 8.59 24.82 -33.31
C ALA B 303 9.53 23.68 -32.91
N ALA B 304 9.46 23.25 -31.65
CA ALA B 304 10.33 22.17 -31.17
C ALA B 304 9.99 20.84 -31.85
N ASN B 305 8.70 20.59 -32.02
CA ASN B 305 8.26 19.36 -32.65
C ASN B 305 8.55 19.35 -34.14
N VAL B 306 8.34 20.49 -34.80
CA VAL B 306 8.62 20.61 -36.22
C VAL B 306 10.13 20.41 -36.41
N ALA B 307 10.92 20.98 -35.50
CA ALA B 307 12.38 20.89 -35.58
C ALA B 307 12.89 19.45 -35.56
N LEU B 308 12.35 18.63 -34.67
CA LEU B 308 12.80 17.23 -34.60
C LEU B 308 12.29 16.46 -35.81
N LEU B 309 11.10 16.81 -36.30
CA LEU B 309 10.58 16.13 -37.48
C LEU B 309 11.50 16.38 -38.68
N LEU B 310 11.91 17.63 -38.87
CA LEU B 310 12.79 17.98 -39.98
C LEU B 310 14.14 17.27 -39.89
N LYS B 311 14.55 16.90 -38.69
CA LYS B 311 15.81 16.18 -38.52
C LYS B 311 15.70 14.84 -39.23
N LEU B 312 14.48 14.29 -39.28
CA LEU B 312 14.27 13.02 -39.94
C LEU B 312 14.47 13.16 -41.44
N PHE B 313 14.39 14.40 -41.92
CA PHE B 313 14.57 14.70 -43.34
C PHE B 313 15.99 15.20 -43.64
N GLY B 314 16.92 14.96 -42.72
CA GLY B 314 18.29 15.38 -42.95
C GLY B 314 18.75 16.74 -42.45
N GLN B 315 17.86 17.52 -41.86
CA GLN B 315 18.22 18.83 -41.32
C GLN B 315 18.64 18.60 -39.87
N ASP B 316 19.95 18.49 -39.66
CA ASP B 316 20.50 18.18 -38.35
C ASP B 316 20.61 19.28 -37.27
N ASN B 317 20.57 20.54 -37.67
CA ASN B 317 20.68 21.61 -36.68
C ASN B 317 19.29 21.95 -36.12
N LEU B 318 18.97 21.38 -34.96
CA LEU B 318 17.68 21.61 -34.32
C LEU B 318 17.36 23.07 -34.05
N ARG B 319 18.38 23.84 -33.66
CA ARG B 319 18.17 25.26 -33.39
C ARG B 319 17.78 25.98 -34.68
N HIS B 320 18.49 25.69 -35.77
CA HIS B 320 18.15 26.32 -37.04
C HIS B 320 16.72 25.93 -37.42
N ASN B 321 16.42 24.64 -37.32
CA ASN B 321 15.08 24.15 -37.65
C ASN B 321 13.98 24.89 -36.89
N ALA B 322 14.14 25.03 -35.57
CA ALA B 322 13.12 25.70 -34.76
C ALA B 322 12.94 27.17 -35.14
N GLN B 323 14.06 27.88 -35.34
CA GLN B 323 13.97 29.29 -35.71
C GLN B 323 13.20 29.44 -37.01
N LEU B 324 13.45 28.55 -37.96
CA LEU B 324 12.76 28.60 -39.24
C LEU B 324 11.28 28.28 -39.03
N ALA B 325 10.99 27.32 -38.15
CA ALA B 325 9.61 26.96 -37.88
C ALA B 325 8.89 28.18 -37.30
N LEU B 326 9.56 28.91 -36.41
CA LEU B 326 8.96 30.09 -35.80
C LEU B 326 8.66 31.14 -36.87
N GLU B 327 9.59 31.33 -37.79
CA GLU B 327 9.40 32.30 -38.86
C GLU B 327 8.21 31.89 -39.72
N THR B 328 8.11 30.58 -39.98
CA THR B 328 7.01 30.07 -40.78
C THR B 328 5.69 30.33 -40.05
N ILE B 329 5.68 30.09 -38.74
CA ILE B 329 4.48 30.32 -37.94
C ILE B 329 4.08 31.79 -38.01
N ARG B 330 5.05 32.68 -37.78
CA ARG B 330 4.80 34.12 -37.81
C ARG B 330 4.19 34.62 -39.12
N SER B 331 4.60 34.03 -40.25
CA SER B 331 4.11 34.43 -41.56
C SER B 331 2.62 34.14 -41.75
N GLY B 332 2.13 33.12 -41.06
CA GLY B 332 0.73 32.76 -41.18
C GLY B 332 0.47 31.92 -42.41
N THR B 333 1.52 31.56 -43.13
CA THR B 333 1.38 30.75 -44.34
C THR B 333 0.77 29.38 -44.04
N ALA B 334 1.02 28.86 -42.84
CA ALA B 334 0.49 27.56 -42.46
C ALA B 334 -1.03 27.53 -42.40
N PHE B 335 -1.65 28.65 -42.03
CA PHE B 335 -3.11 28.67 -41.98
C PHE B 335 -3.67 28.71 -43.39
N GLU B 336 -2.93 29.32 -44.32
CA GLU B 336 -3.36 29.37 -45.70
C GLU B 336 -3.37 27.94 -46.23
N ARG B 337 -2.43 27.13 -45.73
CA ARG B 337 -2.32 25.73 -46.13
C ARG B 337 -3.51 24.94 -45.55
N VAL B 338 -3.96 25.32 -44.35
CA VAL B 338 -5.11 24.65 -43.75
C VAL B 338 -6.34 24.89 -44.64
N THR B 339 -6.50 26.14 -45.07
CA THR B 339 -7.60 26.52 -45.93
C THR B 339 -7.60 25.74 -47.24
N ALA B 340 -6.41 25.50 -47.78
CA ALA B 340 -6.28 24.76 -49.03
C ALA B 340 -6.71 23.31 -48.91
N LEU B 341 -6.36 22.66 -47.80
CA LEU B 341 -6.75 21.27 -47.61
C LEU B 341 -8.25 21.16 -47.38
N ALA B 342 -8.80 22.15 -46.68
CA ALA B 342 -10.25 22.15 -46.40
C ALA B 342 -11.04 22.24 -47.70
N ALA B 343 -10.41 22.76 -48.75
CA ALA B 343 -11.06 22.92 -50.05
C ALA B 343 -11.05 21.65 -50.88
N ARG B 344 -10.26 20.66 -50.46
CA ARG B 344 -10.18 19.40 -51.17
C ARG B 344 -11.31 18.44 -50.74
N THR C 12 -17.24 0.87 -7.14
CA THR C 12 -16.02 0.90 -7.99
C THR C 12 -14.90 0.05 -7.40
N HIS C 13 -14.37 -0.86 -8.21
CA HIS C 13 -13.30 -1.76 -7.78
C HIS C 13 -12.07 -1.67 -8.68
N GLN C 14 -11.94 -0.54 -9.37
CA GLN C 14 -10.79 -0.33 -10.25
C GLN C 14 -9.49 -0.43 -9.46
N PRO C 15 -9.47 0.10 -8.23
CA PRO C 15 -8.25 0.03 -7.41
C PRO C 15 -7.73 -1.38 -7.21
N ILE C 16 -8.63 -2.32 -6.92
CA ILE C 16 -8.21 -3.70 -6.71
C ILE C 16 -7.77 -4.35 -8.02
N LEU C 17 -8.42 -3.99 -9.12
CA LEU C 17 -8.03 -4.53 -10.42
C LEU C 17 -6.63 -4.03 -10.76
N GLU C 18 -6.40 -2.74 -10.53
CA GLU C 18 -5.11 -2.14 -10.80
C GLU C 18 -4.03 -2.85 -10.01
N LYS C 19 -4.34 -3.17 -8.76
CA LYS C 19 -3.41 -3.89 -7.90
C LYS C 19 -3.06 -5.22 -8.56
N LEU C 20 -4.08 -5.98 -8.95
CA LEU C 20 -3.89 -7.27 -9.59
C LEU C 20 -3.04 -7.17 -10.86
N PHE C 21 -3.26 -6.13 -11.64
CA PHE C 21 -2.52 -5.92 -12.89
C PHE C 21 -1.03 -5.69 -12.64
N LYS C 22 -0.68 -5.31 -11.42
CA LYS C 22 0.72 -5.08 -11.07
C LYS C 22 1.30 -6.36 -10.49
N SER C 23 0.54 -7.44 -10.61
CA SER C 23 0.95 -8.74 -10.10
C SER C 23 1.09 -8.72 -8.57
N GLN C 24 0.21 -7.98 -7.92
CA GLN C 24 0.21 -7.89 -6.46
C GLN C 24 -0.97 -8.71 -5.96
N SER C 25 -0.78 -9.42 -4.86
CA SER C 25 -1.85 -10.26 -4.31
C SER C 25 -2.80 -9.42 -3.46
N MET C 26 -4.05 -9.87 -3.38
CA MET C 26 -5.07 -9.18 -2.60
C MET C 26 -5.08 -9.73 -1.18
N THR C 27 -5.59 -8.94 -0.24
CA THR C 27 -5.73 -9.40 1.13
C THR C 27 -6.97 -10.29 1.10
N GLN C 28 -7.20 -11.05 2.16
CA GLN C 28 -8.37 -11.91 2.20
C GLN C 28 -9.64 -11.07 2.06
N GLU C 29 -9.67 -9.91 2.69
CA GLU C 29 -10.84 -9.04 2.60
C GLU C 29 -11.01 -8.42 1.21
N GLU C 30 -9.90 -8.04 0.59
CA GLU C 30 -9.97 -7.47 -0.75
C GLU C 30 -10.54 -8.51 -1.71
N SER C 31 -10.07 -9.74 -1.58
CA SER C 31 -10.54 -10.82 -2.44
C SER C 31 -12.03 -11.05 -2.17
N HIS C 32 -12.41 -11.04 -0.89
CA HIS C 32 -13.81 -11.22 -0.53
C HIS C 32 -14.67 -10.17 -1.21
N GLN C 33 -14.27 -8.91 -1.10
CA GLN C 33 -15.01 -7.81 -1.73
C GLN C 33 -15.11 -7.98 -3.26
N LEU C 34 -14.01 -8.36 -3.89
CA LEU C 34 -14.01 -8.53 -5.34
C LEU C 34 -14.98 -9.63 -5.79
N PHE C 35 -14.98 -10.76 -5.09
CA PHE C 35 -15.88 -11.83 -5.49
C PHE C 35 -17.33 -11.61 -5.09
N ALA C 36 -17.59 -10.80 -4.06
CA ALA C 36 -18.96 -10.51 -3.69
C ALA C 36 -19.57 -9.73 -4.86
N ALA C 37 -18.77 -8.84 -5.44
CA ALA C 37 -19.22 -8.03 -6.57
C ALA C 37 -19.45 -8.90 -7.81
N ILE C 38 -18.56 -9.86 -8.02
CA ILE C 38 -18.68 -10.75 -9.16
C ILE C 38 -19.99 -11.54 -9.12
N VAL C 39 -20.28 -12.16 -7.97
CA VAL C 39 -21.51 -12.97 -7.86
C VAL C 39 -22.77 -12.13 -7.81
N ARG C 40 -22.60 -10.82 -7.65
CA ARG C 40 -23.74 -9.90 -7.63
C ARG C 40 -23.92 -9.35 -9.04
N GLY C 41 -23.03 -9.76 -9.94
CA GLY C 41 -23.10 -9.33 -11.33
C GLY C 41 -22.74 -7.87 -11.54
N GLU C 42 -21.78 -7.38 -10.77
CA GLU C 42 -21.37 -5.98 -10.85
C GLU C 42 -20.19 -5.74 -11.81
N LEU C 43 -19.63 -6.80 -12.36
CA LEU C 43 -18.51 -6.67 -13.28
C LEU C 43 -18.88 -7.03 -14.71
N GLU C 44 -18.21 -6.38 -15.67
CA GLU C 44 -18.42 -6.65 -17.08
C GLU C 44 -17.62 -7.91 -17.39
N ASP C 45 -17.93 -8.59 -18.48
CA ASP C 45 -17.19 -9.81 -18.84
C ASP C 45 -15.69 -9.51 -18.95
N SER C 46 -15.36 -8.37 -19.53
CA SER C 46 -13.97 -7.96 -19.70
C SER C 46 -13.27 -7.86 -18.35
N GLN C 47 -13.93 -7.22 -17.40
CA GLN C 47 -13.38 -7.04 -16.07
C GLN C 47 -13.21 -8.37 -15.34
N LEU C 48 -14.21 -9.24 -15.45
CA LEU C 48 -14.13 -10.55 -14.81
C LEU C 48 -12.97 -11.36 -15.38
N ALA C 49 -12.87 -11.38 -16.71
CA ALA C 49 -11.79 -12.12 -17.38
C ALA C 49 -10.46 -11.56 -16.94
N ALA C 50 -10.38 -10.23 -16.89
CA ALA C 50 -9.14 -9.54 -16.50
C ALA C 50 -8.70 -9.94 -15.09
N ALA C 51 -9.65 -10.02 -14.17
CA ALA C 51 -9.35 -10.40 -12.79
C ALA C 51 -8.87 -11.84 -12.73
N LEU C 52 -9.66 -12.73 -13.31
CA LEU C 52 -9.34 -14.16 -13.34
C LEU C 52 -7.96 -14.45 -13.92
N ILE C 53 -7.65 -13.84 -15.06
CA ILE C 53 -6.36 -14.07 -15.68
C ILE C 53 -5.18 -13.49 -14.92
N SER C 54 -5.35 -12.32 -14.30
CA SER C 54 -4.26 -11.72 -13.55
C SER C 54 -3.90 -12.57 -12.33
N MET C 55 -4.90 -13.17 -11.71
CA MET C 55 -4.67 -14.03 -10.55
C MET C 55 -4.03 -15.33 -11.01
N LYS C 56 -4.53 -15.87 -12.13
CA LYS C 56 -4.01 -17.10 -12.70
C LYS C 56 -2.52 -17.01 -13.02
N MET C 57 -2.13 -15.94 -13.69
CA MET C 57 -0.73 -15.75 -14.08
C MET C 57 0.24 -15.62 -12.92
N ARG C 58 -0.16 -14.90 -11.89
CA ARG C 58 0.68 -14.72 -10.71
C ARG C 58 0.69 -15.97 -9.84
N GLY C 59 -0.47 -16.58 -9.65
CA GLY C 59 -0.57 -17.77 -8.81
C GLY C 59 -1.36 -17.39 -7.57
N GLU C 60 -2.59 -17.87 -7.48
CA GLU C 60 -3.47 -17.55 -6.35
C GLU C 60 -2.93 -17.95 -4.97
N ARG C 61 -3.08 -17.05 -3.99
CA ARG C 61 -2.63 -17.30 -2.62
C ARG C 61 -3.77 -17.90 -1.78
N PRO C 62 -3.40 -18.68 -0.74
CA PRO C 62 -4.41 -19.31 0.12
C PRO C 62 -5.44 -18.31 0.67
N GLU C 63 -4.97 -17.14 1.08
CA GLU C 63 -5.83 -16.10 1.63
C GLU C 63 -6.80 -15.54 0.60
N GLU C 64 -6.37 -15.50 -0.65
CA GLU C 64 -7.23 -15.01 -1.72
C GLU C 64 -8.31 -16.04 -1.99
N ILE C 65 -7.93 -17.30 -2.03
CA ILE C 65 -8.88 -18.39 -2.25
C ILE C 65 -9.90 -18.42 -1.11
N ALA C 66 -9.44 -18.22 0.13
CA ALA C 66 -10.32 -18.22 1.30
C ALA C 66 -11.33 -17.06 1.26
N GLY C 67 -10.85 -15.86 0.94
CA GLY C 67 -11.74 -14.72 0.86
C GLY C 67 -12.77 -14.89 -0.25
N ALA C 68 -12.34 -15.45 -1.37
CA ALA C 68 -13.24 -15.67 -2.51
C ALA C 68 -14.34 -16.66 -2.11
N ALA C 69 -13.92 -17.80 -1.56
CA ALA C 69 -14.87 -18.83 -1.13
C ALA C 69 -15.88 -18.26 -0.14
N SER C 70 -15.37 -17.49 0.81
CA SER C 70 -16.20 -16.86 1.83
C SER C 70 -17.25 -15.95 1.20
N ALA C 71 -16.84 -15.16 0.20
CA ALA C 71 -17.78 -14.27 -0.46
C ALA C 71 -18.88 -15.04 -1.19
N LEU C 72 -18.51 -16.17 -1.81
CA LEU C 72 -19.50 -16.96 -2.53
C LEU C 72 -20.47 -17.61 -1.56
N LEU C 73 -19.97 -18.09 -0.43
CA LEU C 73 -20.82 -18.73 0.57
C LEU C 73 -21.80 -17.72 1.18
N ALA C 74 -21.38 -16.46 1.29
CA ALA C 74 -22.23 -15.41 1.84
C ALA C 74 -23.40 -15.09 0.93
N ASP C 75 -23.22 -15.32 -0.37
CA ASP C 75 -24.26 -15.02 -1.34
C ASP C 75 -25.17 -16.21 -1.61
N ALA C 76 -24.73 -17.40 -1.24
CA ALA C 76 -25.49 -18.63 -1.46
C ALA C 76 -26.71 -18.79 -0.56
N GLN C 77 -27.65 -19.62 -1.00
CA GLN C 77 -28.86 -19.89 -0.21
C GLN C 77 -28.45 -20.70 1.01
N PRO C 78 -29.19 -20.55 2.11
CA PRO C 78 -28.90 -21.28 3.35
C PRO C 78 -29.25 -22.75 3.40
N PHE C 79 -28.61 -23.44 4.33
CA PHE C 79 -28.81 -24.85 4.57
C PHE C 79 -28.68 -25.03 6.08
N PRO C 80 -29.61 -25.77 6.71
CA PRO C 80 -29.54 -25.99 8.15
C PRO C 80 -28.39 -26.94 8.54
N ARG C 81 -27.26 -26.36 8.93
CA ARG C 81 -26.05 -27.10 9.28
C ARG C 81 -26.13 -27.86 10.61
N PRO C 82 -25.91 -29.19 10.59
CA PRO C 82 -25.96 -30.00 11.80
C PRO C 82 -24.70 -29.82 12.64
N ASP C 83 -24.76 -30.17 13.91
CA ASP C 83 -23.61 -30.03 14.78
C ASP C 83 -22.74 -31.28 14.80
N TYR C 84 -23.25 -32.38 14.27
CA TYR C 84 -22.48 -33.62 14.26
C TYR C 84 -21.46 -33.62 13.14
N ASP C 85 -20.47 -34.49 13.22
CA ASP C 85 -19.43 -34.57 12.20
C ASP C 85 -19.91 -35.12 10.86
N PHE C 86 -19.59 -34.42 9.78
CA PHE C 86 -19.94 -34.85 8.43
C PHE C 86 -18.90 -34.28 7.46
N ALA C 87 -18.90 -34.77 6.23
CA ALA C 87 -17.91 -34.32 5.26
C ALA C 87 -18.41 -34.29 3.83
N ASP C 88 -17.53 -33.81 2.95
CA ASP C 88 -17.82 -33.74 1.53
C ASP C 88 -16.67 -34.50 0.85
N ILE C 89 -16.99 -35.12 -0.28
CA ILE C 89 -16.01 -35.85 -1.07
C ILE C 89 -16.25 -35.26 -2.46
N VAL C 90 -15.32 -34.42 -2.91
CA VAL C 90 -15.49 -33.73 -4.19
C VAL C 90 -14.16 -33.48 -4.90
N GLY C 91 -14.24 -33.09 -6.17
CA GLY C 91 -13.04 -32.82 -6.93
C GLY C 91 -13.24 -31.67 -7.91
N THR C 92 -12.13 -31.08 -8.35
CA THR C 92 -12.19 -29.97 -9.29
C THR C 92 -12.56 -30.46 -10.69
N GLY C 93 -12.47 -31.77 -10.89
CA GLY C 93 -12.78 -32.33 -12.19
C GLY C 93 -11.57 -32.19 -13.09
N SER C 99 -14.06 -41.52 -18.06
CA SER C 99 -13.72 -42.05 -16.69
C SER C 99 -14.96 -42.01 -15.79
N ILE C 100 -15.30 -43.14 -15.19
CA ILE C 100 -16.45 -43.25 -14.30
C ILE C 100 -16.36 -42.34 -13.08
N ASN C 101 -17.52 -42.01 -12.50
CA ASN C 101 -17.59 -41.14 -11.33
C ASN C 101 -17.40 -41.83 -9.99
N ILE C 102 -16.20 -41.71 -9.44
CA ILE C 102 -15.85 -42.34 -8.17
C ILE C 102 -16.40 -41.63 -6.93
N SER C 103 -16.47 -40.30 -6.97
CA SER C 103 -16.95 -39.55 -5.81
C SER C 103 -18.36 -39.91 -5.37
N THR C 104 -19.28 -40.08 -6.32
CA THR C 104 -20.65 -40.42 -5.99
C THR C 104 -20.72 -41.79 -5.33
N ALA C 105 -20.07 -42.77 -5.95
CA ALA C 105 -20.05 -44.11 -5.40
C ALA C 105 -19.42 -44.07 -4.01
N SER C 106 -18.36 -43.30 -3.86
CA SER C 106 -17.68 -43.20 -2.56
C SER C 106 -18.57 -42.59 -1.48
N ALA C 107 -19.45 -41.66 -1.88
CA ALA C 107 -20.36 -41.03 -0.92
C ALA C 107 -21.30 -42.08 -0.31
N PHE C 108 -21.90 -42.89 -1.17
CA PHE C 108 -22.82 -43.94 -0.72
C PHE C 108 -22.14 -45.04 0.08
N VAL C 109 -20.91 -45.38 -0.30
CA VAL C 109 -20.18 -46.40 0.42
C VAL C 109 -19.74 -45.88 1.79
N ALA C 110 -19.19 -44.67 1.82
CA ALA C 110 -18.75 -44.07 3.09
C ALA C 110 -19.93 -43.91 4.05
N ALA C 111 -21.08 -43.56 3.51
CA ALA C 111 -22.29 -43.36 4.30
C ALA C 111 -22.70 -44.68 4.96
N SER C 112 -22.26 -45.79 4.36
CA SER C 112 -22.57 -47.12 4.88
C SER C 112 -21.43 -47.63 5.78
N CYS C 113 -20.38 -46.81 5.93
CA CYS C 113 -19.22 -47.17 6.75
C CYS C 113 -19.05 -46.33 8.00
N GLY C 114 -20.09 -45.60 8.39
CA GLY C 114 -19.98 -44.80 9.60
C GLY C 114 -19.72 -43.33 9.40
N ALA C 115 -19.70 -42.88 8.14
CA ALA C 115 -19.46 -41.47 7.88
C ALA C 115 -20.75 -40.85 7.36
N LYS C 116 -20.84 -39.53 7.47
CA LYS C 116 -22.00 -38.80 6.96
C LYS C 116 -21.44 -37.92 5.86
N VAL C 117 -22.05 -37.99 4.68
CA VAL C 117 -21.56 -37.22 3.55
C VAL C 117 -22.60 -36.31 2.90
N ALA C 118 -22.33 -35.02 2.94
CA ALA C 118 -23.22 -34.04 2.30
C ALA C 118 -22.46 -33.68 1.02
N LYS C 119 -22.77 -34.35 -0.08
CA LYS C 119 -22.08 -34.10 -1.34
C LYS C 119 -22.62 -32.90 -2.12
N HIS C 120 -21.71 -32.05 -2.56
CA HIS C 120 -22.04 -30.85 -3.32
C HIS C 120 -21.64 -31.08 -4.77
N GLY C 121 -22.60 -30.94 -5.69
CA GLY C 121 -22.31 -31.15 -7.10
C GLY C 121 -22.82 -30.05 -8.03
N ASN C 122 -22.15 -29.86 -9.15
CA ASN C 122 -22.54 -28.85 -10.12
C ASN C 122 -23.20 -29.48 -11.34
N SER C 132 -22.20 -37.82 -9.90
CA SER C 132 -22.58 -36.54 -10.54
C SER C 132 -24.09 -36.39 -10.57
N CYS C 133 -24.56 -35.24 -11.05
CA CYS C 133 -26.00 -35.01 -11.16
C CYS C 133 -26.60 -35.92 -12.22
N ASP C 134 -25.77 -36.38 -13.15
CA ASP C 134 -26.21 -37.29 -14.22
C ASP C 134 -26.58 -38.64 -13.62
N LEU C 135 -25.75 -39.12 -12.71
CA LEU C 135 -25.99 -40.41 -12.06
C LEU C 135 -27.23 -40.38 -11.18
N LEU C 136 -27.33 -39.35 -10.34
CA LEU C 136 -28.46 -39.21 -9.45
C LEU C 136 -29.78 -39.30 -10.21
N GLN C 137 -29.85 -38.61 -11.34
CA GLN C 137 -31.05 -38.60 -12.16
C GLN C 137 -31.39 -39.99 -12.70
N ALA C 138 -30.36 -40.69 -13.16
CA ALA C 138 -30.54 -42.05 -13.69
C ALA C 138 -31.07 -43.00 -12.63
N PHE C 139 -30.83 -42.67 -11.37
CA PHE C 139 -31.30 -43.52 -10.27
C PHE C 139 -32.58 -43.02 -9.62
N GLY C 140 -33.12 -41.92 -10.14
CA GLY C 140 -34.36 -41.39 -9.60
C GLY C 140 -34.23 -40.48 -8.40
N ILE C 141 -33.06 -39.90 -8.20
CA ILE C 141 -32.84 -39.01 -7.07
C ILE C 141 -33.06 -37.56 -7.48
N ARG C 142 -33.94 -36.87 -6.77
CA ARG C 142 -34.27 -35.47 -7.09
C ARG C 142 -33.09 -34.52 -6.88
N LEU C 143 -32.82 -33.71 -7.90
CA LEU C 143 -31.73 -32.75 -7.82
C LEU C 143 -32.05 -31.56 -6.93
N ASP C 144 -33.24 -31.01 -7.08
CA ASP C 144 -33.67 -29.85 -6.31
C ASP C 144 -34.45 -30.15 -5.04
N MET C 145 -33.96 -31.12 -4.27
CA MET C 145 -34.60 -31.48 -3.01
C MET C 145 -34.44 -30.25 -2.12
N SER C 146 -35.45 -29.96 -1.30
CA SER C 146 -35.38 -28.79 -0.42
C SER C 146 -34.23 -28.92 0.58
N ALA C 147 -33.81 -27.80 1.15
CA ALA C 147 -32.72 -27.80 2.12
C ALA C 147 -33.10 -28.66 3.33
N GLU C 148 -34.35 -28.53 3.79
CA GLU C 148 -34.77 -29.31 4.93
C GLU C 148 -34.80 -30.81 4.63
N ASP C 149 -35.27 -31.17 3.45
CA ASP C 149 -35.34 -32.57 3.06
C ASP C 149 -33.94 -33.19 2.90
N SER C 150 -32.98 -32.43 2.38
CA SER C 150 -31.63 -32.97 2.23
C SER C 150 -31.05 -33.16 3.62
N ARG C 151 -31.30 -32.20 4.52
CA ARG C 151 -30.81 -32.29 5.88
C ARG C 151 -31.39 -33.54 6.55
N GLN C 152 -32.67 -33.80 6.31
CA GLN C 152 -33.32 -34.97 6.89
C GLN C 152 -32.71 -36.26 6.35
N ALA C 153 -32.26 -36.23 5.10
CA ALA C 153 -31.63 -37.40 4.49
C ALA C 153 -30.25 -37.60 5.10
N LEU C 154 -29.57 -36.48 5.37
CA LEU C 154 -28.25 -36.56 5.96
C LEU C 154 -28.40 -37.15 7.36
N ASP C 155 -29.48 -36.79 8.05
CA ASP C 155 -29.74 -37.30 9.39
C ASP C 155 -30.04 -38.79 9.34
N ASP C 156 -31.02 -39.16 8.53
CA ASP C 156 -31.46 -40.55 8.42
C ASP C 156 -30.61 -41.53 7.60
N LEU C 157 -30.12 -41.08 6.45
CA LEU C 157 -29.33 -41.95 5.57
C LEU C 157 -27.83 -41.75 5.55
N ASN C 158 -27.35 -40.73 6.26
CA ASN C 158 -25.92 -40.42 6.32
C ASN C 158 -25.41 -39.85 5.00
N VAL C 159 -26.34 -39.49 4.11
CA VAL C 159 -25.94 -38.94 2.82
C VAL C 159 -27.02 -38.06 2.19
N CYS C 160 -26.60 -37.04 1.47
CA CYS C 160 -27.51 -36.15 0.77
C CYS C 160 -26.71 -35.47 -0.34
N PHE C 161 -27.39 -34.93 -1.33
CA PHE C 161 -26.71 -34.26 -2.44
C PHE C 161 -27.28 -32.86 -2.61
N LEU C 162 -26.37 -31.88 -2.71
CA LEU C 162 -26.78 -30.50 -2.88
C LEU C 162 -26.34 -30.03 -4.27
N PHE C 163 -27.31 -29.65 -5.09
CA PHE C 163 -27.07 -29.19 -6.46
C PHE C 163 -26.64 -27.72 -6.43
N ALA C 164 -25.41 -27.46 -6.86
CA ALA C 164 -24.82 -26.12 -6.85
C ALA C 164 -25.73 -25.00 -7.39
N PRO C 165 -26.29 -25.15 -8.60
CA PRO C 165 -27.15 -24.10 -9.15
C PRO C 165 -28.34 -23.72 -8.27
N GLN C 166 -28.74 -24.62 -7.38
CA GLN C 166 -29.86 -24.36 -6.50
C GLN C 166 -29.47 -23.43 -5.36
N TYR C 167 -28.23 -23.59 -4.87
CA TYR C 167 -27.75 -22.77 -3.76
C TYR C 167 -26.93 -21.56 -4.20
N HIS C 168 -26.11 -21.74 -5.23
CA HIS C 168 -25.27 -20.67 -5.73
C HIS C 168 -25.84 -20.04 -7.01
N THR C 169 -26.92 -19.29 -6.85
CA THR C 169 -27.58 -18.65 -7.98
C THR C 169 -26.70 -17.62 -8.69
N GLY C 170 -25.88 -16.90 -7.93
CA GLY C 170 -25.03 -15.89 -8.53
C GLY C 170 -23.90 -16.43 -9.40
N PHE C 171 -23.75 -17.75 -9.42
CA PHE C 171 -22.70 -18.38 -10.21
C PHE C 171 -22.91 -18.17 -11.71
N ARG C 172 -24.13 -17.78 -12.08
CA ARG C 172 -24.46 -17.55 -13.48
C ARG C 172 -23.70 -16.37 -14.05
N HIS C 173 -23.40 -15.40 -13.21
CA HIS C 173 -22.68 -14.20 -13.65
C HIS C 173 -21.26 -14.50 -14.13
N ALA C 174 -20.77 -15.71 -13.86
CA ALA C 174 -19.43 -16.07 -14.27
C ALA C 174 -19.36 -17.22 -15.28
N MET C 175 -20.48 -17.91 -15.47
CA MET C 175 -20.54 -19.05 -16.39
C MET C 175 -20.03 -18.74 -17.80
N PRO C 176 -20.57 -17.69 -18.45
CA PRO C 176 -20.13 -17.35 -19.81
C PRO C 176 -18.62 -17.17 -19.94
N VAL C 177 -18.05 -16.27 -19.14
CA VAL C 177 -16.62 -16.02 -19.18
C VAL C 177 -15.79 -17.29 -19.01
N ARG C 178 -16.13 -18.11 -18.01
CA ARG C 178 -15.39 -19.34 -17.77
C ARG C 178 -15.38 -20.27 -18.98
N GLN C 179 -16.54 -20.43 -19.60
CA GLN C 179 -16.67 -21.29 -20.77
C GLN C 179 -15.89 -20.73 -21.96
N GLN C 180 -15.96 -19.42 -22.15
CA GLN C 180 -15.27 -18.77 -23.27
C GLN C 180 -13.75 -18.78 -23.12
N LEU C 181 -13.26 -18.68 -21.89
CA LEU C 181 -11.83 -18.68 -21.63
C LEU C 181 -11.22 -20.06 -21.81
N LYS C 182 -12.03 -21.10 -21.62
CA LYS C 182 -11.58 -22.48 -21.77
C LYS C 182 -10.20 -22.73 -21.20
N THR C 183 -9.95 -22.20 -20.01
CA THR C 183 -8.67 -22.38 -19.32
C THR C 183 -9.00 -22.45 -17.84
N ARG C 184 -8.14 -23.10 -17.06
CA ARG C 184 -8.37 -23.24 -15.63
C ARG C 184 -8.14 -21.91 -14.92
N THR C 185 -9.06 -21.55 -14.02
CA THR C 185 -8.94 -20.32 -13.25
C THR C 185 -9.27 -20.63 -11.79
N ILE C 186 -9.19 -19.62 -10.92
CA ILE C 186 -9.48 -19.82 -9.51
C ILE C 186 -10.87 -20.42 -9.28
N PHE C 187 -11.81 -20.18 -10.20
CA PHE C 187 -13.14 -20.73 -10.05
C PHE C 187 -13.14 -22.26 -10.09
N ASN C 188 -12.10 -22.84 -10.67
CA ASN C 188 -12.01 -24.30 -10.75
C ASN C 188 -11.72 -24.91 -9.38
N VAL C 189 -11.10 -24.15 -8.49
CA VAL C 189 -10.81 -24.66 -7.14
C VAL C 189 -11.81 -24.15 -6.10
N LEU C 190 -12.65 -23.19 -6.49
CA LEU C 190 -13.65 -22.63 -5.58
C LEU C 190 -14.87 -23.55 -5.44
N GLY C 191 -15.23 -24.21 -6.53
CA GLY C 191 -16.38 -25.11 -6.50
C GLY C 191 -16.37 -26.07 -5.32
N PRO C 192 -15.27 -26.81 -5.12
CA PRO C 192 -15.14 -27.76 -4.02
C PRO C 192 -15.12 -27.13 -2.63
N LEU C 193 -14.90 -25.81 -2.57
CA LEU C 193 -14.83 -25.11 -1.29
C LEU C 193 -16.08 -24.32 -0.89
N ILE C 194 -17.15 -24.42 -1.68
CA ILE C 194 -18.36 -23.67 -1.32
C ILE C 194 -19.59 -24.54 -1.08
N ASN C 195 -19.37 -25.70 -0.47
CA ASN C 195 -20.47 -26.59 -0.13
C ASN C 195 -21.35 -25.76 0.82
N PRO C 196 -22.62 -25.54 0.47
CA PRO C 196 -23.54 -24.75 1.30
C PRO C 196 -23.83 -25.28 2.71
N ALA C 197 -23.44 -26.53 2.96
CA ALA C 197 -23.66 -27.12 4.29
C ALA C 197 -22.47 -26.80 5.19
N ARG C 198 -21.42 -26.25 4.60
CA ARG C 198 -20.20 -25.88 5.33
C ARG C 198 -19.70 -27.02 6.22
N PRO C 199 -19.30 -28.15 5.60
CA PRO C 199 -18.80 -29.30 6.36
C PRO C 199 -17.48 -29.04 7.05
N PRO C 200 -17.29 -29.60 8.25
CA PRO C 200 -16.04 -29.42 9.00
C PRO C 200 -14.91 -30.31 8.47
N LYS C 201 -15.27 -31.27 7.61
CA LYS C 201 -14.28 -32.19 7.04
C LYS C 201 -14.50 -32.35 5.53
N ALA C 202 -13.45 -32.71 4.80
CA ALA C 202 -13.58 -32.91 3.36
C ALA C 202 -12.36 -33.55 2.70
N LEU C 203 -12.62 -34.39 1.71
CA LEU C 203 -11.59 -35.04 0.91
C LEU C 203 -11.75 -34.30 -0.41
N ILE C 204 -10.74 -33.55 -0.81
CA ILE C 204 -10.82 -32.76 -2.03
C ILE C 204 -9.76 -33.11 -3.06
N GLY C 205 -10.20 -33.44 -4.27
CA GLY C 205 -9.25 -33.78 -5.32
C GLY C 205 -8.96 -32.59 -6.21
N VAL C 206 -7.69 -32.42 -6.61
CA VAL C 206 -7.32 -31.31 -7.49
C VAL C 206 -6.68 -31.81 -8.78
N TYR C 207 -6.75 -30.99 -9.82
CA TYR C 207 -6.23 -31.33 -11.14
C TYR C 207 -4.71 -31.27 -11.30
N SER C 208 -4.02 -30.71 -10.32
CA SER C 208 -2.56 -30.59 -10.38
C SER C 208 -1.92 -30.88 -9.04
N PRO C 209 -0.77 -31.57 -9.05
CA PRO C 209 -0.07 -31.88 -7.79
C PRO C 209 0.40 -30.62 -7.07
N GLU C 210 0.54 -29.55 -7.82
CA GLU C 210 1.00 -28.27 -7.27
C GLU C 210 -0.10 -27.48 -6.58
N LEU C 211 -1.33 -27.99 -6.64
CA LEU C 211 -2.45 -27.33 -6.00
C LEU C 211 -2.75 -27.97 -4.64
N VAL C 212 -2.21 -29.16 -4.42
CA VAL C 212 -2.45 -29.89 -3.17
C VAL C 212 -2.12 -29.10 -1.90
N LEU C 213 -0.92 -28.55 -1.82
CA LEU C 213 -0.54 -27.79 -0.63
C LEU C 213 -1.29 -26.46 -0.48
N PRO C 214 -1.32 -25.63 -1.54
CA PRO C 214 -2.03 -24.34 -1.47
C PRO C 214 -3.49 -24.49 -1.05
N ILE C 215 -4.16 -25.49 -1.58
CA ILE C 215 -5.56 -25.71 -1.25
C ILE C 215 -5.71 -26.12 0.23
N ALA C 216 -4.83 -26.98 0.71
CA ALA C 216 -4.89 -27.41 2.11
C ALA C 216 -4.71 -26.18 3.03
N GLN C 217 -3.82 -25.28 2.62
CA GLN C 217 -3.56 -24.07 3.40
C GLN C 217 -4.79 -23.16 3.41
N ALA C 218 -5.53 -23.17 2.31
CA ALA C 218 -6.75 -22.38 2.21
C ALA C 218 -7.81 -22.94 3.15
N LEU C 219 -7.92 -24.27 3.21
CA LEU C 219 -8.90 -24.91 4.08
C LEU C 219 -8.58 -24.58 5.54
N LYS C 220 -7.30 -24.46 5.85
CA LYS C 220 -6.88 -24.12 7.21
C LYS C 220 -7.40 -22.72 7.55
N VAL C 221 -7.20 -21.78 6.62
CA VAL C 221 -7.65 -20.41 6.81
C VAL C 221 -9.18 -20.39 6.96
N LEU C 222 -9.85 -21.27 6.22
CA LEU C 222 -11.30 -21.34 6.28
C LEU C 222 -11.79 -22.04 7.54
N GLY C 223 -10.87 -22.64 8.29
CA GLY C 223 -11.23 -23.30 9.53
C GLY C 223 -11.71 -24.74 9.54
N TYR C 224 -11.37 -25.51 8.51
CA TYR C 224 -11.77 -26.91 8.47
C TYR C 224 -11.04 -27.67 9.58
N LYS C 225 -11.71 -28.62 10.21
CA LYS C 225 -11.09 -29.40 11.29
C LYS C 225 -10.17 -30.49 10.74
N ASN C 226 -10.67 -31.25 9.77
CA ASN C 226 -9.90 -32.32 9.15
C ASN C 226 -10.18 -32.31 7.66
N ALA C 227 -9.13 -32.45 6.86
CA ALA C 227 -9.29 -32.47 5.42
C ALA C 227 -8.06 -33.04 4.75
N ALA C 228 -8.23 -33.52 3.52
CA ALA C 228 -7.12 -34.06 2.77
C ALA C 228 -7.31 -33.61 1.32
N VAL C 229 -6.27 -33.02 0.74
CA VAL C 229 -6.32 -32.57 -0.65
C VAL C 229 -5.47 -33.56 -1.40
N VAL C 230 -5.96 -34.09 -2.51
CA VAL C 230 -5.21 -35.10 -3.25
C VAL C 230 -5.15 -34.97 -4.76
N HIS C 231 -4.12 -35.58 -5.33
CA HIS C 231 -3.92 -35.63 -6.77
C HIS C 231 -3.11 -36.87 -7.06
N GLY C 232 -3.59 -37.69 -7.99
CA GLY C 232 -2.86 -38.90 -8.33
C GLY C 232 -2.81 -39.19 -9.81
N GLY C 233 -1.60 -39.23 -10.35
CA GLY C 233 -1.41 -39.52 -11.77
C GLY C 233 -2.37 -38.84 -12.73
N GLY C 234 -2.60 -37.55 -12.54
CA GLY C 234 -3.48 -36.81 -13.43
C GLY C 234 -4.94 -36.72 -13.00
N MET C 235 -5.33 -37.53 -12.03
CA MET C 235 -6.71 -37.55 -11.56
C MET C 235 -6.95 -36.76 -10.27
N ASP C 236 -8.14 -36.17 -10.18
CA ASP C 236 -8.52 -35.39 -9.01
C ASP C 236 -9.14 -36.28 -7.91
N GLU C 237 -8.39 -37.30 -7.50
CA GLU C 237 -8.86 -38.24 -6.48
C GLU C 237 -7.71 -39.18 -6.13
N VAL C 238 -7.94 -40.09 -5.18
CA VAL C 238 -6.94 -41.07 -4.81
C VAL C 238 -6.90 -42.04 -5.98
N ALA C 239 -5.72 -42.23 -6.56
CA ALA C 239 -5.57 -43.10 -7.72
C ALA C 239 -5.27 -44.57 -7.43
N ILE C 240 -5.60 -45.43 -8.38
CA ILE C 240 -5.34 -46.86 -8.26
C ILE C 240 -4.37 -47.28 -9.35
N HIS C 241 -3.93 -46.31 -10.15
CA HIS C 241 -3.01 -46.57 -11.26
C HIS C 241 -1.65 -45.92 -11.03
N THR C 242 -1.55 -45.09 -9.99
CA THR C 242 -0.30 -44.39 -9.72
C THR C 242 -0.29 -43.88 -8.29
N PRO C 243 0.86 -43.32 -7.85
CA PRO C 243 0.94 -42.80 -6.49
C PRO C 243 0.10 -41.53 -6.37
N THR C 244 -0.40 -41.24 -5.18
CA THR C 244 -1.22 -40.06 -4.94
C THR C 244 -0.48 -39.09 -4.02
N GLN C 245 -0.44 -37.82 -4.41
CA GLN C 245 0.18 -36.77 -3.60
C GLN C 245 -0.88 -36.30 -2.62
N VAL C 246 -0.51 -36.19 -1.35
CA VAL C 246 -1.47 -35.78 -0.32
C VAL C 246 -0.98 -34.67 0.59
N ALA C 247 -1.93 -33.86 1.05
CA ALA C 247 -1.68 -32.78 2.00
C ALA C 247 -2.85 -32.91 2.97
N GLU C 248 -2.57 -33.33 4.19
CA GLU C 248 -3.62 -33.51 5.19
C GLU C 248 -3.62 -32.47 6.30
N LEU C 249 -4.79 -31.89 6.54
CA LEU C 249 -4.99 -30.89 7.56
C LEU C 249 -5.64 -31.54 8.77
N ASN C 250 -5.11 -31.25 9.96
CA ASN C 250 -5.64 -31.82 11.19
C ASN C 250 -5.37 -30.90 12.37
N ASN C 251 -6.38 -30.09 12.71
CA ASN C 251 -6.30 -29.15 13.83
C ASN C 251 -5.17 -28.13 13.65
N GLY C 252 -5.21 -27.41 12.54
CA GLY C 252 -4.22 -26.38 12.28
C GLY C 252 -2.88 -26.87 11.75
N GLU C 253 -2.65 -28.18 11.76
CA GLU C 253 -1.40 -28.73 11.28
C GLU C 253 -1.57 -29.41 9.92
N ILE C 254 -0.64 -29.15 9.00
CA ILE C 254 -0.70 -29.75 7.67
C ILE C 254 0.55 -30.59 7.36
N GLU C 255 0.32 -31.82 6.90
CA GLU C 255 1.40 -32.73 6.56
C GLU C 255 1.30 -33.13 5.09
N SER C 256 2.45 -33.26 4.43
CA SER C 256 2.50 -33.66 3.03
C SER C 256 3.12 -35.04 2.93
N TYR C 257 2.47 -35.93 2.19
CA TYR C 257 2.99 -37.27 2.02
C TYR C 257 2.47 -37.91 0.74
N GLN C 258 3.01 -39.09 0.42
CA GLN C 258 2.63 -39.79 -0.79
C GLN C 258 2.06 -41.16 -0.47
N LEU C 259 1.02 -41.55 -1.20
CA LEU C 259 0.40 -42.85 -1.03
C LEU C 259 0.34 -43.58 -2.37
N SER C 260 0.19 -44.90 -2.29
CA SER C 260 0.08 -45.74 -3.48
C SER C 260 -0.92 -46.84 -3.13
N PRO C 261 -1.44 -47.55 -4.14
CA PRO C 261 -2.41 -48.63 -3.89
C PRO C 261 -1.99 -49.60 -2.79
N GLN C 262 -0.72 -49.98 -2.76
CA GLN C 262 -0.23 -50.91 -1.74
C GLN C 262 -0.43 -50.41 -0.32
N ASP C 263 -0.43 -49.10 -0.13
CA ASP C 263 -0.63 -48.53 1.21
C ASP C 263 -2.04 -48.80 1.73
N PHE C 264 -2.95 -49.22 0.84
CA PHE C 264 -4.31 -49.55 1.22
C PHE C 264 -4.51 -51.06 1.14
N GLY C 265 -3.43 -51.78 0.80
CA GLY C 265 -3.52 -53.22 0.66
C GLY C 265 -4.28 -53.59 -0.61
N LEU C 266 -4.23 -52.70 -1.60
CA LEU C 266 -4.92 -52.91 -2.87
C LEU C 266 -3.92 -53.04 -4.01
N GLN C 267 -4.28 -53.74 -5.07
CA GLN C 267 -3.37 -53.84 -6.20
C GLN C 267 -3.69 -52.70 -7.15
N SER C 268 -2.73 -52.35 -7.99
CA SER C 268 -2.90 -51.26 -8.95
C SER C 268 -3.55 -51.74 -10.23
N TYR C 269 -4.19 -50.81 -10.94
CA TYR C 269 -4.87 -51.09 -12.20
C TYR C 269 -4.57 -49.96 -13.17
N SER C 270 -4.66 -50.24 -14.46
CA SER C 270 -4.42 -49.19 -15.47
C SER C 270 -5.49 -48.13 -15.31
N LEU C 271 -5.21 -46.90 -15.73
CA LEU C 271 -6.21 -45.84 -15.62
C LEU C 271 -7.40 -46.19 -16.51
N ASN C 272 -7.16 -46.99 -17.54
CA ASN C 272 -8.23 -47.40 -18.46
C ASN C 272 -9.29 -48.21 -17.73
N ALA C 273 -8.93 -48.77 -16.58
CA ALA C 273 -9.86 -49.58 -15.81
C ALA C 273 -11.08 -48.80 -15.34
N LEU C 274 -10.96 -47.48 -15.32
CA LEU C 274 -12.07 -46.64 -14.87
C LEU C 274 -12.76 -45.90 -16.01
N GLN C 275 -12.50 -46.30 -17.25
CA GLN C 275 -13.11 -45.63 -18.39
C GLN C 275 -14.62 -45.86 -18.38
N GLY C 276 -15.38 -44.79 -18.63
CA GLY C 276 -16.82 -44.91 -18.65
C GLY C 276 -17.35 -45.12 -20.06
N GLY C 277 -18.67 -45.19 -20.19
CA GLY C 277 -19.28 -45.39 -21.50
C GLY C 277 -20.47 -44.48 -21.70
N THR C 278 -21.53 -45.01 -22.29
CA THR C 278 -22.75 -44.24 -22.53
C THR C 278 -23.41 -43.91 -21.20
N PRO C 279 -24.36 -42.96 -21.19
CA PRO C 279 -25.03 -42.62 -19.93
C PRO C 279 -25.65 -43.86 -19.28
N GLU C 280 -26.32 -44.67 -20.08
CA GLU C 280 -26.95 -45.88 -19.57
C GLU C 280 -25.92 -46.88 -19.05
N GLU C 281 -24.77 -46.94 -19.73
CA GLU C 281 -23.72 -47.85 -19.30
C GLU C 281 -23.12 -47.39 -17.97
N ASN C 282 -22.95 -46.09 -17.81
CA ASN C 282 -22.39 -45.55 -16.57
C ASN C 282 -23.33 -45.80 -15.38
N ARG C 283 -24.63 -45.66 -15.63
CA ARG C 283 -25.63 -45.90 -14.61
C ARG C 283 -25.52 -47.35 -14.13
N ASP C 284 -25.49 -48.29 -15.08
CA ASP C 284 -25.41 -49.70 -14.72
C ASP C 284 -24.07 -50.07 -14.07
N ILE C 285 -22.99 -49.43 -14.50
CA ILE C 285 -21.69 -49.70 -13.90
C ILE C 285 -21.74 -49.37 -12.41
N LEU C 286 -22.26 -48.19 -12.08
CA LEU C 286 -22.37 -47.76 -10.69
C LEU C 286 -23.35 -48.63 -9.90
N ALA C 287 -24.47 -48.98 -10.52
CA ALA C 287 -25.48 -49.81 -9.90
C ALA C 287 -24.86 -51.15 -9.50
N ARG C 288 -24.26 -51.83 -10.47
CA ARG C 288 -23.62 -53.12 -10.20
C ARG C 288 -22.57 -53.00 -9.11
N LEU C 289 -21.79 -51.92 -9.14
CA LEU C 289 -20.74 -51.73 -8.15
C LEU C 289 -21.31 -51.65 -6.73
N LEU C 290 -22.29 -50.78 -6.53
CA LEU C 290 -22.90 -50.62 -5.21
C LEU C 290 -23.71 -51.83 -4.76
N GLN C 291 -24.06 -52.70 -5.71
CA GLN C 291 -24.83 -53.90 -5.40
C GLN C 291 -23.91 -55.09 -5.13
N GLY C 292 -22.60 -54.87 -5.26
CA GLY C 292 -21.65 -55.94 -5.01
C GLY C 292 -21.41 -56.90 -6.16
N LYS C 293 -21.76 -56.46 -7.38
CA LYS C 293 -21.59 -57.30 -8.56
C LYS C 293 -20.82 -56.55 -9.65
N GLY C 294 -20.00 -55.59 -9.24
CA GLY C 294 -19.22 -54.80 -10.18
C GLY C 294 -17.81 -55.28 -10.42
N ASP C 295 -17.03 -54.49 -11.17
CA ASP C 295 -15.66 -54.82 -11.51
C ASP C 295 -14.65 -54.52 -10.40
N ALA C 296 -13.70 -55.43 -10.21
CA ALA C 296 -12.69 -55.29 -9.16
C ALA C 296 -11.93 -53.97 -9.17
N ALA C 297 -11.63 -53.46 -10.37
CA ALA C 297 -10.91 -52.20 -10.48
C ALA C 297 -11.75 -51.05 -9.92
N HIS C 298 -13.04 -51.07 -10.23
CA HIS C 298 -13.94 -50.04 -9.74
C HIS C 298 -14.01 -50.11 -8.22
N ALA C 299 -14.15 -51.32 -7.69
CA ALA C 299 -14.24 -51.53 -6.25
C ALA C 299 -13.00 -50.99 -5.54
N ARG C 300 -11.83 -51.26 -6.11
CA ARG C 300 -10.58 -50.80 -5.50
C ARG C 300 -10.46 -49.27 -5.48
N GLN C 301 -10.89 -48.61 -6.55
CA GLN C 301 -10.80 -47.15 -6.61
C GLN C 301 -11.67 -46.52 -5.54
N VAL C 302 -12.91 -47.00 -5.42
CA VAL C 302 -13.82 -46.46 -4.42
C VAL C 302 -13.28 -46.75 -3.01
N ALA C 303 -12.80 -47.97 -2.81
CA ALA C 303 -12.26 -48.37 -1.51
C ALA C 303 -11.10 -47.47 -1.06
N ALA C 304 -10.24 -47.11 -1.99
CA ALA C 304 -9.09 -46.25 -1.67
C ALA C 304 -9.53 -44.86 -1.28
N ASN C 305 -10.53 -44.34 -1.98
CA ASN C 305 -11.01 -43.00 -1.68
C ASN C 305 -11.81 -42.98 -0.38
N VAL C 306 -12.63 -43.99 -0.15
CA VAL C 306 -13.40 -44.04 1.09
C VAL C 306 -12.45 -44.22 2.27
N ALA C 307 -11.37 -44.97 2.07
CA ALA C 307 -10.41 -45.23 3.13
C ALA C 307 -9.77 -43.93 3.64
N LEU C 308 -9.36 -43.07 2.73
CA LEU C 308 -8.74 -41.81 3.13
C LEU C 308 -9.80 -40.91 3.77
N LEU C 309 -11.01 -40.95 3.25
CA LEU C 309 -12.09 -40.15 3.80
C LEU C 309 -12.35 -40.54 5.26
N LEU C 310 -12.33 -41.84 5.54
CA LEU C 310 -12.58 -42.30 6.91
C LEU C 310 -11.47 -41.89 7.85
N LYS C 311 -10.29 -41.64 7.31
CA LYS C 311 -9.16 -41.22 8.15
C LYS C 311 -9.50 -39.87 8.76
N LEU C 312 -10.24 -39.05 8.01
CA LEU C 312 -10.62 -37.72 8.49
C LEU C 312 -11.58 -37.83 9.66
N PHE C 313 -12.20 -38.99 9.81
CA PHE C 313 -13.14 -39.23 10.91
C PHE C 313 -12.49 -39.96 12.09
N GLY C 314 -11.17 -40.07 12.07
CA GLY C 314 -10.48 -40.73 13.16
C GLY C 314 -9.95 -42.14 12.90
N GLN C 315 -10.39 -42.77 11.81
CA GLN C 315 -9.95 -44.12 11.47
C GLN C 315 -8.59 -44.04 10.75
N ASP C 316 -7.52 -44.19 11.50
CA ASP C 316 -6.16 -44.06 10.97
C ASP C 316 -5.51 -45.22 10.23
N ASN C 317 -6.11 -46.40 10.25
CA ASN C 317 -5.52 -47.54 9.55
C ASN C 317 -6.14 -47.64 8.16
N LEU C 318 -5.45 -47.07 7.18
CA LEU C 318 -5.91 -47.05 5.79
C LEU C 318 -6.19 -48.44 5.24
N ARG C 319 -5.37 -49.41 5.62
CA ARG C 319 -5.53 -50.78 5.16
C ARG C 319 -6.87 -51.32 5.67
N HIS C 320 -7.13 -51.11 6.95
CA HIS C 320 -8.38 -51.58 7.56
C HIS C 320 -9.59 -50.87 6.94
N ASN C 321 -9.47 -49.56 6.73
CA ASN C 321 -10.57 -48.81 6.15
C ASN C 321 -10.95 -49.34 4.78
N ALA C 322 -9.95 -49.60 3.95
CA ALA C 322 -10.17 -50.11 2.59
C ALA C 322 -10.81 -51.50 2.59
N GLN C 323 -10.44 -52.33 3.56
CA GLN C 323 -10.99 -53.67 3.66
C GLN C 323 -12.46 -53.57 4.02
N LEU C 324 -12.78 -52.69 4.94
CA LEU C 324 -14.18 -52.50 5.35
C LEU C 324 -14.98 -51.99 4.17
N ALA C 325 -14.38 -51.08 3.40
CA ALA C 325 -15.09 -50.51 2.25
C ALA C 325 -15.38 -51.59 1.19
N LEU C 326 -14.38 -52.39 0.87
CA LEU C 326 -14.56 -53.45 -0.11
C LEU C 326 -15.66 -54.41 0.29
N GLU C 327 -15.67 -54.80 1.57
CA GLU C 327 -16.68 -55.73 2.05
C GLU C 327 -18.07 -55.10 2.09
N THR C 328 -18.12 -53.81 2.38
CA THR C 328 -19.39 -53.10 2.42
C THR C 328 -19.92 -53.09 0.99
N ILE C 329 -19.01 -52.86 0.05
CA ILE C 329 -19.36 -52.84 -1.36
C ILE C 329 -19.94 -54.20 -1.78
N ARG C 330 -19.21 -55.27 -1.49
CA ARG C 330 -19.71 -56.57 -1.91
C ARG C 330 -20.99 -57.01 -1.21
N SER C 331 -21.32 -56.40 -0.07
CA SER C 331 -22.55 -56.76 0.64
C SER C 331 -23.75 -56.17 -0.09
N GLY C 332 -23.53 -55.08 -0.80
CA GLY C 332 -24.60 -54.43 -1.55
C GLY C 332 -25.48 -53.49 -0.74
N THR C 333 -25.15 -53.27 0.53
CA THR C 333 -25.95 -52.39 1.37
C THR C 333 -25.94 -50.95 0.86
N ALA C 334 -24.84 -50.53 0.25
CA ALA C 334 -24.74 -49.16 -0.25
C ALA C 334 -25.83 -48.83 -1.26
N PHE C 335 -26.22 -49.81 -2.08
CA PHE C 335 -27.26 -49.53 -3.07
C PHE C 335 -28.61 -49.30 -2.41
N GLU C 336 -28.80 -49.86 -1.21
CA GLU C 336 -30.05 -49.69 -0.48
C GLU C 336 -30.22 -48.22 -0.14
N ARG C 337 -29.11 -47.51 0.03
CA ARG C 337 -29.15 -46.07 0.33
C ARG C 337 -29.55 -45.28 -0.91
N VAL C 338 -29.11 -45.75 -2.07
CA VAL C 338 -29.47 -45.07 -3.32
C VAL C 338 -30.99 -45.16 -3.45
N THR C 339 -31.53 -46.34 -3.20
CA THR C 339 -32.97 -46.55 -3.29
C THR C 339 -33.74 -45.70 -2.26
N ALA C 340 -33.25 -45.66 -1.03
CA ALA C 340 -33.90 -44.87 0.01
C ALA C 340 -33.88 -43.38 -0.29
N LEU C 341 -32.75 -42.88 -0.78
CA LEU C 341 -32.65 -41.46 -1.11
C LEU C 341 -33.58 -41.15 -2.28
N ALA C 342 -33.71 -42.10 -3.19
CA ALA C 342 -34.59 -41.93 -4.36
C ALA C 342 -36.05 -41.78 -3.94
N ALA C 343 -36.39 -42.30 -2.76
CA ALA C 343 -37.77 -42.21 -2.28
C ALA C 343 -38.03 -40.94 -1.50
N ARG C 344 -36.97 -40.16 -1.26
CA ARG C 344 -37.10 -38.91 -0.52
C ARG C 344 -37.54 -37.76 -1.42
N GLY C 345 -37.63 -38.03 -2.72
CA GLY C 345 -38.04 -37.01 -3.67
C GLY C 345 -38.94 -37.55 -4.76
N THR D 12 20.72 0.73 7.67
CA THR D 12 19.75 1.87 7.76
C THR D 12 18.31 1.36 7.75
N HIS D 13 17.48 1.95 8.60
CA HIS D 13 16.08 1.57 8.70
C HIS D 13 15.20 2.79 8.58
N GLN D 14 15.75 3.88 8.03
CA GLN D 14 15.00 5.11 7.86
C GLN D 14 13.65 4.93 7.17
N PRO D 15 13.61 4.13 6.09
CA PRO D 15 12.34 3.92 5.39
C PRO D 15 11.22 3.45 6.34
N ILE D 16 11.57 2.58 7.28
CA ILE D 16 10.60 2.07 8.24
C ILE D 16 10.17 3.17 9.21
N LEU D 17 11.12 3.98 9.66
CA LEU D 17 10.79 5.07 10.57
C LEU D 17 9.87 6.07 9.88
N GLU D 18 10.18 6.42 8.64
CA GLU D 18 9.37 7.37 7.89
C GLU D 18 7.95 6.85 7.70
N LYS D 19 7.81 5.54 7.58
CA LYS D 19 6.51 4.92 7.41
C LYS D 19 5.73 5.09 8.72
N LEU D 20 6.41 4.88 9.84
CA LEU D 20 5.79 5.03 11.15
C LEU D 20 5.39 6.49 11.38
N PHE D 21 6.25 7.39 10.93
CA PHE D 21 6.01 8.82 11.09
C PHE D 21 4.81 9.29 10.27
N LYS D 22 4.39 8.45 9.33
CA LYS D 22 3.23 8.76 8.49
C LYS D 22 1.99 8.09 9.06
N SER D 23 2.12 7.52 10.24
CA SER D 23 1.02 6.81 10.91
C SER D 23 0.64 5.53 10.19
N GLN D 24 1.61 4.94 9.49
CA GLN D 24 1.38 3.69 8.77
C GLN D 24 1.90 2.51 9.60
N SER D 25 1.23 1.37 9.49
CA SER D 25 1.60 0.18 10.23
C SER D 25 2.73 -0.58 9.53
N MET D 26 3.62 -1.19 10.32
CA MET D 26 4.73 -1.96 9.77
C MET D 26 4.27 -3.40 9.59
N THR D 27 4.87 -4.10 8.63
CA THR D 27 4.54 -5.50 8.39
C THR D 27 5.26 -6.27 9.49
N GLN D 28 4.98 -7.56 9.62
CA GLN D 28 5.64 -8.35 10.67
C GLN D 28 7.15 -8.34 10.46
N GLU D 29 7.59 -8.42 9.20
CA GLU D 29 9.02 -8.43 8.90
C GLU D 29 9.67 -7.06 9.14
N GLU D 30 8.98 -5.98 8.79
CA GLU D 30 9.53 -4.66 9.01
C GLU D 30 9.73 -4.44 10.51
N SER D 31 8.75 -4.84 11.31
CA SER D 31 8.83 -4.70 12.76
C SER D 31 9.97 -5.52 13.32
N HIS D 32 10.13 -6.74 12.82
CA HIS D 32 11.20 -7.63 13.27
C HIS D 32 12.55 -6.97 13.02
N GLN D 33 12.75 -6.46 11.81
CA GLN D 33 14.00 -5.80 11.46
C GLN D 33 14.29 -4.56 12.31
N LEU D 34 13.25 -3.80 12.63
CA LEU D 34 13.43 -2.59 13.43
C LEU D 34 13.80 -2.91 14.87
N PHE D 35 13.10 -3.85 15.49
CA PHE D 35 13.41 -4.19 16.88
C PHE D 35 14.70 -4.99 17.01
N ALA D 36 15.10 -5.68 15.95
CA ALA D 36 16.35 -6.43 15.99
C ALA D 36 17.45 -5.38 16.11
N ALA D 37 17.26 -4.26 15.42
CA ALA D 37 18.23 -3.18 15.46
C ALA D 37 18.22 -2.51 16.82
N ILE D 38 17.03 -2.31 17.37
CA ILE D 38 16.88 -1.68 18.69
C ILE D 38 17.62 -2.43 19.79
N VAL D 39 17.45 -3.75 19.85
CA VAL D 39 18.08 -4.56 20.88
C VAL D 39 19.59 -4.78 20.68
N ARG D 40 20.13 -4.17 19.64
CA ARG D 40 21.55 -4.26 19.36
C ARG D 40 22.16 -2.87 19.50
N GLY D 41 21.33 -1.91 19.90
CA GLY D 41 21.78 -0.54 20.10
C GLY D 41 22.12 0.22 18.83
N GLU D 42 21.44 -0.10 17.73
CA GLU D 42 21.72 0.57 16.46
C GLU D 42 20.96 1.90 16.28
N LEU D 43 19.99 2.16 17.14
CA LEU D 43 19.23 3.41 17.03
C LEU D 43 19.64 4.47 18.06
N GLU D 44 19.53 5.73 17.67
CA GLU D 44 19.86 6.83 18.58
C GLU D 44 18.66 6.97 19.52
N ASP D 45 18.87 7.60 20.67
CA ASP D 45 17.77 7.80 21.63
C ASP D 45 16.58 8.48 20.93
N SER D 46 16.88 9.44 20.07
CA SER D 46 15.86 10.18 19.34
C SER D 46 15.02 9.27 18.44
N GLN D 47 15.70 8.40 17.70
CA GLN D 47 15.05 7.46 16.79
C GLN D 47 14.18 6.45 17.53
N LEU D 48 14.72 5.90 18.62
CA LEU D 48 13.99 4.93 19.41
C LEU D 48 12.74 5.56 20.00
N ALA D 49 12.90 6.73 20.60
CA ALA D 49 11.80 7.45 21.21
C ALA D 49 10.72 7.73 20.18
N ALA D 50 11.14 8.24 19.02
CA ALA D 50 10.22 8.56 17.93
C ALA D 50 9.42 7.34 17.50
N ALA D 51 10.10 6.22 17.35
CA ALA D 51 9.44 4.97 16.94
C ALA D 51 8.40 4.54 17.97
N LEU D 52 8.76 4.60 19.25
CA LEU D 52 7.84 4.18 20.31
C LEU D 52 6.58 5.05 20.41
N ILE D 53 6.77 6.37 20.35
CA ILE D 53 5.64 7.27 20.45
C ILE D 53 4.73 7.21 19.23
N SER D 54 5.31 7.04 18.04
CA SER D 54 4.50 6.98 16.83
C SER D 54 3.61 5.74 16.86
N MET D 55 4.15 4.63 17.36
CA MET D 55 3.37 3.39 17.43
C MET D 55 2.32 3.54 18.53
N LYS D 56 2.71 4.14 19.65
CA LYS D 56 1.82 4.36 20.77
C LYS D 56 0.56 5.14 20.39
N MET D 57 0.75 6.24 19.67
CA MET D 57 -0.37 7.09 19.27
C MET D 57 -1.31 6.43 18.25
N ARG D 58 -0.75 5.64 17.34
CA ARG D 58 -1.55 4.96 16.34
C ARG D 58 -2.26 3.71 16.87
N GLY D 59 -1.56 2.97 17.72
CA GLY D 59 -2.13 1.75 18.26
C GLY D 59 -1.45 0.60 17.54
N GLU D 60 -0.69 -0.19 18.30
CA GLU D 60 0.06 -1.31 17.75
C GLU D 60 -0.80 -2.46 17.20
N ARG D 61 -0.43 -2.97 16.03
CA ARG D 61 -1.16 -4.06 15.40
C ARG D 61 -0.51 -5.41 15.75
N PRO D 62 -1.29 -6.50 15.69
CA PRO D 62 -0.75 -7.83 16.01
C PRO D 62 0.49 -8.24 15.23
N GLU D 63 0.54 -7.93 13.94
CA GLU D 63 1.70 -8.31 13.15
C GLU D 63 2.95 -7.58 13.63
N GLU D 64 2.78 -6.33 14.06
CA GLU D 64 3.92 -5.54 14.55
C GLU D 64 4.39 -6.10 15.89
N ILE D 65 3.43 -6.50 16.72
CA ILE D 65 3.74 -7.05 18.03
C ILE D 65 4.48 -8.37 17.91
N ALA D 66 3.96 -9.24 17.04
CA ALA D 66 4.57 -10.54 16.81
C ALA D 66 5.98 -10.40 16.23
N GLY D 67 6.13 -9.48 15.29
CA GLY D 67 7.44 -9.27 14.69
C GLY D 67 8.45 -8.79 15.72
N ALA D 68 8.03 -7.86 16.56
CA ALA D 68 8.90 -7.31 17.60
C ALA D 68 9.28 -8.36 18.63
N ALA D 69 8.31 -9.10 19.13
CA ALA D 69 8.56 -10.15 20.12
C ALA D 69 9.50 -11.20 19.53
N SER D 70 9.32 -11.48 18.24
CA SER D 70 10.14 -12.47 17.54
C SER D 70 11.61 -12.07 17.52
N ALA D 71 11.87 -10.79 17.27
CA ALA D 71 13.24 -10.28 17.21
C ALA D 71 13.88 -10.29 18.59
N LEU D 72 13.09 -10.02 19.62
CA LEU D 72 13.58 -10.02 20.99
C LEU D 72 13.94 -11.44 21.41
N LEU D 73 13.09 -12.39 21.05
CA LEU D 73 13.33 -13.79 21.38
C LEU D 73 14.54 -14.34 20.63
N ALA D 74 14.71 -13.89 19.39
CA ALA D 74 15.83 -14.35 18.55
C ALA D 74 17.20 -13.97 19.10
N ASP D 75 17.23 -13.03 20.05
CA ASP D 75 18.50 -12.60 20.64
C ASP D 75 18.64 -12.94 22.12
N ALA D 76 17.64 -13.60 22.67
CA ALA D 76 17.67 -13.97 24.08
C ALA D 76 18.60 -15.14 24.35
N GLN D 77 19.09 -15.23 25.58
CA GLN D 77 19.98 -16.32 25.95
C GLN D 77 19.15 -17.61 25.98
N PRO D 78 19.78 -18.75 25.71
CA PRO D 78 19.08 -20.04 25.71
C PRO D 78 18.59 -20.50 27.08
N PHE D 79 17.66 -21.44 27.07
CA PHE D 79 17.11 -22.02 28.29
C PHE D 79 16.71 -23.46 27.96
N PRO D 80 17.12 -24.43 28.79
CA PRO D 80 16.79 -25.84 28.54
C PRO D 80 15.30 -26.06 28.67
N ARG D 81 14.61 -25.97 27.53
CA ARG D 81 13.16 -26.11 27.47
C ARG D 81 12.68 -27.55 27.65
N PRO D 82 11.77 -27.78 28.63
CA PRO D 82 11.25 -29.11 28.88
C PRO D 82 10.13 -29.42 27.90
N ASP D 83 9.79 -30.70 27.77
CA ASP D 83 8.73 -31.09 26.84
C ASP D 83 7.38 -31.21 27.54
N TYR D 84 7.38 -31.25 28.86
CA TYR D 84 6.12 -31.34 29.60
C TYR D 84 5.41 -29.98 29.59
N ASP D 85 4.10 -29.99 29.84
CA ASP D 85 3.34 -28.76 29.83
C ASP D 85 3.76 -27.81 30.94
N PHE D 86 3.88 -26.53 30.60
CA PHE D 86 4.23 -25.51 31.57
C PHE D 86 3.80 -24.17 30.99
N ALA D 87 3.67 -23.16 31.84
CA ALA D 87 3.22 -21.88 31.34
C ALA D 87 3.76 -20.72 32.16
N ASP D 88 3.38 -19.52 31.74
CA ASP D 88 3.77 -18.29 32.39
C ASP D 88 2.47 -17.58 32.76
N ILE D 89 2.53 -16.74 33.78
CA ILE D 89 1.37 -15.97 34.21
C ILE D 89 1.90 -14.59 34.59
N VAL D 90 1.53 -13.58 33.81
CA VAL D 90 2.02 -12.24 34.06
C VAL D 90 1.16 -11.21 33.32
N GLY D 91 1.33 -9.94 33.66
CA GLY D 91 0.56 -8.89 33.03
C GLY D 91 1.47 -7.86 32.38
N THR D 92 0.87 -6.97 31.58
CA THR D 92 1.61 -5.93 30.88
C THR D 92 1.96 -4.75 31.76
N GLY D 93 1.17 -4.55 32.81
CA GLY D 93 1.39 -3.41 33.68
C GLY D 93 0.90 -2.20 32.89
N GLY D 94 1.29 -1.01 33.32
CA GLY D 94 0.87 0.20 32.63
C GLY D 94 -0.61 0.47 32.74
N ASP D 95 -1.23 -0.07 33.78
CA ASP D 95 -2.67 0.11 34.00
C ASP D 95 -2.96 1.19 35.04
N GLY D 96 -1.96 1.48 35.87
CA GLY D 96 -2.12 2.48 36.91
C GLY D 96 -1.91 1.93 38.31
N SER D 99 -1.89 -1.35 42.85
CA SER D 99 -2.51 -2.62 43.30
C SER D 99 -1.44 -3.67 43.61
N ILE D 100 -1.78 -4.61 44.49
CA ILE D 100 -0.85 -5.67 44.85
C ILE D 100 -0.60 -6.57 43.63
N ASN D 101 0.53 -7.26 43.63
CA ASN D 101 0.90 -8.14 42.53
C ASN D 101 0.23 -9.52 42.69
N ILE D 102 -0.77 -9.79 41.85
CA ILE D 102 -1.48 -11.06 41.90
C ILE D 102 -0.76 -12.22 41.22
N SER D 103 -0.08 -11.93 40.11
CA SER D 103 0.61 -12.97 39.35
C SER D 103 1.68 -13.77 40.11
N THR D 104 2.45 -13.10 40.97
CA THR D 104 3.50 -13.79 41.71
C THR D 104 2.88 -14.81 42.68
N ALA D 105 1.91 -14.37 43.46
CA ALA D 105 1.23 -15.27 44.41
C ALA D 105 0.61 -16.42 43.62
N SER D 106 0.00 -16.08 42.48
CA SER D 106 -0.65 -17.07 41.62
C SER D 106 0.31 -18.13 41.10
N ALA D 107 1.55 -17.74 40.82
CA ALA D 107 2.54 -18.69 40.31
C ALA D 107 2.84 -19.77 41.33
N PHE D 108 3.02 -19.36 42.58
CA PHE D 108 3.32 -20.31 43.66
C PHE D 108 2.11 -21.14 44.06
N VAL D 109 0.93 -20.53 44.03
CA VAL D 109 -0.28 -21.27 44.39
C VAL D 109 -0.59 -22.31 43.31
N ALA D 110 -0.44 -21.92 42.05
CA ALA D 110 -0.70 -22.83 40.94
C ALA D 110 0.30 -23.96 40.89
N ALA D 111 1.54 -23.67 41.25
CA ALA D 111 2.59 -24.68 41.29
C ALA D 111 2.25 -25.72 42.36
N SER D 112 1.60 -25.27 43.42
CA SER D 112 1.21 -26.16 44.50
C SER D 112 0.00 -27.00 44.10
N CYS D 113 -0.71 -26.54 43.07
CA CYS D 113 -1.87 -27.25 42.57
C CYS D 113 -1.48 -28.16 41.41
N GLY D 114 -0.19 -28.44 41.29
CA GLY D 114 0.30 -29.31 40.25
C GLY D 114 0.74 -28.71 38.93
N ALA D 115 0.32 -27.47 38.64
CA ALA D 115 0.69 -26.82 37.38
C ALA D 115 2.16 -26.42 37.38
N LYS D 116 2.75 -26.32 36.19
CA LYS D 116 4.15 -25.93 36.05
C LYS D 116 4.21 -24.47 35.59
N VAL D 117 4.91 -23.61 36.34
CA VAL D 117 5.01 -22.20 35.99
C VAL D 117 6.43 -21.66 35.91
N ALA D 118 6.82 -21.21 34.72
CA ALA D 118 8.14 -20.62 34.51
C ALA D 118 7.87 -19.13 34.36
N LYS D 119 7.94 -18.39 35.46
CA LYS D 119 7.65 -16.96 35.45
C LYS D 119 8.82 -16.13 34.95
N HIS D 120 8.52 -15.18 34.07
CA HIS D 120 9.52 -14.29 33.51
C HIS D 120 9.12 -12.84 33.81
N GLY D 121 10.07 -12.04 34.30
CA GLY D 121 9.76 -10.66 34.63
C GLY D 121 10.96 -9.74 34.50
N ASN D 122 10.68 -8.47 34.18
CA ASN D 122 11.72 -7.47 34.02
C ASN D 122 11.66 -6.46 35.16
N ARG D 123 12.65 -5.56 35.21
CA ARG D 123 12.70 -4.52 36.23
C ARG D 123 11.51 -3.59 36.08
N SER D 124 10.91 -3.21 37.20
CA SER D 124 9.75 -2.32 37.18
C SER D 124 10.13 -0.97 36.57
N GLN D 127 16.51 -0.71 39.24
CA GLN D 127 15.38 0.15 39.72
C GLN D 127 14.08 -0.64 39.73
N PRO D 128 13.37 -0.61 40.86
CA PRO D 128 12.12 -1.33 40.96
C PRO D 128 11.24 -0.82 42.09
N LEU D 129 10.05 -1.43 42.24
CA LEU D 129 9.12 -1.03 43.27
C LEU D 129 8.27 -2.19 43.78
N ALA D 130 7.24 -2.55 43.02
CA ALA D 130 6.35 -3.64 43.41
C ALA D 130 6.19 -4.71 42.33
N GLY D 131 7.15 -4.79 41.41
CA GLY D 131 7.09 -5.80 40.37
C GLY D 131 7.45 -7.17 40.91
N SER D 132 7.18 -8.21 40.13
CA SER D 132 7.48 -9.58 40.54
C SER D 132 8.92 -9.76 41.01
N CYS D 133 9.87 -9.31 40.20
CA CYS D 133 11.29 -9.45 40.54
C CYS D 133 11.61 -8.79 41.87
N ASP D 134 11.01 -7.64 42.14
CA ASP D 134 11.25 -6.93 43.39
C ASP D 134 10.77 -7.77 44.59
N LEU D 135 9.56 -8.32 44.47
CA LEU D 135 8.97 -9.13 45.53
C LEU D 135 9.72 -10.44 45.76
N LEU D 136 10.07 -11.12 44.68
CA LEU D 136 10.79 -12.38 44.78
C LEU D 136 12.13 -12.20 45.49
N GLN D 137 12.91 -11.21 45.05
CA GLN D 137 14.20 -10.95 45.66
C GLN D 137 14.03 -10.77 47.17
N ALA D 138 12.97 -10.04 47.54
CA ALA D 138 12.68 -9.79 48.95
C ALA D 138 12.50 -11.08 49.74
N PHE D 139 11.99 -12.12 49.08
CA PHE D 139 11.77 -13.39 49.74
C PHE D 139 13.03 -14.26 49.82
N GLY D 140 14.13 -13.76 49.28
CA GLY D 140 15.37 -14.53 49.30
C GLY D 140 15.53 -15.40 48.08
N ILE D 141 14.83 -15.07 47.00
CA ILE D 141 14.92 -15.83 45.77
C ILE D 141 15.93 -15.15 44.85
N ARG D 142 16.94 -15.89 44.41
CA ARG D 142 17.97 -15.33 43.55
C ARG D 142 17.49 -15.13 42.11
N LEU D 143 17.52 -13.87 41.65
CA LEU D 143 17.08 -13.52 40.31
C LEU D 143 18.04 -13.94 39.21
N ASP D 144 19.33 -13.99 39.52
CA ASP D 144 20.34 -14.37 38.54
C ASP D 144 20.72 -15.84 38.63
N MET D 145 19.72 -16.68 38.87
CA MET D 145 19.92 -18.12 38.97
C MET D 145 20.33 -18.65 37.60
N SER D 146 21.16 -19.69 37.57
CA SER D 146 21.61 -20.26 36.30
C SER D 146 20.42 -20.86 35.56
N ALA D 147 20.54 -20.96 34.25
CA ALA D 147 19.47 -21.52 33.42
C ALA D 147 19.23 -22.97 33.81
N GLU D 148 20.31 -23.67 34.16
CA GLU D 148 20.24 -25.06 34.56
C GLU D 148 19.52 -25.19 35.91
N ASP D 149 19.88 -24.34 36.85
CA ASP D 149 19.26 -24.38 38.16
C ASP D 149 17.76 -24.07 38.09
N SER D 150 17.39 -23.09 37.27
CA SER D 150 15.98 -22.74 37.13
C SER D 150 15.20 -23.92 36.56
N ARG D 151 15.77 -24.56 35.55
CA ARG D 151 15.12 -25.72 34.94
C ARG D 151 14.93 -26.82 36.00
N GLN D 152 15.93 -26.99 36.86
CA GLN D 152 15.85 -27.98 37.93
C GLN D 152 14.74 -27.66 38.93
N ALA D 153 14.57 -26.36 39.20
CA ALA D 153 13.54 -25.90 40.12
C ALA D 153 12.16 -26.09 39.47
N LEU D 154 12.09 -25.90 38.16
CA LEU D 154 10.82 -26.09 37.45
C LEU D 154 10.44 -27.56 37.53
N ASP D 155 11.45 -28.42 37.40
CA ASP D 155 11.25 -29.87 37.47
C ASP D 155 10.80 -30.29 38.87
N ASP D 156 11.60 -29.90 39.86
CA ASP D 156 11.35 -30.27 41.25
C ASP D 156 10.23 -29.53 42.00
N LEU D 157 10.17 -28.22 41.83
CA LEU D 157 9.18 -27.42 42.55
C LEU D 157 8.02 -26.88 41.72
N ASN D 158 7.99 -27.23 40.43
CA ASN D 158 6.93 -26.78 39.52
C ASN D 158 6.95 -25.27 39.27
N VAL D 159 8.03 -24.61 39.66
CA VAL D 159 8.13 -23.18 39.46
C VAL D 159 9.58 -22.68 39.42
N CYS D 160 9.80 -21.59 38.69
CA CYS D 160 11.11 -20.98 38.59
C CYS D 160 10.90 -19.55 38.12
N PHE D 161 11.96 -18.75 38.18
CA PHE D 161 11.86 -17.36 37.75
C PHE D 161 13.02 -17.02 36.83
N LEU D 162 12.68 -16.40 35.71
CA LEU D 162 13.65 -15.99 34.71
C LEU D 162 13.68 -14.47 34.67
N PHE D 163 14.82 -13.89 35.02
CA PHE D 163 14.98 -12.44 35.06
C PHE D 163 15.34 -11.88 33.69
N ALA D 164 14.47 -11.02 33.18
CA ALA D 164 14.64 -10.42 31.86
C ALA D 164 16.06 -9.93 31.55
N PRO D 165 16.65 -9.12 32.45
CA PRO D 165 18.01 -8.62 32.23
C PRO D 165 19.04 -9.71 31.96
N GLN D 166 18.78 -10.91 32.48
CA GLN D 166 19.70 -12.02 32.30
C GLN D 166 19.57 -12.67 30.92
N TYR D 167 18.33 -12.87 30.50
CA TYR D 167 18.05 -13.51 29.21
C TYR D 167 17.92 -12.56 28.04
N HIS D 168 17.61 -11.30 28.30
CA HIS D 168 17.48 -10.30 27.25
C HIS D 168 18.48 -9.17 27.50
N THR D 169 19.76 -9.46 27.23
CA THR D 169 20.83 -8.50 27.44
C THR D 169 20.72 -7.23 26.60
N GLY D 170 19.94 -7.29 25.52
CA GLY D 170 19.79 -6.14 24.65
C GLY D 170 18.88 -5.04 25.18
N PHE D 171 18.19 -5.29 26.29
CA PHE D 171 17.29 -4.29 26.87
C PHE D 171 18.05 -3.07 27.37
N ARG D 172 19.33 -3.25 27.69
CA ARG D 172 20.16 -2.16 28.16
C ARG D 172 20.10 -1.00 27.18
N HIS D 173 19.75 -1.31 25.94
CA HIS D 173 19.65 -0.29 24.89
C HIS D 173 18.28 0.36 24.82
N ALA D 174 17.33 -0.15 25.59
CA ALA D 174 15.97 0.39 25.57
C ALA D 174 15.48 0.96 26.89
N MET D 175 16.01 0.46 28.00
CA MET D 175 15.58 0.89 29.32
C MET D 175 15.74 2.39 29.61
N PRO D 176 16.89 2.99 29.25
CA PRO D 176 17.09 4.42 29.50
C PRO D 176 15.98 5.29 28.90
N VAL D 177 15.71 5.10 27.60
CA VAL D 177 14.67 5.86 26.94
C VAL D 177 13.30 5.58 27.56
N ARG D 178 13.02 4.32 27.88
CA ARG D 178 11.74 3.97 28.48
C ARG D 178 11.55 4.72 29.80
N GLN D 179 12.62 4.80 30.57
CA GLN D 179 12.57 5.48 31.87
C GLN D 179 12.37 6.99 31.70
N GLN D 180 13.03 7.56 30.70
CA GLN D 180 12.93 8.99 30.44
C GLN D 180 11.54 9.39 29.95
N LEU D 181 10.95 8.56 29.10
CA LEU D 181 9.64 8.84 28.56
C LEU D 181 8.54 8.72 29.61
N LYS D 182 8.72 7.83 30.57
CA LYS D 182 7.74 7.65 31.65
C LYS D 182 6.30 7.48 31.17
N THR D 183 6.12 6.74 30.09
CA THR D 183 4.79 6.48 29.55
C THR D 183 4.79 5.06 29.02
N ARG D 184 3.63 4.41 29.02
CA ARG D 184 3.56 3.05 28.53
C ARG D 184 3.75 3.04 27.02
N THR D 185 4.47 2.02 26.54
CA THR D 185 4.75 1.87 25.11
C THR D 185 4.59 0.40 24.73
N ILE D 186 4.91 0.07 23.49
CA ILE D 186 4.80 -1.31 23.03
C ILE D 186 5.66 -2.25 23.88
N PHE D 187 6.66 -1.72 24.57
CA PHE D 187 7.51 -2.57 25.41
C PHE D 187 6.69 -3.17 26.56
N ASN D 188 5.60 -2.52 26.94
CA ASN D 188 4.75 -3.03 28.01
C ASN D 188 4.01 -4.27 27.56
N VAL D 189 3.64 -4.32 26.27
CA VAL D 189 2.93 -5.47 25.72
C VAL D 189 3.89 -6.56 25.28
N LEU D 190 5.14 -6.17 25.00
CA LEU D 190 6.15 -7.14 24.57
C LEU D 190 6.67 -7.94 25.74
N GLY D 191 6.81 -7.28 26.89
CA GLY D 191 7.31 -7.93 28.08
C GLY D 191 6.74 -9.32 28.33
N PRO D 192 5.40 -9.45 28.45
CA PRO D 192 4.78 -10.75 28.70
C PRO D 192 4.94 -11.79 27.58
N LEU D 193 5.34 -11.34 26.40
CA LEU D 193 5.48 -12.23 25.25
C LEU D 193 6.89 -12.76 24.97
N ILE D 194 7.88 -12.32 25.73
CA ILE D 194 9.23 -12.77 25.46
C ILE D 194 9.84 -13.73 26.47
N ASN D 195 9.02 -14.61 27.05
CA ASN D 195 9.53 -15.59 27.99
C ASN D 195 10.51 -16.44 27.20
N PRO D 196 11.79 -16.49 27.64
CA PRO D 196 12.86 -17.24 26.97
C PRO D 196 12.67 -18.76 26.91
N ALA D 197 11.83 -19.29 27.79
CA ALA D 197 11.56 -20.72 27.82
C ALA D 197 10.48 -21.04 26.79
N ARG D 198 9.91 -19.99 26.20
CA ARG D 198 8.87 -20.10 25.19
C ARG D 198 7.85 -21.21 25.51
N PRO D 199 7.11 -21.04 26.61
CA PRO D 199 6.10 -22.01 27.04
C PRO D 199 4.93 -22.13 26.08
N PRO D 200 4.30 -23.30 26.03
CA PRO D 200 3.17 -23.53 25.14
C PRO D 200 1.86 -22.91 25.66
N LYS D 201 1.83 -22.58 26.94
CA LYS D 201 0.63 -21.99 27.57
C LYS D 201 0.95 -20.69 28.32
N ALA D 202 -0.07 -19.85 28.52
CA ALA D 202 0.14 -18.61 29.25
C ALA D 202 -1.14 -17.85 29.54
N LEU D 203 -1.19 -17.22 30.71
CA LEU D 203 -2.32 -16.37 31.11
C LEU D 203 -1.68 -14.99 31.13
N ILE D 204 -2.12 -14.12 30.24
CA ILE D 204 -1.56 -12.78 30.13
C ILE D 204 -2.57 -11.67 30.32
N GLY D 205 -2.28 -10.75 31.24
CA GLY D 205 -3.17 -9.63 31.50
C GLY D 205 -2.69 -8.42 30.73
N VAL D 206 -3.63 -7.63 30.20
CA VAL D 206 -3.27 -6.43 29.45
C VAL D 206 -4.00 -5.20 29.99
N TYR D 207 -3.40 -4.03 29.82
CA TYR D 207 -3.93 -2.77 30.34
C TYR D 207 -5.16 -2.16 29.67
N SER D 208 -5.62 -2.74 28.57
CA SER D 208 -6.81 -2.20 27.90
C SER D 208 -7.55 -3.31 27.17
N PRO D 209 -8.88 -3.23 27.12
CA PRO D 209 -9.66 -4.27 26.44
C PRO D 209 -9.36 -4.42 24.94
N GLU D 210 -9.06 -3.31 24.26
CA GLU D 210 -8.77 -3.38 22.83
C GLU D 210 -7.52 -4.19 22.51
N LEU D 211 -6.67 -4.42 23.50
CA LEU D 211 -5.45 -5.19 23.29
C LEU D 211 -5.62 -6.70 23.46
N VAL D 212 -6.75 -7.12 24.01
CA VAL D 212 -6.99 -8.53 24.24
C VAL D 212 -6.92 -9.40 22.97
N LEU D 213 -7.63 -8.99 21.91
CA LEU D 213 -7.60 -9.78 20.67
C LEU D 213 -6.26 -9.77 19.94
N PRO D 214 -5.69 -8.59 19.67
CA PRO D 214 -4.40 -8.53 18.98
C PRO D 214 -3.27 -9.29 19.68
N ILE D 215 -3.26 -9.26 21.01
CA ILE D 215 -2.22 -9.99 21.76
C ILE D 215 -2.46 -11.48 21.59
N ALA D 216 -3.73 -11.89 21.62
CA ALA D 216 -4.07 -13.29 21.44
C ALA D 216 -3.57 -13.73 20.06
N GLN D 217 -3.83 -12.89 19.05
CA GLN D 217 -3.40 -13.17 17.68
C GLN D 217 -1.88 -13.28 17.63
N ALA D 218 -1.19 -12.40 18.35
CA ALA D 218 0.27 -12.42 18.38
C ALA D 218 0.80 -13.70 19.02
N LEU D 219 0.13 -14.16 20.07
CA LEU D 219 0.56 -15.38 20.75
C LEU D 219 0.51 -16.58 19.79
N LYS D 220 -0.52 -16.63 18.97
CA LYS D 220 -0.66 -17.71 18.01
C LYS D 220 0.54 -17.74 17.07
N VAL D 221 0.95 -16.56 16.62
CA VAL D 221 2.08 -16.44 15.72
C VAL D 221 3.38 -16.88 16.39
N LEU D 222 3.53 -16.54 17.67
CA LEU D 222 4.72 -16.91 18.42
C LEU D 222 4.79 -18.40 18.73
N GLY D 223 3.71 -19.11 18.46
CA GLY D 223 3.70 -20.55 18.69
C GLY D 223 3.09 -21.06 19.99
N TYR D 224 2.26 -20.25 20.64
CA TYR D 224 1.61 -20.71 21.87
C TYR D 224 0.47 -21.65 21.48
N LYS D 225 0.22 -22.66 22.30
CA LYS D 225 -0.83 -23.64 22.03
C LYS D 225 -2.14 -23.36 22.78
N ASN D 226 -2.02 -22.99 24.05
CA ASN D 226 -3.20 -22.67 24.84
C ASN D 226 -2.90 -21.41 25.66
N ALA D 227 -3.64 -20.34 25.42
CA ALA D 227 -3.41 -19.11 26.16
C ALA D 227 -4.70 -18.33 26.37
N ALA D 228 -4.67 -17.45 27.36
CA ALA D 228 -5.81 -16.61 27.66
C ALA D 228 -5.32 -15.20 27.94
N VAL D 229 -5.83 -14.23 27.19
CA VAL D 229 -5.47 -12.83 27.36
C VAL D 229 -6.64 -12.18 28.06
N VAL D 230 -6.38 -11.46 29.14
CA VAL D 230 -7.46 -10.88 29.91
C VAL D 230 -7.33 -9.42 30.32
N HIS D 231 -8.47 -8.82 30.62
CA HIS D 231 -8.57 -7.45 31.07
C HIS D 231 -9.86 -7.32 31.87
N GLY D 232 -9.76 -6.79 33.08
CA GLY D 232 -10.95 -6.63 33.90
C GLY D 232 -10.99 -5.36 34.73
N GLY D 233 -12.03 -4.55 34.50
CA GLY D 233 -12.21 -3.32 35.25
C GLY D 233 -10.97 -2.44 35.32
N GLY D 234 -10.31 -2.26 34.19
CA GLY D 234 -9.13 -1.42 34.13
C GLY D 234 -7.83 -2.09 34.59
N MET D 235 -7.91 -3.35 34.98
CA MET D 235 -6.74 -4.08 35.46
C MET D 235 -6.23 -5.14 34.48
N ASP D 236 -4.94 -5.44 34.56
CA ASP D 236 -4.32 -6.43 33.69
C ASP D 236 -4.32 -7.82 34.34
N GLU D 237 -5.52 -8.35 34.57
CA GLU D 237 -5.69 -9.67 35.17
C GLU D 237 -7.18 -10.00 35.32
N VAL D 238 -7.48 -11.21 35.81
CA VAL D 238 -8.87 -11.59 36.02
C VAL D 238 -9.29 -10.76 37.22
N ALA D 239 -10.34 -9.98 37.07
CA ALA D 239 -10.78 -9.11 38.16
C ALA D 239 -11.76 -9.75 39.13
N ILE D 240 -11.82 -9.20 40.33
CA ILE D 240 -12.76 -9.69 41.34
C ILE D 240 -13.72 -8.55 41.68
N HIS D 241 -13.52 -7.41 41.02
CA HIS D 241 -14.34 -6.22 41.25
C HIS D 241 -15.11 -5.80 40.00
N THR D 242 -15.01 -6.59 38.94
CA THR D 242 -15.68 -6.24 37.70
C THR D 242 -15.64 -7.41 36.74
N PRO D 243 -16.33 -7.30 35.60
CA PRO D 243 -16.29 -8.39 34.63
C PRO D 243 -14.92 -8.41 33.96
N THR D 244 -14.49 -9.59 33.53
CA THR D 244 -13.20 -9.73 32.87
C THR D 244 -13.42 -10.13 31.41
N GLN D 245 -12.76 -9.42 30.50
CA GLN D 245 -12.85 -9.69 29.07
C GLN D 245 -11.75 -10.72 28.77
N VAL D 246 -12.10 -11.77 28.06
CA VAL D 246 -11.14 -12.82 27.74
C VAL D 246 -11.12 -13.20 26.26
N ALA D 247 -9.91 -13.53 25.79
CA ALA D 247 -9.69 -13.99 24.43
C ALA D 247 -8.86 -15.24 24.66
N GLU D 248 -9.40 -16.41 24.32
CA GLU D 248 -8.69 -17.66 24.55
C GLU D 248 -8.22 -18.34 23.26
N LEU D 249 -6.93 -18.66 23.22
CA LEU D 249 -6.34 -19.34 22.08
C LEU D 249 -6.29 -20.83 22.38
N ASN D 250 -6.84 -21.64 21.47
CA ASN D 250 -6.87 -23.10 21.64
C ASN D 250 -7.09 -23.75 20.28
N ASN D 251 -6.19 -24.66 19.90
CA ASN D 251 -6.29 -25.34 18.61
C ASN D 251 -6.18 -24.35 17.45
N GLY D 252 -5.31 -23.36 17.61
CA GLY D 252 -5.12 -22.38 16.56
C GLY D 252 -6.30 -21.46 16.35
N GLU D 253 -7.33 -21.58 17.20
CA GLU D 253 -8.49 -20.70 17.06
C GLU D 253 -8.73 -19.84 18.30
N ILE D 254 -9.24 -18.64 18.08
CA ILE D 254 -9.49 -17.71 19.15
C ILE D 254 -10.97 -17.45 19.41
N GLU D 255 -11.33 -17.33 20.68
CA GLU D 255 -12.71 -17.03 21.03
C GLU D 255 -12.72 -16.06 22.19
N SER D 256 -13.71 -15.17 22.21
CA SER D 256 -13.79 -14.19 23.28
C SER D 256 -15.09 -14.32 24.07
N TYR D 257 -15.03 -13.98 25.35
CA TYR D 257 -16.18 -14.05 26.23
C TYR D 257 -15.87 -13.26 27.50
N GLN D 258 -16.88 -13.10 28.35
CA GLN D 258 -16.68 -12.37 29.60
C GLN D 258 -16.86 -13.31 30.79
N LEU D 259 -16.14 -13.01 31.87
CA LEU D 259 -16.22 -13.79 33.09
C LEU D 259 -16.52 -12.83 34.22
N SER D 260 -17.06 -13.36 35.31
CA SER D 260 -17.38 -12.56 36.49
C SER D 260 -16.92 -13.36 37.70
N PRO D 261 -16.78 -12.71 38.86
CA PRO D 261 -16.33 -13.46 40.04
C PRO D 261 -17.22 -14.66 40.32
N GLN D 262 -18.52 -14.52 40.01
CA GLN D 262 -19.49 -15.58 40.24
C GLN D 262 -19.24 -16.84 39.42
N ASP D 263 -18.57 -16.70 38.27
CA ASP D 263 -18.28 -17.87 37.44
C ASP D 263 -17.28 -18.79 38.14
N PHE D 264 -16.55 -18.23 39.12
CA PHE D 264 -15.58 -19.01 39.87
C PHE D 264 -16.17 -19.38 41.22
N GLY D 265 -17.42 -18.97 41.45
CA GLY D 265 -18.08 -19.24 42.71
C GLY D 265 -17.52 -18.33 43.78
N LEU D 266 -17.10 -17.13 43.38
CA LEU D 266 -16.53 -16.16 44.30
C LEU D 266 -17.37 -14.89 44.45
N GLN D 267 -17.17 -14.19 45.55
CA GLN D 267 -17.88 -12.96 45.82
C GLN D 267 -17.11 -11.82 45.14
N SER D 268 -17.82 -10.74 44.81
CA SER D 268 -17.21 -9.57 44.18
C SER D 268 -16.61 -8.76 45.32
N TYR D 269 -15.64 -7.92 45.01
CA TYR D 269 -15.00 -7.06 46.00
C TYR D 269 -14.72 -5.72 45.32
N SER D 270 -14.50 -4.67 46.10
CA SER D 270 -14.20 -3.37 45.52
C SER D 270 -12.74 -3.39 45.07
N LEU D 271 -12.40 -2.56 44.09
CA LEU D 271 -11.02 -2.51 43.60
C LEU D 271 -10.09 -2.03 44.70
N ASN D 272 -10.61 -1.19 45.59
CA ASN D 272 -9.80 -0.66 46.69
C ASN D 272 -9.31 -1.79 47.58
N ALA D 273 -10.05 -2.89 47.60
CA ALA D 273 -9.70 -4.05 48.42
C ALA D 273 -8.37 -4.65 48.02
N LEU D 274 -7.89 -4.31 46.82
CA LEU D 274 -6.61 -4.83 46.34
C LEU D 274 -5.52 -3.76 46.38
N GLN D 275 -5.79 -2.68 47.10
CA GLN D 275 -4.84 -1.57 47.22
C GLN D 275 -3.56 -2.02 47.92
N GLY D 276 -2.43 -1.61 47.38
CA GLY D 276 -1.16 -1.99 47.98
C GLY D 276 -0.61 -0.84 48.82
N GLY D 277 0.65 -0.97 49.23
CA GLY D 277 1.27 0.06 50.04
C GLY D 277 2.72 0.28 49.65
N THR D 278 3.60 0.36 50.64
CA THR D 278 5.02 0.56 50.39
C THR D 278 5.63 -0.75 49.89
N PRO D 279 6.82 -0.68 49.25
CA PRO D 279 7.46 -1.90 48.75
C PRO D 279 7.55 -2.97 49.84
N GLU D 280 7.85 -2.53 51.06
CA GLU D 280 7.95 -3.45 52.19
C GLU D 280 6.59 -4.00 52.58
N GLU D 281 5.57 -3.15 52.48
CA GLU D 281 4.21 -3.57 52.81
C GLU D 281 3.68 -4.55 51.77
N ASN D 282 3.98 -4.32 50.50
CA ASN D 282 3.51 -5.21 49.46
C ASN D 282 4.12 -6.60 49.65
N ARG D 283 5.36 -6.64 50.11
CA ARG D 283 6.06 -7.90 50.38
C ARG D 283 5.35 -8.63 51.52
N ASP D 284 5.02 -7.88 52.57
CA ASP D 284 4.34 -8.47 53.72
C ASP D 284 2.94 -8.94 53.36
N ILE D 285 2.27 -8.20 52.47
CA ILE D 285 0.93 -8.56 52.02
C ILE D 285 0.97 -9.92 51.34
N LEU D 286 1.94 -10.08 50.44
CA LEU D 286 2.12 -11.32 49.70
C LEU D 286 2.51 -12.49 50.60
N ALA D 287 3.36 -12.21 51.58
CA ALA D 287 3.80 -13.25 52.51
C ALA D 287 2.67 -13.79 53.39
N ARG D 288 1.92 -12.90 54.03
CA ARG D 288 0.84 -13.35 54.89
C ARG D 288 -0.27 -14.00 54.07
N LEU D 289 -0.38 -13.61 52.80
CA LEU D 289 -1.38 -14.20 51.92
C LEU D 289 -1.02 -15.66 51.66
N LEU D 290 0.21 -15.89 51.20
CA LEU D 290 0.67 -17.25 50.90
C LEU D 290 0.77 -18.12 52.16
N GLN D 291 0.77 -17.49 53.32
CA GLN D 291 0.85 -18.23 54.58
C GLN D 291 -0.53 -18.54 55.14
N GLY D 292 -1.57 -18.15 54.41
CA GLY D 292 -2.92 -18.42 54.86
C GLY D 292 -3.40 -17.46 55.95
N LYS D 293 -2.73 -16.32 56.06
CA LYS D 293 -3.07 -15.31 57.05
C LYS D 293 -3.32 -13.97 56.36
N GLY D 294 -3.87 -14.02 55.15
CA GLY D 294 -4.11 -12.80 54.40
C GLY D 294 -5.54 -12.32 54.26
N ASP D 295 -5.71 -11.30 53.43
CA ASP D 295 -7.02 -10.69 53.17
C ASP D 295 -7.87 -11.54 52.23
N ALA D 296 -9.13 -11.74 52.60
CA ALA D 296 -10.06 -12.54 51.78
C ALA D 296 -10.15 -12.05 50.35
N ALA D 297 -10.14 -10.74 50.15
CA ALA D 297 -10.23 -10.16 48.81
C ALA D 297 -9.01 -10.58 47.98
N HIS D 298 -7.84 -10.57 48.61
CA HIS D 298 -6.61 -10.95 47.92
C HIS D 298 -6.65 -12.44 47.57
N ALA D 299 -7.09 -13.26 48.51
CA ALA D 299 -7.15 -14.70 48.26
C ALA D 299 -8.11 -15.00 47.11
N ARG D 300 -9.21 -14.26 47.06
CA ARG D 300 -10.22 -14.44 46.02
C ARG D 300 -9.65 -14.08 44.65
N GLN D 301 -8.92 -12.98 44.58
CA GLN D 301 -8.31 -12.54 43.32
C GLN D 301 -7.31 -13.57 42.82
N VAL D 302 -6.45 -14.05 43.72
CA VAL D 302 -5.46 -15.04 43.34
C VAL D 302 -6.18 -16.30 42.87
N ALA D 303 -7.21 -16.70 43.60
CA ALA D 303 -7.98 -17.90 43.26
C ALA D 303 -8.55 -17.86 41.85
N ALA D 304 -9.09 -16.69 41.47
CA ALA D 304 -9.70 -16.51 40.15
C ALA D 304 -8.67 -16.59 39.04
N ASN D 305 -7.51 -15.98 39.28
CA ASN D 305 -6.46 -16.01 38.27
C ASN D 305 -5.87 -17.41 38.14
N VAL D 306 -5.68 -18.09 39.26
CA VAL D 306 -5.15 -19.46 39.24
C VAL D 306 -6.16 -20.38 38.54
N ALA D 307 -7.44 -20.19 38.84
CA ALA D 307 -8.48 -21.00 38.23
C ALA D 307 -8.43 -20.96 36.69
N LEU D 308 -8.32 -19.76 36.12
CA LEU D 308 -8.26 -19.64 34.67
C LEU D 308 -6.97 -20.25 34.13
N LEU D 309 -5.87 -20.06 34.85
CA LEU D 309 -4.60 -20.63 34.41
C LEU D 309 -4.70 -22.14 34.31
N LEU D 310 -5.29 -22.77 35.32
CA LEU D 310 -5.44 -24.23 35.35
C LEU D 310 -6.33 -24.73 34.22
N LYS D 311 -7.22 -23.88 33.74
CA LYS D 311 -8.10 -24.27 32.64
C LYS D 311 -7.22 -24.53 31.42
N LEU D 312 -6.13 -23.78 31.29
CA LEU D 312 -5.22 -23.96 30.17
C LEU D 312 -4.53 -25.31 30.26
N PHE D 313 -4.53 -25.90 31.45
CA PHE D 313 -3.90 -27.21 31.64
C PHE D 313 -4.92 -28.34 31.51
N GLY D 314 -6.16 -28.01 31.17
CA GLY D 314 -7.17 -29.04 31.01
C GLY D 314 -8.19 -29.16 32.13
N GLN D 315 -8.05 -28.35 33.17
CA GLN D 315 -8.99 -28.37 34.29
C GLN D 315 -10.06 -27.34 33.96
N ASP D 316 -11.12 -27.80 33.31
CA ASP D 316 -12.22 -26.93 32.86
C ASP D 316 -13.22 -26.41 33.88
N ASN D 317 -13.24 -26.95 35.09
CA ASN D 317 -14.20 -26.47 36.08
C ASN D 317 -13.61 -25.31 36.89
N LEU D 318 -13.96 -24.08 36.48
CA LEU D 318 -13.46 -22.89 37.14
C LEU D 318 -13.81 -22.82 38.61
N ARG D 319 -15.01 -23.27 38.96
CA ARG D 319 -15.44 -23.24 40.36
C ARG D 319 -14.57 -24.18 41.20
N HIS D 320 -14.37 -25.40 40.71
CA HIS D 320 -13.54 -26.37 41.42
C HIS D 320 -12.11 -25.85 41.50
N ASN D 321 -11.61 -25.30 40.39
CA ASN D 321 -10.25 -24.77 40.33
C ASN D 321 -10.06 -23.71 41.43
N ALA D 322 -10.98 -22.77 41.50
CA ALA D 322 -10.91 -21.69 42.50
C ALA D 322 -10.96 -22.25 43.91
N GLN D 323 -11.83 -23.21 44.13
CA GLN D 323 -11.96 -23.84 45.44
C GLN D 323 -10.62 -24.44 45.83
N LEU D 324 -10.00 -25.13 44.88
CA LEU D 324 -8.71 -25.76 45.13
C LEU D 324 -7.65 -24.71 45.44
N ALA D 325 -7.70 -23.59 44.73
CA ALA D 325 -6.73 -22.52 44.95
C ALA D 325 -6.89 -21.93 46.35
N LEU D 326 -8.14 -21.70 46.76
CA LEU D 326 -8.40 -21.15 48.09
C LEU D 326 -7.91 -22.08 49.19
N GLU D 327 -8.13 -23.38 49.00
CA GLU D 327 -7.70 -24.37 49.99
C GLU D 327 -6.18 -24.36 50.10
N THR D 328 -5.50 -24.25 48.95
CA THR D 328 -4.05 -24.22 48.94
C THR D 328 -3.53 -23.00 49.69
N ILE D 329 -4.17 -21.86 49.47
CA ILE D 329 -3.76 -20.63 50.14
C ILE D 329 -3.88 -20.75 51.66
N ARG D 330 -5.06 -21.15 52.13
CA ARG D 330 -5.28 -21.29 53.55
C ARG D 330 -4.35 -22.32 54.19
N SER D 331 -3.94 -23.32 53.42
CA SER D 331 -3.06 -24.37 53.95
C SER D 331 -1.66 -23.82 54.22
N GLY D 332 -1.31 -22.74 53.51
CA GLY D 332 -0.01 -22.12 53.70
C GLY D 332 1.12 -22.83 52.97
N THR D 333 0.78 -23.89 52.24
CA THR D 333 1.80 -24.66 51.51
C THR D 333 2.47 -23.88 50.38
N ALA D 334 1.81 -22.85 49.87
CA ALA D 334 2.38 -22.05 48.79
C ALA D 334 3.59 -21.26 49.30
N PHE D 335 3.54 -20.81 50.55
CA PHE D 335 4.67 -20.06 51.08
C PHE D 335 5.80 -21.04 51.40
N GLU D 336 5.43 -22.29 51.66
CA GLU D 336 6.43 -23.33 51.94
C GLU D 336 7.19 -23.54 50.62
N ARG D 337 6.49 -23.34 49.51
CA ARG D 337 7.09 -23.50 48.18
C ARG D 337 8.02 -22.32 47.90
N VAL D 338 7.69 -21.15 48.42
CA VAL D 338 8.53 -19.97 48.23
C VAL D 338 9.83 -20.20 48.99
N THR D 339 9.72 -20.78 50.18
CA THR D 339 10.90 -21.05 51.00
C THR D 339 11.80 -22.04 50.28
N ALA D 340 11.18 -23.03 49.65
CA ALA D 340 11.91 -24.05 48.92
C ALA D 340 12.71 -23.48 47.75
N LEU D 341 12.09 -22.58 46.97
CA LEU D 341 12.79 -21.99 45.84
C LEU D 341 13.90 -21.06 46.32
N ALA D 342 13.67 -20.41 47.46
CA ALA D 342 14.65 -19.50 48.04
C ALA D 342 15.91 -20.24 48.50
N ALA D 343 15.82 -21.57 48.54
CA ALA D 343 16.96 -22.38 48.96
C ALA D 343 17.79 -22.86 47.78
N ARG D 344 17.27 -22.69 46.57
CA ARG D 344 17.98 -23.12 45.37
C ARG D 344 18.97 -22.05 44.90
#